data_6N1H
#
_entry.id   6N1H
#
_cell.length_a   1
_cell.length_b   1
_cell.length_c   1
_cell.angle_alpha   90.00
_cell.angle_beta   90.00
_cell.angle_gamma   90.00
#
_symmetry.space_group_name_H-M   'P 1'
#
_entity_poly.entity_id   1
_entity_poly.type   'polypeptide(L)'
_entity_poly.pdbx_seq_one_letter_code
;LHFIDQHRAALIARVTNVEWLLDALYGKVLTDEQYQAVRAEPTNPSKMRKLFSFTPAWNWTCKDLLLQALRESQSYLVED
LER
;
_entity_poly.pdbx_strand_id   A,B,C,D,E,F,G,H,I,J,K,L,M,N,O,P
#
# COMPACT_ATOMS: atom_id res chain seq x y z
CA LEU A 1 -20.36 3.13 47.40
C LEU A 1 -19.19 2.94 48.35
N HIS A 2 -19.33 2.08 49.34
CA HIS A 2 -18.24 1.69 50.21
C HIS A 2 -17.32 0.71 49.48
N PHE A 3 -17.81 0.17 48.37
CA PHE A 3 -17.00 -0.61 47.43
C PHE A 3 -15.80 0.21 46.94
N ILE A 4 -15.98 1.52 46.77
CA ILE A 4 -14.89 2.39 46.34
C ILE A 4 -13.84 2.50 47.43
N ASP A 5 -14.27 2.58 48.68
CA ASP A 5 -13.33 2.82 49.77
C ASP A 5 -12.75 1.53 50.31
N GLN A 6 -13.48 0.42 50.17
CA GLN A 6 -12.96 -0.87 50.64
C GLN A 6 -11.86 -1.39 49.73
N HIS A 7 -12.01 -1.20 48.42
CA HIS A 7 -11.12 -1.75 47.41
C HIS A 7 -10.15 -0.70 46.87
N ARG A 8 -9.66 0.19 47.74
CA ARG A 8 -8.90 1.34 47.27
C ARG A 8 -7.52 0.93 46.76
N ALA A 9 -6.94 -0.12 47.34
CA ALA A 9 -5.65 -0.59 46.85
C ALA A 9 -5.79 -1.38 45.56
N ALA A 10 -6.97 -1.95 45.32
CA ALA A 10 -7.18 -2.72 44.09
C ALA A 10 -7.55 -1.80 42.94
N LEU A 11 -8.27 -0.72 43.20
CA LEU A 11 -8.70 0.17 42.12
C LEU A 11 -7.56 1.08 41.69
N ILE A 12 -6.52 1.21 42.51
CA ILE A 12 -5.33 1.92 42.05
C ILE A 12 -4.55 1.05 41.08
N ALA A 13 -4.26 -0.19 41.48
CA ALA A 13 -3.34 -1.00 40.71
C ALA A 13 -3.98 -1.61 39.48
N ARG A 14 -5.31 -1.76 39.45
CA ARG A 14 -5.94 -2.60 38.45
C ARG A 14 -7.01 -1.91 37.61
N VAL A 15 -7.20 -0.60 37.75
CA VAL A 15 -8.03 0.16 36.82
C VAL A 15 -7.13 0.65 35.69
N THR A 16 -7.47 0.25 34.46
CA THR A 16 -6.68 0.60 33.29
C THR A 16 -7.48 1.39 32.26
N ASN A 17 -8.59 2.00 32.66
CA ASN A 17 -9.44 2.76 31.74
C ASN A 17 -9.81 4.09 32.40
N VAL A 18 -8.78 4.77 32.92
CA VAL A 18 -9.00 5.96 33.73
C VAL A 18 -9.47 7.12 32.87
N GLU A 19 -9.00 7.19 31.63
CA GLU A 19 -9.30 8.33 30.75
C GLU A 19 -10.77 8.35 30.35
N TRP A 20 -11.43 7.19 30.37
CA TRP A 20 -12.87 7.17 30.15
C TRP A 20 -13.63 7.41 31.45
N LEU A 21 -13.06 6.96 32.58
CA LEU A 21 -13.65 7.20 33.89
C LEU A 21 -13.72 8.69 34.21
N LEU A 22 -12.73 9.46 33.75
CA LEU A 22 -12.72 10.88 34.04
C LEU A 22 -13.81 11.61 33.25
N ASP A 23 -14.15 11.10 32.07
CA ASP A 23 -15.15 11.75 31.24
C ASP A 23 -16.56 11.54 31.80
N ALA A 24 -16.80 10.38 32.41
CA ALA A 24 -18.09 10.11 33.02
C ALA A 24 -18.27 10.92 34.30
N LEU A 25 -17.17 11.17 35.01
CA LEU A 25 -17.21 11.88 36.28
C LEU A 25 -17.07 13.39 36.10
N TYR A 26 -16.80 13.84 34.87
CA TYR A 26 -16.58 15.24 34.58
C TYR A 26 -17.90 15.99 34.63
N GLY A 27 -17.89 17.17 35.24
CA GLY A 27 -19.08 17.97 35.41
C GLY A 27 -19.97 17.58 36.57
N LYS A 28 -20.16 16.29 36.82
CA LYS A 28 -20.91 15.80 37.96
C LYS A 28 -20.11 15.88 39.25
N VAL A 29 -18.86 15.43 39.23
CA VAL A 29 -17.95 15.61 40.35
C VAL A 29 -16.70 16.39 40.01
N LEU A 30 -15.98 16.02 38.97
CA LEU A 30 -14.66 16.56 38.70
C LEU A 30 -14.79 17.88 37.97
N THR A 31 -14.28 18.95 38.58
CA THR A 31 -14.13 20.22 37.90
C THR A 31 -12.97 20.13 36.90
N ASP A 32 -12.83 21.18 36.09
CA ASP A 32 -11.79 21.19 35.06
C ASP A 32 -10.42 21.35 35.70
N GLU A 33 -10.36 21.94 36.89
CA GLU A 33 -9.09 21.99 37.62
C GLU A 33 -8.77 20.64 38.26
N GLN A 34 -9.80 19.86 38.58
CA GLN A 34 -9.58 18.50 39.07
C GLN A 34 -9.40 17.51 37.93
N TYR A 35 -10.00 17.80 36.77
CA TYR A 35 -9.85 16.93 35.60
C TYR A 35 -8.42 16.97 35.09
N GLN A 36 -7.82 18.16 35.04
CA GLN A 36 -6.48 18.30 34.50
C GLN A 36 -5.42 17.83 35.47
N ALA A 37 -5.74 17.82 36.77
CA ALA A 37 -4.76 17.38 37.76
C ALA A 37 -4.57 15.88 37.72
N VAL A 38 -5.59 15.15 37.26
CA VAL A 38 -5.49 13.69 37.18
C VAL A 38 -4.66 13.27 35.97
N ARG A 39 -4.80 14.00 34.86
CA ARG A 39 -4.13 13.63 33.62
C ARG A 39 -2.65 14.07 33.62
N ALA A 40 -1.92 13.53 34.58
CA ALA A 40 -0.48 13.66 34.72
C ALA A 40 -0.01 12.50 35.56
N GLU A 41 1.31 12.48 35.85
CA GLU A 41 2.04 11.37 36.46
C GLU A 41 1.74 10.10 35.67
N PRO A 42 2.37 9.92 34.51
CA PRO A 42 1.79 9.01 33.48
C PRO A 42 1.81 7.53 33.82
N THR A 43 2.28 7.13 35.00
CA THR A 43 1.94 5.79 35.48
C THR A 43 0.46 5.75 35.80
N ASN A 44 -0.25 4.86 35.13
CA ASN A 44 -1.70 4.66 35.20
C ASN A 44 -2.23 4.39 36.62
N PRO A 45 -1.52 3.71 37.54
CA PRO A 45 -2.00 3.73 38.93
C PRO A 45 -1.93 5.09 39.61
N SER A 46 -1.09 6.01 39.16
CA SER A 46 -1.01 7.30 39.84
C SER A 46 -2.12 8.23 39.40
N LYS A 47 -2.78 7.92 38.27
CA LYS A 47 -3.97 8.67 37.90
C LYS A 47 -5.14 8.30 38.79
N MET A 48 -5.16 7.07 39.30
CA MET A 48 -6.17 6.70 40.28
C MET A 48 -5.83 7.27 41.65
N ARG A 49 -4.54 7.37 41.98
CA ARG A 49 -4.14 7.97 43.25
C ARG A 49 -4.48 9.45 43.30
N LYS A 50 -4.45 10.12 42.15
CA LYS A 50 -4.92 11.50 42.09
C LYS A 50 -6.44 11.55 42.09
N LEU A 51 -7.09 10.50 41.58
CA LEU A 51 -8.55 10.47 41.58
C LEU A 51 -9.09 10.19 42.97
N PHE A 52 -8.44 9.32 43.74
CA PHE A 52 -8.86 9.09 45.12
C PHE A 52 -8.44 10.24 46.02
N SER A 53 -7.56 11.12 45.55
CA SER A 53 -7.17 12.31 46.31
C SER A 53 -8.32 13.30 46.45
N PHE A 54 -9.30 13.26 45.54
CA PHE A 54 -10.48 14.10 45.64
C PHE A 54 -11.67 13.35 46.22
N THR A 55 -11.51 12.06 46.50
CA THR A 55 -12.61 11.26 47.04
C THR A 55 -13.04 11.55 48.48
N PRO A 56 -12.19 12.01 49.43
CA PRO A 56 -12.76 12.38 50.75
C PRO A 56 -13.75 13.54 50.73
N ALA A 57 -13.78 14.35 49.67
CA ALA A 57 -14.77 15.42 49.61
C ALA A 57 -16.10 14.93 49.03
N TRP A 58 -16.21 13.63 48.75
CA TRP A 58 -17.39 13.10 48.10
C TRP A 58 -18.36 12.52 49.13
N ASN A 59 -19.64 12.54 48.81
CA ASN A 59 -20.65 11.86 49.61
C ASN A 59 -21.07 10.56 48.94
N TRP A 60 -22.11 9.94 49.52
CA TRP A 60 -22.52 8.60 49.10
C TRP A 60 -23.21 8.61 47.75
N THR A 61 -23.87 9.72 47.39
CA THR A 61 -24.68 9.75 46.17
C THR A 61 -23.85 9.98 44.92
N CYS A 62 -22.52 10.04 45.06
CA CYS A 62 -21.68 10.31 43.91
C CYS A 62 -20.47 9.38 43.86
N LYS A 63 -20.13 8.77 44.99
CA LYS A 63 -19.14 7.69 44.97
C LYS A 63 -19.70 6.46 44.27
N ASP A 64 -21.01 6.22 44.40
CA ASP A 64 -21.64 5.14 43.65
C ASP A 64 -21.92 5.53 42.21
N LEU A 65 -21.80 6.81 41.87
CA LEU A 65 -21.85 7.23 40.48
C LEU A 65 -20.56 6.83 39.77
N LEU A 66 -19.46 6.75 40.52
CA LEU A 66 -18.21 6.22 39.95
C LEU A 66 -18.26 4.70 39.93
N LEU A 67 -19.08 4.10 40.79
CA LEU A 67 -19.33 2.66 40.69
C LEU A 67 -20.09 2.32 39.41
N GLN A 68 -21.01 3.20 39.01
CA GLN A 68 -21.72 3.01 37.75
C GLN A 68 -20.78 3.18 36.56
N ALA A 69 -19.80 4.07 36.70
CA ALA A 69 -18.86 4.29 35.60
C ALA A 69 -17.85 3.16 35.50
N LEU A 70 -17.53 2.50 36.61
CA LEU A 70 -16.68 1.31 36.54
C LEU A 70 -17.45 0.12 35.98
N ARG A 71 -18.75 0.06 36.22
CA ARG A 71 -19.54 -1.05 35.69
C ARG A 71 -19.83 -0.88 34.21
N GLU A 72 -19.91 0.37 33.74
CA GLU A 72 -20.05 0.57 32.30
C GLU A 72 -18.73 0.36 31.58
N SER A 73 -17.62 0.75 32.21
CA SER A 73 -16.30 0.60 31.60
C SER A 73 -15.79 -0.83 31.68
N GLN A 74 -15.65 -1.35 32.88
CA GLN A 74 -14.99 -2.64 33.03
C GLN A 74 -15.98 -3.80 32.96
N SER A 75 -16.88 -3.90 33.94
CA SER A 75 -17.86 -4.96 34.18
C SER A 75 -17.25 -6.32 34.54
N TYR A 76 -15.92 -6.43 34.51
CA TYR A 76 -15.27 -7.64 35.00
C TYR A 76 -14.40 -7.33 36.21
N LEU A 77 -13.90 -6.10 36.31
CA LEU A 77 -13.09 -5.72 37.44
C LEU A 77 -13.95 -5.56 38.70
N VAL A 78 -15.15 -5.00 38.54
CA VAL A 78 -16.06 -4.87 39.67
C VAL A 78 -16.53 -6.25 40.13
N GLU A 79 -16.76 -7.15 39.17
CA GLU A 79 -17.26 -8.48 39.50
C GLU A 79 -16.16 -9.35 40.10
N ASP A 80 -14.90 -9.12 39.70
CA ASP A 80 -13.80 -9.90 40.28
C ASP A 80 -13.49 -9.43 41.69
N LEU A 81 -13.75 -8.16 41.98
CA LEU A 81 -13.55 -7.63 43.32
C LEU A 81 -14.67 -8.04 44.27
N GLU A 82 -15.89 -8.15 43.75
CA GLU A 82 -17.00 -8.62 44.58
C GLU A 82 -16.91 -10.11 44.85
N ARG A 83 -16.49 -10.89 43.86
CA ARG A 83 -16.38 -12.33 44.01
C ARG A 83 -15.06 -12.71 44.66
N LEU B 1 24.73 -6.09 39.18
CA LEU B 1 26.17 -6.18 39.34
C LEU B 1 26.61 -4.78 39.75
N HIS B 2 27.87 -4.62 40.14
CA HIS B 2 28.46 -3.31 40.40
C HIS B 2 28.78 -2.63 39.08
N PHE B 3 28.75 -3.41 37.99
CA PHE B 3 28.80 -2.86 36.63
C PHE B 3 27.67 -1.87 36.38
N ILE B 4 26.50 -2.12 36.97
CA ILE B 4 25.36 -1.21 36.83
C ILE B 4 25.65 0.10 37.54
N ASP B 5 26.27 0.03 38.73
CA ASP B 5 26.47 1.23 39.53
C ASP B 5 27.74 1.97 39.15
N GLN B 6 28.73 1.26 38.61
CA GLN B 6 29.97 1.92 38.20
C GLN B 6 29.78 2.72 36.93
N HIS B 7 28.99 2.21 36.00
CA HIS B 7 28.80 2.80 34.68
C HIS B 7 27.48 3.55 34.57
N ARG B 8 27.07 4.25 35.64
CA ARG B 8 25.73 4.82 35.69
C ARG B 8 25.60 6.01 34.74
N ALA B 9 26.68 6.75 34.52
CA ALA B 9 26.62 7.87 33.59
C ALA B 9 26.67 7.39 32.15
N ALA B 10 27.23 6.20 31.92
CA ALA B 10 27.30 5.67 30.56
C ALA B 10 26.00 4.97 30.17
N LEU B 11 25.35 4.33 31.13
CA LEU B 11 24.12 3.61 30.81
C LEU B 11 22.94 4.56 30.68
N ILE B 12 23.07 5.77 31.18
CA ILE B 12 22.03 6.77 30.91
C ILE B 12 22.16 7.27 29.47
N ALA B 13 23.36 7.68 29.09
CA ALA B 13 23.52 8.38 27.82
C ALA B 13 23.53 7.43 26.63
N ARG B 14 23.85 6.16 26.83
CA ARG B 14 24.18 5.28 25.72
C ARG B 14 23.34 4.00 25.64
N VAL B 15 22.33 3.83 26.49
CA VAL B 15 21.36 2.76 26.32
C VAL B 15 20.23 3.29 25.44
N THR B 16 19.99 2.63 24.30
CA THR B 16 18.98 3.05 23.35
C THR B 16 17.93 1.98 23.10
N ASN B 17 17.79 1.02 24.00
CA ASN B 17 16.83 -0.08 23.85
C ASN B 17 16.10 -0.27 25.17
N VAL B 18 15.60 0.84 25.72
CA VAL B 18 15.04 0.84 27.07
C VAL B 18 13.69 0.12 27.07
N GLU B 19 12.93 0.23 25.98
CA GLU B 19 11.59 -0.33 25.94
C GLU B 19 11.60 -1.86 25.96
N TRP B 20 12.71 -2.46 25.52
CA TRP B 20 12.85 -3.91 25.65
C TRP B 20 13.42 -4.27 27.01
N LEU B 21 14.27 -3.40 27.57
CA LEU B 21 14.82 -3.61 28.90
C LEU B 21 13.74 -3.62 29.96
N LEU B 22 12.69 -2.81 29.78
CA LEU B 22 11.62 -2.76 30.76
C LEU B 22 10.79 -4.03 30.75
N ASP B 23 10.69 -4.68 29.59
CA ASP B 23 9.89 -5.89 29.48
C ASP B 23 10.57 -7.07 30.14
N ALA B 24 11.91 -7.11 30.09
CA ALA B 24 12.66 -8.17 30.74
C ALA B 24 12.64 -8.00 32.25
N LEU B 25 12.61 -6.76 32.72
CA LEU B 25 12.64 -6.46 34.15
C LEU B 25 11.25 -6.41 34.75
N TYR B 26 10.20 -6.49 33.93
CA TYR B 26 8.83 -6.40 34.38
C TYR B 26 8.45 -7.66 35.11
N GLY B 27 7.74 -7.51 36.23
CA GLY B 27 7.34 -8.63 37.07
C GLY B 27 8.40 -9.14 38.01
N LYS B 28 9.65 -9.22 37.58
CA LYS B 28 10.77 -9.62 38.42
C LYS B 28 11.21 -8.48 39.34
N VAL B 29 11.39 -7.29 38.80
CA VAL B 29 11.63 -6.10 39.60
C VAL B 29 10.60 -5.01 39.46
N LEU B 30 10.27 -4.61 38.25
CA LEU B 30 9.46 -3.43 38.02
C LEU B 30 7.99 -3.79 38.14
N THR B 31 7.31 -3.14 39.08
CA THR B 31 5.87 -3.21 39.16
C THR B 31 5.24 -2.39 38.04
N ASP B 32 3.92 -2.51 37.90
CA ASP B 32 3.24 -1.78 36.83
C ASP B 32 3.19 -0.29 37.12
N GLU B 33 3.27 0.09 38.39
CA GLU B 33 3.39 1.50 38.73
C GLU B 33 4.80 2.01 38.47
N GLN B 34 5.80 1.13 38.54
CA GLN B 34 7.16 1.51 38.19
C GLN B 34 7.39 1.39 36.69
N TYR B 35 6.67 0.48 36.02
CA TYR B 35 6.80 0.32 34.58
C TYR B 35 6.27 1.54 33.85
N GLN B 36 5.14 2.07 34.30
CA GLN B 36 4.53 3.21 33.62
C GLN B 36 5.24 4.51 33.93
N ALA B 37 5.95 4.57 35.06
CA ALA B 37 6.66 5.79 35.43
C ALA B 37 7.88 6.00 34.55
N VAL B 38 8.44 4.91 34.02
CA VAL B 38 9.62 5.01 33.17
C VAL B 38 9.23 5.48 31.77
N ARG B 39 8.09 5.02 31.28
CA ARG B 39 7.66 5.32 29.91
C ARG B 39 7.04 6.72 29.81
N ALA B 40 7.86 7.71 30.15
CA ALA B 40 7.58 9.13 30.00
C ALA B 40 8.91 9.85 29.97
N GLU B 41 8.86 11.19 29.89
CA GLU B 41 9.99 12.08 29.64
C GLU B 41 10.72 11.61 28.40
N PRO B 42 10.19 11.89 27.21
CA PRO B 42 10.54 11.06 26.02
C PRO B 42 11.97 11.21 25.51
N THR B 43 12.82 11.99 26.16
CA THR B 43 14.25 11.83 25.91
C THR B 43 14.69 10.50 26.51
N ASN B 44 15.23 9.65 25.64
CA ASN B 44 15.68 8.29 25.92
C ASN B 44 16.69 8.17 27.06
N PRO B 45 17.63 9.13 27.29
CA PRO B 45 18.39 9.06 28.55
C PRO B 45 17.56 9.28 29.81
N SER B 46 16.41 9.95 29.73
CA SER B 46 15.65 10.19 30.96
C SER B 46 14.81 8.98 31.34
N LYS B 47 14.62 8.05 30.41
CA LYS B 47 14.00 6.78 30.76
C LYS B 47 14.95 5.91 31.56
N MET B 48 16.25 6.06 31.33
CA MET B 48 17.23 5.37 32.17
C MET B 48 17.37 6.07 33.51
N ARG B 49 17.24 7.40 33.55
CA ARG B 49 17.31 8.13 34.81
C ARG B 49 16.12 7.78 35.71
N LYS B 50 14.98 7.48 35.12
CA LYS B 50 13.86 6.98 35.90
C LYS B 50 14.07 5.52 36.28
N LEU B 51 14.80 4.77 35.46
CA LEU B 51 15.07 3.38 35.77
C LEU B 51 16.10 3.24 36.89
N PHE B 52 17.12 4.11 36.90
CA PHE B 52 18.06 4.10 38.01
C PHE B 52 17.47 4.72 39.27
N SER B 53 16.35 5.42 39.13
CA SER B 53 15.66 5.97 40.29
C SER B 53 15.08 4.90 41.19
N PHE B 54 14.81 3.71 40.66
CA PHE B 54 14.35 2.58 41.45
C PHE B 54 15.47 1.62 41.80
N THR B 55 16.67 1.87 41.31
CA THR B 55 17.80 0.98 41.57
C THR B 55 18.36 0.98 43.00
N PRO B 56 18.30 2.04 43.83
CA PRO B 56 18.73 1.86 45.23
C PRO B 56 17.91 0.88 46.06
N ALA B 57 16.70 0.54 45.63
CA ALA B 57 15.93 -0.46 46.36
C ALA B 57 16.26 -1.88 45.93
N TRP B 58 17.24 -2.03 45.05
CA TRP B 58 17.57 -3.35 44.50
C TRP B 58 18.74 -3.97 45.25
N ASN B 59 18.76 -5.30 45.30
CA ASN B 59 19.91 -6.02 45.82
C ASN B 59 20.75 -6.59 44.69
N TRP B 60 21.74 -7.41 45.06
CA TRP B 60 22.73 -7.89 44.10
C TRP B 60 22.16 -8.94 43.17
N THR B 61 21.14 -9.69 43.61
CA THR B 61 20.65 -10.80 42.81
C THR B 61 19.69 -10.36 41.72
N CYS B 62 19.49 -9.06 41.56
CA CYS B 62 18.54 -8.57 40.57
C CYS B 62 19.10 -7.41 39.77
N LYS B 63 20.14 -6.75 40.29
CA LYS B 63 20.87 -5.78 39.48
C LYS B 63 21.66 -6.48 38.38
N ASP B 64 22.15 -7.70 38.66
CA ASP B 64 22.79 -8.49 37.62
C ASP B 64 21.79 -9.18 36.71
N LEU B 65 20.51 -9.19 37.08
CA LEU B 65 19.47 -9.64 36.17
C LEU B 65 19.24 -8.59 35.09
N LEU B 66 19.50 -7.31 35.41
CA LEU B 66 19.46 -6.27 34.39
C LEU B 66 20.74 -6.28 33.58
N LEU B 67 21.82 -6.82 34.15
CA LEU B 67 23.03 -7.05 33.37
C LEU B 67 22.80 -8.13 32.32
N GLN B 68 22.01 -9.15 32.65
CA GLN B 68 21.65 -10.19 31.68
C GLN B 68 20.76 -9.61 30.59
N ALA B 69 19.91 -8.65 30.95
CA ALA B 69 19.02 -8.06 29.96
C ALA B 69 19.75 -7.10 29.05
N LEU B 70 20.83 -6.47 29.54
CA LEU B 70 21.65 -5.65 28.66
C LEU B 70 22.52 -6.51 27.75
N ARG B 71 22.90 -7.71 28.21
CA ARG B 71 23.72 -8.58 27.37
C ARG B 71 22.87 -9.27 26.31
N GLU B 72 21.60 -9.51 26.59
CA GLU B 72 20.72 -10.06 25.56
C GLU B 72 20.32 -8.98 24.56
N SER B 73 20.13 -7.75 25.03
CA SER B 73 19.72 -6.66 24.16
C SER B 73 20.89 -6.12 23.34
N GLN B 74 21.92 -5.62 24.02
CA GLN B 74 22.98 -4.93 23.32
C GLN B 74 24.08 -5.86 22.86
N SER B 75 24.82 -6.45 23.82
CA SER B 75 26.01 -7.32 23.68
C SER B 75 27.23 -6.59 23.13
N TYR B 76 27.09 -5.32 22.74
CA TYR B 76 28.26 -4.53 22.35
C TYR B 76 28.46 -3.36 23.30
N LEU B 77 27.38 -2.90 23.92
CA LEU B 77 27.48 -1.80 24.88
C LEU B 77 28.12 -2.27 26.18
N VAL B 78 27.78 -3.48 26.61
CA VAL B 78 28.38 -4.05 27.81
C VAL B 78 29.86 -4.34 27.57
N GLU B 79 30.18 -4.81 26.36
CA GLU B 79 31.56 -5.17 26.05
C GLU B 79 32.41 -3.92 25.83
N ASP B 80 31.81 -2.83 25.34
CA ASP B 80 32.58 -1.61 25.14
C ASP B 80 32.84 -0.91 26.47
N LEU B 81 31.94 -1.12 27.44
CA LEU B 81 32.14 -0.56 28.78
C LEU B 81 33.14 -1.36 29.58
N GLU B 82 33.19 -2.68 29.39
CA GLU B 82 34.17 -3.50 30.07
C GLU B 82 35.57 -3.31 29.48
N ARG B 83 35.66 -3.17 28.16
CA ARG B 83 36.94 -2.99 27.50
C ARG B 83 37.38 -1.53 27.55
N LEU C 1 23.77 33.84 17.83
CA LEU C 1 23.68 35.27 17.59
C LEU C 1 22.62 35.77 18.56
N HIS C 2 22.47 37.08 18.69
CA HIS C 2 21.40 37.69 19.45
C HIS C 2 20.10 37.60 18.66
N PHE C 3 20.22 37.30 17.36
CA PHE C 3 19.06 36.94 16.52
C PHE C 3 18.28 35.76 17.10
N ILE C 4 18.98 34.82 17.72
CA ILE C 4 18.34 33.67 18.34
C ILE C 4 17.52 34.10 19.56
N ASP C 5 18.07 35.04 20.35
CA ASP C 5 17.42 35.43 21.58
C ASP C 5 16.40 36.52 21.38
N GLN C 6 16.56 37.35 20.34
CA GLN C 6 15.60 38.40 20.07
C GLN C 6 14.31 37.84 19.49
N HIS C 7 14.41 36.83 18.64
CA HIS C 7 13.28 36.27 17.92
C HIS C 7 12.81 34.96 18.52
N ARG C 8 12.82 34.85 19.85
CA ARG C 8 12.58 33.57 20.49
C ARG C 8 11.12 33.14 20.38
N ALA C 9 10.20 34.10 20.35
CA ALA C 9 8.79 33.76 20.18
C ALA C 9 8.46 33.41 18.74
N ALA C 10 9.27 33.91 17.80
CA ALA C 10 9.02 33.61 16.39
C ALA C 10 9.63 32.27 16.00
N LEU C 11 10.78 31.92 16.59
CA LEU C 11 11.43 30.67 16.23
C LEU C 11 10.76 29.48 16.89
N ILE C 12 9.95 29.71 17.92
CA ILE C 12 9.15 28.63 18.45
C ILE C 12 7.99 28.33 17.52
N ALA C 13 7.23 29.38 17.14
CA ALA C 13 5.99 29.16 16.43
C ALA C 13 6.20 28.84 14.96
N ARG C 14 7.33 29.25 14.38
CA ARG C 14 7.46 29.26 12.93
C ARG C 14 8.64 28.48 12.38
N VAL C 15 9.39 27.74 13.21
CA VAL C 15 10.37 26.78 12.73
C VAL C 15 9.67 25.44 12.55
N THR C 16 9.69 24.91 11.33
CA THR C 16 9.02 23.66 10.99
C THR C 16 9.98 22.61 10.46
N ASN C 17 11.29 22.75 10.72
CA ASN C 17 12.30 21.82 10.24
C ASN C 17 13.25 21.49 11.39
N VAL C 18 12.66 21.14 12.53
CA VAL C 18 13.42 20.96 13.77
C VAL C 18 14.27 19.71 13.70
N GLU C 19 13.75 18.67 13.03
CA GLU C 19 14.43 17.37 13.01
C GLU C 19 15.74 17.42 12.21
N TRP C 20 15.84 18.39 11.28
CA TRP C 20 17.11 18.59 10.59
C TRP C 20 18.01 19.53 11.38
N LEU C 21 17.41 20.48 12.11
CA LEU C 21 18.17 21.39 12.97
C LEU C 21 18.88 20.65 14.09
N LEU C 22 18.27 19.57 14.59
CA LEU C 22 18.90 18.82 15.67
C LEU C 22 20.11 18.04 15.17
N ASP C 23 20.10 17.64 13.90
CA ASP C 23 21.21 16.86 13.36
C ASP C 23 22.43 17.74 13.12
N ALA C 24 22.22 19.00 12.75
CA ALA C 24 23.31 19.93 12.55
C ALA C 24 23.93 20.33 13.89
N LEU C 25 23.11 20.40 14.94
CA LEU C 25 23.57 20.83 16.25
C LEU C 25 24.06 19.66 17.10
N TYR C 26 23.90 18.43 16.61
CA TYR C 26 24.27 17.23 17.34
C TYR C 26 25.78 17.10 17.36
N GLY C 27 26.33 16.73 18.52
CA GLY C 27 27.75 16.61 18.71
C GLY C 27 28.48 17.91 18.98
N LYS C 28 28.13 18.99 18.29
CA LYS C 28 28.71 20.30 18.52
C LYS C 28 28.13 20.96 19.76
N VAL C 29 26.81 20.94 19.92
CA VAL C 29 26.17 21.39 21.14
C VAL C 29 25.35 20.33 21.83
N LEU C 30 24.45 19.67 21.13
CA LEU C 30 23.46 18.79 21.75
C LEU C 30 24.07 17.42 21.99
N THR C 31 24.12 17.02 23.25
CA THR C 31 24.46 15.66 23.61
C THR C 31 23.30 14.72 23.27
N ASP C 32 23.55 13.42 23.39
CA ASP C 32 22.51 12.45 23.05
C ASP C 32 21.40 12.46 24.08
N GLU C 33 21.70 12.88 25.31
CA GLU C 33 20.65 13.06 26.31
C GLU C 33 19.84 14.31 26.03
N GLN C 34 20.47 15.33 25.41
CA GLN C 34 19.74 16.52 25.01
C GLN C 34 19.05 16.33 23.66
N TYR C 35 19.61 15.46 22.81
CA TYR C 35 19.00 15.19 21.50
C TYR C 35 17.69 14.45 21.68
N GLN C 36 17.65 13.48 22.58
CA GLN C 36 16.45 12.68 22.76
C GLN C 36 15.38 13.42 23.55
N ALA C 37 15.77 14.42 24.34
CA ALA C 37 14.80 15.16 25.12
C ALA C 37 13.98 16.10 24.23
N VAL C 38 14.56 16.50 23.10
CA VAL C 38 13.85 17.39 22.19
C VAL C 38 12.81 16.62 21.38
N ARG C 39 13.14 15.39 20.98
CA ARG C 39 12.27 14.58 20.13
C ARG C 39 11.13 13.93 20.93
N ALA C 40 10.33 14.80 21.54
CA ALA C 40 9.10 14.45 22.23
C ALA C 40 8.25 15.70 22.27
N GLU C 41 7.08 15.60 22.93
CA GLU C 41 6.01 16.59 22.95
C GLU C 41 5.67 16.96 21.51
N PRO C 42 4.92 16.11 20.79
CA PRO C 42 4.97 16.14 19.32
C PRO C 42 4.35 17.35 18.65
N THR C 43 3.86 18.34 19.40
CA THR C 43 3.64 19.64 18.80
C THR C 43 5.00 20.26 18.47
N ASN C 44 5.20 20.56 17.20
CA ASN C 44 6.42 21.09 16.61
C ASN C 44 6.92 22.40 17.25
N PRO C 45 6.07 23.32 17.73
CA PRO C 45 6.62 24.41 18.56
C PRO C 45 7.21 23.97 19.89
N SER C 46 6.79 22.83 20.44
CA SER C 46 7.33 22.42 21.74
C SER C 46 8.69 21.77 21.61
N LYS C 47 9.04 21.35 20.39
CA LYS C 47 10.41 20.87 20.16
C LYS C 47 11.38 22.04 20.13
N MET C 48 10.92 23.22 19.73
CA MET C 48 11.76 24.40 19.84
C MET C 48 11.83 24.91 21.28
N ARG C 49 10.73 24.75 22.03
CA ARG C 49 10.74 25.16 23.43
C ARG C 49 11.67 24.27 24.26
N LYS C 50 11.83 23.02 23.86
CA LYS C 50 12.83 22.17 24.51
C LYS C 50 14.23 22.52 24.00
N LEU C 51 14.32 23.01 22.76
CA LEU C 51 15.62 23.39 22.22
C LEU C 51 16.12 24.69 22.83
N PHE C 52 15.22 25.65 23.08
CA PHE C 52 15.64 26.87 23.76
C PHE C 52 15.82 26.64 25.25
N SER C 53 15.36 25.50 25.76
CA SER C 53 15.58 25.16 27.16
C SER C 53 17.05 24.88 27.47
N PHE C 54 17.83 24.49 26.46
CA PHE C 54 19.26 24.29 26.62
C PHE C 54 20.07 25.49 26.14
N THR C 55 19.41 26.52 25.59
CA THR C 55 20.11 27.70 25.09
C THR C 55 20.74 28.63 26.13
N PRO C 56 20.26 28.77 27.39
CA PRO C 56 21.04 29.60 28.34
C PRO C 56 22.42 29.06 28.69
N ALA C 57 22.70 27.78 28.43
CA ALA C 57 24.05 27.27 28.69
C ALA C 57 24.97 27.50 27.50
N TRP C 58 24.50 28.19 26.47
CA TRP C 58 25.29 28.39 25.26
C TRP C 58 26.00 29.74 25.29
N ASN C 59 27.14 29.80 24.61
CA ASN C 59 27.83 31.07 24.40
C ASN C 59 27.61 31.58 22.98
N TRP C 60 28.33 32.65 22.64
CA TRP C 60 28.09 33.33 21.37
C TRP C 60 28.60 32.55 20.18
N THR C 61 29.63 31.72 20.38
CA THR C 61 30.27 31.04 19.25
C THR C 61 29.51 29.81 18.81
N CYS C 62 28.34 29.54 19.41
CA CYS C 62 27.60 28.34 19.06
C CYS C 62 26.11 28.63 18.90
N LYS C 63 25.64 29.76 19.44
CA LYS C 63 24.29 30.21 19.12
C LYS C 63 24.21 30.67 17.67
N ASP C 64 25.30 31.24 17.14
CA ASP C 64 25.35 31.59 15.73
C ASP C 64 25.64 30.39 14.85
N LEU C 65 26.06 29.27 15.44
CA LEU C 65 26.14 28.02 14.69
C LEU C 65 24.75 27.47 14.42
N LEU C 66 23.78 27.78 15.29
CA LEU C 66 22.40 27.44 15.00
C LEU C 66 21.79 28.44 14.04
N LEU C 67 22.35 29.65 13.99
CA LEU C 67 21.96 30.59 12.95
C LEU C 67 22.38 30.10 11.58
N GLN C 68 23.55 29.46 11.49
CA GLN C 68 24.00 28.87 10.23
C GLN C 68 23.12 27.70 9.85
N ALA C 69 22.62 26.96 10.83
CA ALA C 69 21.77 25.81 10.54
C ALA C 69 20.38 26.24 10.12
N LEU C 70 19.91 27.39 10.62
CA LEU C 70 18.64 27.93 10.15
C LEU C 70 18.77 28.51 8.75
N ARG C 71 19.94 29.04 8.41
CA ARG C 71 20.13 29.60 7.08
C ARG C 71 20.33 28.52 6.04
N GLU C 72 20.89 27.37 6.43
CA GLU C 72 20.98 26.25 5.50
C GLU C 72 19.63 25.57 5.33
N SER C 73 18.85 25.49 6.41
CA SER C 73 17.55 24.83 6.37
C SER C 73 16.50 25.70 5.73
N GLN C 74 16.25 26.88 6.31
CA GLN C 74 15.12 27.68 5.85
C GLN C 74 15.51 28.63 4.74
N SER C 75 16.36 29.62 5.05
CA SER C 75 16.83 30.74 4.21
C SER C 75 15.73 31.74 3.85
N TYR C 76 14.49 31.48 4.24
CA TYR C 76 13.43 32.47 4.08
C TYR C 76 12.88 32.90 5.42
N LEU C 77 12.97 32.02 6.43
CA LEU C 77 12.50 32.37 7.76
C LEU C 77 13.45 33.36 8.43
N VAL C 78 14.74 33.17 8.23
CA VAL C 78 15.73 34.10 8.78
C VAL C 78 15.61 35.45 8.09
N GLU C 79 15.35 35.43 6.78
CA GLU C 79 15.26 36.68 6.02
C GLU C 79 13.96 37.41 6.31
N ASP C 80 12.89 36.68 6.61
CA ASP C 80 11.62 37.33 6.93
C ASP C 80 11.65 37.93 8.32
N LEU C 81 12.46 37.35 9.21
CA LEU C 81 12.61 37.90 10.55
C LEU C 81 13.54 39.12 10.57
N GLU C 82 14.55 39.12 9.70
CA GLU C 82 15.43 40.28 9.60
C GLU C 82 14.73 41.44 8.90
N ARG C 83 13.94 41.16 7.87
CA ARG C 83 13.24 42.20 7.15
C ARG C 83 11.95 42.60 7.85
N LEU D 1 -22.09 25.91 21.85
CA LEU D 1 -23.40 25.73 22.40
C LEU D 1 -23.17 24.97 23.71
N HIS D 2 -24.21 24.83 24.53
CA HIS D 2 -24.17 23.99 25.73
C HIS D 2 -24.27 22.52 25.32
N PHE D 3 -24.68 22.29 24.07
CA PHE D 3 -24.61 20.96 23.45
C PHE D 3 -23.19 20.40 23.49
N ILE D 4 -22.19 21.27 23.34
CA ILE D 4 -20.80 20.85 23.39
C ILE D 4 -20.42 20.39 24.80
N ASP D 5 -20.92 21.11 25.81
CA ASP D 5 -20.52 20.83 27.18
C ASP D 5 -21.39 19.75 27.81
N GLN D 6 -22.63 19.61 27.36
CA GLN D 6 -23.51 18.59 27.91
C GLN D 6 -23.11 17.19 27.44
N HIS D 7 -22.69 17.08 26.18
CA HIS D 7 -22.38 15.81 25.54
C HIS D 7 -20.89 15.55 25.45
N ARG D 8 -20.14 15.93 26.49
CA ARG D 8 -18.68 15.92 26.40
C ARG D 8 -18.14 14.49 26.42
N ALA D 9 -18.83 13.58 27.09
CA ALA D 9 -18.38 12.18 27.10
C ALA D 9 -18.75 11.48 25.80
N ALA D 10 -19.79 11.97 25.11
CA ALA D 10 -20.19 11.36 23.86
C ALA D 10 -19.35 11.87 22.69
N LEU D 11 -18.94 13.14 22.73
CA LEU D 11 -18.17 13.69 21.63
C LEU D 11 -16.71 13.26 21.71
N ILE D 12 -16.26 12.76 22.85
CA ILE D 12 -14.94 12.16 22.90
C ILE D 12 -14.97 10.79 22.24
N ALA D 13 -15.91 9.95 22.65
CA ALA D 13 -15.87 8.56 22.23
C ALA D 13 -16.38 8.35 20.81
N ARG D 14 -17.20 9.27 20.29
CA ARG D 14 -17.96 8.99 19.09
C ARG D 14 -17.76 10.00 17.95
N VAL D 15 -16.84 10.95 18.08
CA VAL D 15 -16.42 11.78 16.96
C VAL D 15 -15.26 11.09 16.27
N THR D 16 -15.43 10.79 14.98
CA THR D 16 -14.41 10.08 14.20
C THR D 16 -13.95 10.88 13.00
N ASN D 17 -14.15 12.20 12.99
CA ASN D 17 -13.76 13.06 11.88
C ASN D 17 -13.06 14.29 12.44
N VAL D 18 -12.10 14.06 13.32
CA VAL D 18 -11.46 15.15 14.07
C VAL D 18 -10.56 15.97 13.16
N GLU D 19 -9.92 15.31 12.19
CA GLU D 19 -8.95 15.98 11.34
C GLU D 19 -9.61 17.01 10.42
N TRP D 20 -10.90 16.83 10.13
CA TRP D 20 -11.62 17.85 9.40
C TRP D 20 -12.18 18.91 10.33
N LEU D 21 -12.53 18.51 11.56
CA LEU D 21 -13.00 19.46 12.57
C LEU D 21 -11.93 20.47 12.94
N LEU D 22 -10.66 20.06 12.92
CA LEU D 22 -9.58 20.98 13.27
C LEU D 22 -9.38 22.02 12.18
N ASP D 23 -9.66 21.66 10.93
CA ASP D 23 -9.46 22.59 9.83
C ASP D 23 -10.52 23.69 9.82
N ALA D 24 -11.74 23.34 10.22
CA ALA D 24 -12.81 24.34 10.31
C ALA D 24 -12.59 25.28 11.47
N LEU D 25 -11.99 24.79 12.56
CA LEU D 25 -11.78 25.58 13.76
C LEU D 25 -10.43 26.31 13.73
N TYR D 26 -9.61 26.04 12.71
CA TYR D 26 -8.29 26.64 12.61
C TYR D 26 -8.41 28.10 12.22
N GLY D 27 -7.61 28.95 12.86
CA GLY D 27 -7.65 30.38 12.61
C GLY D 27 -8.74 31.12 13.34
N LYS D 28 -9.94 30.57 13.43
CA LYS D 28 -11.04 31.16 14.19
C LYS D 28 -10.89 30.93 15.68
N VAL D 29 -10.58 29.71 16.09
CA VAL D 29 -10.23 29.42 17.48
C VAL D 29 -8.85 28.85 17.67
N LEU D 30 -8.49 27.81 16.95
CA LEU D 30 -7.28 27.05 17.22
C LEU D 30 -6.10 27.73 16.56
N THR D 31 -5.14 28.14 17.38
CA THR D 31 -3.85 28.60 16.89
C THR D 31 -3.04 27.41 16.38
N ASP D 32 -1.91 27.71 15.73
CA ASP D 32 -1.08 26.64 15.18
C ASP D 32 -0.38 25.86 16.28
N GLU D 33 -0.19 26.47 17.44
CA GLU D 33 0.34 25.75 18.58
C GLU D 33 -0.74 24.86 19.21
N GLN D 34 -2.01 25.27 19.07
CA GLN D 34 -3.11 24.43 19.54
C GLN D 34 -3.50 23.40 18.48
N TYR D 35 -3.29 23.72 17.21
CA TYR D 35 -3.60 22.78 16.14
C TYR D 35 -2.68 21.58 16.18
N GLN D 36 -1.39 21.82 16.42
CA GLN D 36 -0.41 20.73 16.42
C GLN D 36 -0.48 19.91 17.70
N ALA D 37 -1.00 20.49 18.78
CA ALA D 37 -1.08 19.75 20.04
C ALA D 37 -2.19 18.70 19.98
N VAL D 38 -3.20 18.93 19.14
CA VAL D 38 -4.28 17.97 19.02
C VAL D 38 -3.85 16.77 18.17
N ARG D 39 -3.06 17.00 17.13
CA ARG D 39 -2.67 15.95 16.20
C ARG D 39 -1.53 15.09 16.78
N ALA D 40 -1.82 14.46 17.91
CA ALA D 40 -0.98 13.48 18.57
C ALA D 40 -1.89 12.65 19.46
N GLU D 41 -1.27 11.72 20.21
CA GLU D 41 -1.94 10.67 20.98
C GLU D 41 -2.91 9.93 20.07
N PRO D 42 -2.42 9.04 19.21
CA PRO D 42 -3.19 8.68 17.99
C PRO D 42 -4.46 7.87 18.23
N THR D 43 -4.84 7.58 19.47
CA THR D 43 -6.21 7.18 19.71
C THR D 43 -7.13 8.38 19.46
N ASN D 44 -8.05 8.20 18.52
CA ASN D 44 -9.00 9.20 18.05
C ASN D 44 -9.87 9.83 19.15
N PRO D 45 -10.28 9.12 20.22
CA PRO D 45 -10.89 9.86 21.34
C PRO D 45 -9.95 10.81 22.07
N SER D 46 -8.62 10.59 22.02
CA SER D 46 -7.73 11.46 22.76
C SER D 46 -7.45 12.75 21.99
N LYS D 47 -7.76 12.77 20.69
CA LYS D 47 -7.69 14.02 19.95
C LYS D 47 -8.86 14.93 20.32
N MET D 48 -9.99 14.35 20.71
CA MET D 48 -11.08 15.16 21.23
C MET D 48 -10.81 15.60 22.66
N ARG D 49 -10.12 14.77 23.45
CA ARG D 49 -9.76 15.15 24.81
C ARG D 49 -8.75 16.30 24.82
N LYS D 50 -7.91 16.37 23.80
CA LYS D 50 -7.03 17.53 23.66
C LYS D 50 -7.81 18.72 23.10
N LEU D 51 -8.86 18.46 22.33
CA LEU D 51 -9.67 19.55 21.78
C LEU D 51 -10.55 20.16 22.86
N PHE D 52 -11.10 19.35 23.76
CA PHE D 52 -11.87 19.91 24.88
C PHE D 52 -10.96 20.51 25.94
N SER D 53 -9.65 20.23 25.87
CA SER D 53 -8.70 20.85 26.78
C SER D 53 -8.55 22.34 26.55
N PHE D 54 -8.86 22.82 25.35
CA PHE D 54 -8.85 24.24 25.05
C PHE D 54 -10.23 24.86 25.11
N THR D 55 -11.26 24.05 25.35
CA THR D 55 -12.63 24.55 25.39
C THR D 55 -13.02 25.43 26.59
N PRO D 56 -12.43 25.31 27.81
CA PRO D 56 -12.78 26.30 28.85
C PRO D 56 -12.38 27.74 28.55
N ALA D 57 -11.47 27.97 27.60
CA ALA D 57 -11.13 29.34 27.23
C ALA D 57 -12.07 29.90 26.18
N TRP D 58 -13.10 29.14 25.81
CA TRP D 58 -13.99 29.57 24.74
C TRP D 58 -15.24 30.22 25.30
N ASN D 59 -15.82 31.13 24.52
CA ASN D 59 -17.12 31.70 24.86
C ASN D 59 -18.22 31.08 24.01
N TRP D 60 -19.43 31.65 24.13
CA TRP D 60 -20.60 31.06 23.51
C TRP D 60 -20.61 31.24 22.00
N THR D 61 -19.97 32.30 21.50
CA THR D 61 -20.08 32.61 20.07
C THR D 61 -19.11 31.78 19.23
N CYS D 62 -18.40 30.84 19.85
CA CYS D 62 -17.43 30.06 19.10
C CYS D 62 -17.51 28.58 19.45
N LYS D 63 -18.12 28.25 20.59
CA LYS D 63 -18.45 26.85 20.86
C LYS D 63 -19.55 26.37 19.94
N ASP D 64 -20.47 27.25 19.57
CA ASP D 64 -21.48 26.89 18.58
C ASP D 64 -20.95 26.96 17.15
N LEU D 65 -19.77 27.54 16.96
CA LEU D 65 -19.09 27.45 15.68
C LEU D 65 -18.54 26.05 15.47
N LEU D 66 -18.21 25.36 16.56
CA LEU D 66 -17.82 23.96 16.47
C LEU D 66 -19.05 23.08 16.35
N LEU D 67 -20.21 23.57 16.81
CA LEU D 67 -21.47 22.89 16.54
C LEU D 67 -21.80 22.92 15.06
N GLN D 68 -21.50 24.04 14.38
CA GLN D 68 -21.69 24.13 12.95
C GLN D 68 -20.74 23.21 12.20
N ALA D 69 -19.54 23.02 12.74
CA ALA D 69 -18.56 22.15 12.09
C ALA D 69 -18.91 20.68 12.29
N LEU D 70 -19.56 20.35 13.40
CA LEU D 70 -20.05 18.98 13.58
C LEU D 70 -21.27 18.71 12.71
N ARG D 71 -22.08 19.73 12.44
CA ARG D 71 -23.26 19.53 11.61
C ARG D 71 -22.88 19.45 10.14
N GLU D 72 -21.80 20.13 9.74
CA GLU D 72 -21.33 19.98 8.36
C GLU D 72 -20.61 18.66 8.17
N SER D 73 -19.87 18.22 9.18
CA SER D 73 -19.12 16.97 9.09
C SER D 73 -20.01 15.74 9.27
N GLN D 74 -20.68 15.64 10.41
CA GLN D 74 -21.40 14.42 10.72
C GLN D 74 -22.83 14.46 10.21
N SER D 75 -23.66 15.34 10.80
CA SER D 75 -25.11 15.53 10.59
C SER D 75 -25.96 14.36 11.07
N TYR D 76 -25.34 13.27 11.53
CA TYR D 76 -26.09 12.19 12.15
C TYR D 76 -25.69 12.02 13.61
N LEU D 77 -24.45 12.41 13.95
CA LEU D 77 -24.01 12.32 15.33
C LEU D 77 -24.66 13.39 16.19
N VAL D 78 -24.83 14.60 15.63
CA VAL D 78 -25.50 15.67 16.35
C VAL D 78 -26.98 15.33 16.52
N GLU D 79 -27.58 14.73 15.49
CA GLU D 79 -29.00 14.40 15.55
C GLU D 79 -29.26 13.20 16.46
N ASP D 80 -28.31 12.27 16.56
CA ASP D 80 -28.50 11.13 17.45
C ASP D 80 -28.32 11.54 18.91
N LEU D 81 -27.52 12.58 19.15
CA LEU D 81 -27.34 13.08 20.51
C LEU D 81 -28.52 13.95 20.94
N GLU D 82 -29.13 14.68 20.00
CA GLU D 82 -30.31 15.47 20.35
C GLU D 82 -31.53 14.58 20.53
N ARG D 83 -31.66 13.54 19.72
CA ARG D 83 -32.81 12.64 19.83
C ARG D 83 -32.58 11.59 20.90
N LEU E 1 -5.76 -16.84 31.34
CA LEU E 1 -5.11 -17.95 32.00
C LEU E 1 -3.85 -17.34 32.62
N HIS E 2 -3.15 -18.11 33.45
CA HIS E 2 -1.85 -17.71 33.98
C HIS E 2 -0.78 -17.90 32.91
N PHE E 3 -1.15 -18.63 31.84
CA PHE E 3 -0.33 -18.71 30.63
C PHE E 3 -0.08 -17.32 30.03
N ILE E 4 -1.05 -16.42 30.15
CA ILE E 4 -0.89 -15.06 29.65
C ILE E 4 0.13 -14.30 30.48
N ASP E 5 0.11 -14.51 31.80
CA ASP E 5 0.97 -13.74 32.69
C ASP E 5 2.35 -14.37 32.84
N GLN E 6 2.44 -15.70 32.67
CA GLN E 6 3.74 -16.36 32.78
C GLN E 6 4.61 -16.07 31.57
N HIS E 7 4.01 -16.02 30.38
CA HIS E 7 4.72 -15.88 29.12
C HIS E 7 4.66 -14.46 28.58
N ARG E 8 4.72 -13.46 29.46
CA ARG E 8 4.46 -12.08 29.05
C ARG E 8 5.59 -11.54 28.19
N ALA E 9 6.82 -11.98 28.41
CA ALA E 9 7.93 -11.52 27.59
C ALA E 9 7.93 -12.23 26.24
N ALA E 10 7.34 -13.42 26.16
CA ALA E 10 7.31 -14.14 24.91
C ALA E 10 6.15 -13.67 24.03
N LEU E 11 5.03 -13.29 24.63
CA LEU E 11 3.88 -12.87 23.86
C LEU E 11 4.04 -11.44 23.35
N ILE E 12 4.96 -10.68 23.93
CA ILE E 12 5.28 -9.39 23.35
C ILE E 12 6.13 -9.57 22.10
N ALA E 13 7.20 -10.34 22.21
CA ALA E 13 8.17 -10.40 21.12
C ALA E 13 7.72 -11.28 19.97
N ARG E 14 6.81 -12.22 20.21
CA ARG E 14 6.57 -13.28 19.24
C ARG E 14 5.12 -13.43 18.80
N VAL E 15 4.22 -12.53 19.20
CA VAL E 15 2.88 -12.47 18.62
C VAL E 15 2.93 -11.52 17.43
N THR E 16 2.57 -12.03 16.25
CA THR E 16 2.61 -11.27 15.01
C THR E 16 1.25 -11.17 14.33
N ASN E 17 0.17 -11.39 15.08
CA ASN E 17 -1.18 -11.35 14.52
C ASN E 17 -2.08 -10.54 15.47
N VAL E 18 -1.58 -9.37 15.86
CA VAL E 18 -2.24 -8.57 16.90
C VAL E 18 -3.54 -7.98 16.38
N GLU E 19 -3.57 -7.63 15.10
CA GLU E 19 -4.74 -6.94 14.53
C GLU E 19 -5.96 -7.84 14.47
N TRP E 20 -5.74 -9.16 14.43
CA TRP E 20 -6.86 -10.09 14.53
C TRP E 20 -7.20 -10.39 15.98
N LEU E 21 -6.19 -10.37 16.85
CA LEU E 21 -6.40 -10.57 18.28
C LEU E 21 -7.26 -9.45 18.88
N LEU E 22 -7.12 -8.23 18.36
CA LEU E 22 -7.91 -7.12 18.88
C LEU E 22 -9.37 -7.24 18.50
N ASP E 23 -9.65 -7.86 17.34
CA ASP E 23 -11.02 -7.99 16.89
C ASP E 23 -11.78 -9.04 17.70
N ALA E 24 -11.09 -10.08 18.12
CA ALA E 24 -11.70 -11.12 18.96
C ALA E 24 -11.97 -10.59 20.36
N LEU E 25 -11.10 -9.71 20.85
CA LEU E 25 -11.22 -9.18 22.20
C LEU E 25 -12.08 -7.92 22.26
N TYR E 26 -12.49 -7.41 21.10
CA TYR E 26 -13.26 -6.17 21.02
C TYR E 26 -14.68 -6.44 21.50
N GLY E 27 -15.22 -5.51 22.30
CA GLY E 27 -16.54 -5.65 22.85
C GLY E 27 -16.63 -6.51 24.10
N LYS E 28 -15.92 -7.63 24.15
CA LYS E 28 -15.86 -8.48 25.32
C LYS E 28 -14.95 -7.91 26.39
N VAL E 29 -13.75 -7.48 26.02
CA VAL E 29 -12.87 -6.76 26.92
C VAL E 29 -12.52 -5.36 26.48
N LEU E 30 -12.05 -5.19 25.25
CA LEU E 30 -11.48 -3.94 24.80
C LEU E 30 -12.58 -3.00 24.35
N THR E 31 -12.67 -1.85 25.02
CA THR E 31 -13.51 -0.77 24.56
C THR E 31 -12.90 -0.11 23.33
N ASP E 32 -13.66 0.79 22.71
CA ASP E 32 -13.17 1.46 21.51
C ASP E 32 -12.06 2.45 21.84
N GLU E 33 -12.04 2.96 23.08
CA GLU E 33 -10.93 3.79 23.50
C GLU E 33 -9.70 2.94 23.79
N GLN E 34 -9.89 1.68 24.19
CA GLN E 34 -8.77 0.77 24.38
C GLN E 34 -8.36 0.12 23.07
N TYR E 35 -9.31 -0.04 22.14
CA TYR E 35 -8.99 -0.62 20.84
C TYR E 35 -8.10 0.32 20.03
N GLN E 36 -8.39 1.62 20.06
CA GLN E 36 -7.63 2.57 19.27
C GLN E 36 -6.28 2.88 19.90
N ALA E 37 -6.14 2.67 21.20
CA ALA E 37 -4.88 2.96 21.87
C ALA E 37 -3.83 1.90 21.51
N VAL E 38 -4.28 0.69 21.17
CA VAL E 38 -3.34 -0.37 20.82
C VAL E 38 -2.82 -0.16 19.40
N ARG E 39 -3.67 0.30 18.49
CA ARG E 39 -3.31 0.44 17.08
C ARG E 39 -2.48 1.72 16.85
N ALA E 40 -1.33 1.76 17.51
CA ALA E 40 -0.30 2.78 17.34
C ALA E 40 1.00 2.17 17.84
N GLU E 41 2.07 2.99 17.82
CA GLU E 41 3.46 2.58 18.06
C GLU E 41 3.78 1.42 17.14
N PRO E 42 4.04 1.67 15.85
CA PRO E 42 3.86 0.60 14.85
C PRO E 42 4.87 -0.53 14.89
N THR E 43 5.80 -0.55 15.86
CA THR E 43 6.49 -1.80 16.15
C THR E 43 5.50 -2.76 16.78
N ASN E 44 5.33 -3.91 16.12
CA ASN E 44 4.40 -4.98 16.47
C ASN E 44 4.55 -5.51 17.91
N PRO E 45 5.77 -5.60 18.52
CA PRO E 45 5.79 -5.88 19.96
C PRO E 45 5.21 -4.79 20.84
N SER E 46 5.15 -3.54 20.38
CA SER E 46 4.62 -2.49 21.24
C SER E 46 3.10 -2.47 21.23
N LYS E 47 2.48 -3.12 20.25
CA LYS E 47 1.03 -3.30 20.28
C LYS E 47 0.64 -4.33 21.32
N MET E 48 1.52 -5.29 21.60
CA MET E 48 1.27 -6.22 22.69
C MET E 48 1.56 -5.56 24.04
N ARG E 49 2.54 -4.66 24.09
CA ARG E 49 2.84 -3.95 25.32
C ARG E 49 1.70 -3.01 25.71
N LYS E 50 0.99 -2.48 24.71
CA LYS E 50 -0.20 -1.70 25.01
C LYS E 50 -1.37 -2.63 25.35
N LEU E 51 -1.36 -3.85 24.82
CA LEU E 51 -2.42 -4.80 25.13
C LEU E 51 -2.26 -5.35 26.54
N PHE E 52 -1.02 -5.61 26.98
CA PHE E 52 -0.82 -6.05 28.35
C PHE E 52 -0.95 -4.90 29.33
N SER E 53 -0.97 -3.66 28.83
CA SER E 53 -1.18 -2.51 29.69
C SER E 53 -2.59 -2.46 30.26
N PHE E 54 -3.56 -3.10 29.60
CA PHE E 54 -4.92 -3.19 30.10
C PHE E 54 -5.18 -4.53 30.79
N THR E 55 -4.21 -5.44 30.78
CA THR E 55 -4.38 -6.74 31.40
C THR E 55 -4.47 -6.79 32.93
N PRO E 56 -3.85 -5.89 33.73
CA PRO E 56 -4.12 -5.97 35.19
C PRO E 56 -5.56 -5.69 35.60
N ALA E 57 -6.38 -5.09 34.74
CA ALA E 57 -7.78 -4.89 35.08
C ALA E 57 -8.63 -6.10 34.73
N TRP E 58 -8.01 -7.18 34.25
CA TRP E 58 -8.74 -8.34 33.80
C TRP E 58 -8.82 -9.40 34.89
N ASN E 59 -9.89 -10.19 34.86
CA ASN E 59 -9.99 -11.35 35.74
C ASN E 59 -9.71 -12.64 34.95
N TRP E 60 -9.94 -13.77 35.62
CA TRP E 60 -9.55 -15.06 35.08
C TRP E 60 -10.46 -15.50 33.94
N THR E 61 -11.72 -15.05 33.94
CA THR E 61 -12.67 -15.55 32.95
C THR E 61 -12.55 -14.84 31.61
N CYS E 62 -11.56 -13.96 31.46
CA CYS E 62 -11.43 -13.21 30.22
C CYS E 62 -9.98 -13.17 29.75
N LYS E 63 -9.02 -13.44 30.65
CA LYS E 63 -7.65 -13.64 30.21
C LYS E 63 -7.51 -14.95 29.45
N ASP E 64 -8.30 -15.96 29.81
CA ASP E 64 -8.33 -17.20 29.04
C ASP E 64 -9.19 -17.08 27.79
N LEU E 65 -9.98 -16.01 27.68
CA LEU E 65 -10.64 -15.72 26.41
C LEU E 65 -9.65 -15.21 25.39
N LEU E 66 -8.57 -14.58 25.84
CA LEU E 66 -7.49 -14.21 24.94
C LEU E 66 -6.59 -15.40 24.65
N LEU E 67 -6.61 -16.39 25.54
CA LEU E 67 -5.95 -17.66 25.26
C LEU E 67 -6.66 -18.40 24.13
N GLN E 68 -8.00 -18.32 24.11
CA GLN E 68 -8.77 -18.90 23.02
C GLN E 68 -8.51 -18.18 21.71
N ALA E 69 -8.27 -16.87 21.78
CA ALA E 69 -8.03 -16.10 20.57
C ALA E 69 -6.62 -16.34 20.04
N LEU E 70 -5.67 -16.66 20.92
CA LEU E 70 -4.34 -17.03 20.45
C LEU E 70 -4.34 -18.44 19.88
N ARG E 71 -5.21 -19.31 20.38
CA ARG E 71 -5.26 -20.68 19.85
C ARG E 71 -5.99 -20.72 18.52
N GLU E 72 -6.95 -19.82 18.30
CA GLU E 72 -7.59 -19.75 17.00
C GLU E 72 -6.68 -19.08 15.98
N SER E 73 -5.91 -18.08 16.40
CA SER E 73 -5.02 -17.35 15.51
C SER E 73 -3.75 -18.14 15.21
N GLN E 74 -2.98 -18.45 16.25
CA GLN E 74 -1.67 -19.04 16.02
C GLN E 74 -1.72 -20.55 15.95
N SER E 75 -2.05 -21.21 17.08
CA SER E 75 -2.07 -22.65 17.34
C SER E 75 -0.69 -23.31 17.31
N TYR E 76 0.36 -22.56 16.97
CA TYR E 76 1.71 -23.09 17.08
C TYR E 76 2.52 -22.30 18.09
N LEU E 77 2.16 -21.02 18.30
CA LEU E 77 2.86 -20.21 19.29
C LEU E 77 2.48 -20.63 20.71
N VAL E 78 1.20 -20.95 20.92
CA VAL E 78 0.76 -21.43 22.22
C VAL E 78 1.38 -22.80 22.51
N GLU E 79 1.47 -23.64 21.49
CA GLU E 79 2.02 -24.99 21.69
C GLU E 79 3.53 -24.96 21.87
N ASP E 80 4.21 -23.99 21.24
CA ASP E 80 5.66 -23.90 21.42
C ASP E 80 6.01 -23.33 22.78
N LEU E 81 5.12 -22.52 23.35
CA LEU E 81 5.34 -21.98 24.69
C LEU E 81 5.02 -23.01 25.77
N GLU E 82 4.03 -23.87 25.52
CA GLU E 82 3.71 -24.92 26.47
C GLU E 82 4.76 -26.03 26.45
N ARG E 83 5.27 -26.36 25.26
CA ARG E 83 6.26 -27.41 25.13
C ARG E 83 7.66 -26.87 25.40
N LEU F 1 32.62 2.39 12.99
CA LEU F 1 33.78 3.23 12.82
C LEU F 1 33.36 4.60 13.35
N HIS F 2 34.32 5.52 13.49
CA HIS F 2 34.03 6.90 13.84
C HIS F 2 33.47 7.63 12.62
N PHE F 3 33.62 7.01 11.43
CA PHE F 3 32.95 7.46 10.22
C PHE F 3 31.44 7.51 10.40
N ILE F 4 30.88 6.59 11.18
CA ILE F 4 29.45 6.56 11.46
C ILE F 4 29.06 7.76 12.31
N ASP F 5 29.90 8.11 13.28
CA ASP F 5 29.54 9.16 14.22
C ASP F 5 29.93 10.54 13.71
N GLN F 6 30.96 10.61 12.86
CA GLN F 6 31.36 11.91 12.32
C GLN F 6 30.37 12.41 11.27
N HIS F 7 29.83 11.50 10.46
CA HIS F 7 28.96 11.83 9.34
C HIS F 7 27.50 11.59 9.65
N ARG F 8 27.07 11.87 10.89
CA ARG F 8 25.74 11.47 11.32
C ARG F 8 24.66 12.30 10.65
N ALA F 9 24.95 13.57 10.34
CA ALA F 9 23.96 14.39 9.64
C ALA F 9 23.89 14.04 8.16
N ALA F 10 24.96 13.48 7.61
CA ALA F 10 24.96 13.11 6.21
C ALA F 10 24.31 11.75 5.99
N LEU F 11 24.48 10.83 6.94
CA LEU F 11 23.91 9.49 6.78
C LEU F 11 22.42 9.48 7.07
N ILE F 12 21.92 10.50 7.75
CA ILE F 12 20.47 10.63 7.87
C ILE F 12 19.86 11.09 6.56
N ALA F 13 20.40 12.17 6.00
CA ALA F 13 19.74 12.80 4.87
C ALA F 13 19.99 12.07 3.57
N ARG F 14 21.07 11.29 3.47
CA ARG F 14 21.52 10.81 2.17
C ARG F 14 21.66 9.30 2.05
N VAL F 15 21.25 8.52 3.05
CA VAL F 15 21.12 7.08 2.91
C VAL F 15 19.72 6.78 2.42
N THR F 16 19.63 6.12 1.26
CA THR F 16 18.35 5.80 0.63
C THR F 16 18.15 4.31 0.43
N ASN F 17 18.89 3.47 1.17
CA ASN F 17 18.80 2.02 1.03
C ASN F 17 18.73 1.41 2.43
N VAL F 18 17.85 1.96 3.25
CA VAL F 18 17.80 1.60 4.68
C VAL F 18 17.25 0.18 4.85
N GLU F 19 16.31 -0.21 3.99
CA GLU F 19 15.64 -1.49 4.14
C GLU F 19 16.58 -2.67 3.88
N TRP F 20 17.65 -2.43 3.12
CA TRP F 20 18.67 -3.46 2.96
C TRP F 20 19.70 -3.38 4.07
N LEU F 21 19.95 -2.17 4.58
CA LEU F 21 20.86 -1.98 5.70
C LEU F 21 20.36 -2.66 6.96
N LEU F 22 19.04 -2.71 7.14
CA LEU F 22 18.48 -3.34 8.33
C LEU F 22 18.63 -4.85 8.28
N ASP F 23 18.63 -5.42 7.07
CA ASP F 23 18.74 -6.87 6.93
C ASP F 23 20.15 -7.35 7.22
N ALA F 24 21.16 -6.54 6.86
CA ALA F 24 22.54 -6.88 7.14
C ALA F 24 22.84 -6.75 8.62
N LEU F 25 22.18 -5.81 9.30
CA LEU F 25 22.43 -5.55 10.72
C LEU F 25 21.53 -6.39 11.61
N TYR F 26 20.59 -7.12 11.02
CA TYR F 26 19.63 -7.91 11.78
C TYR F 26 20.33 -9.14 12.35
N GLY F 27 20.01 -9.46 13.61
CA GLY F 27 20.62 -10.58 14.29
C GLY F 27 21.99 -10.30 14.88
N LYS F 28 22.85 -9.57 14.18
CA LYS F 28 24.15 -9.18 14.68
C LYS F 28 24.06 -8.02 15.66
N VAL F 29 23.30 -6.99 15.31
CA VAL F 29 22.99 -5.90 16.23
C VAL F 29 21.52 -5.71 16.52
N LEU F 30 20.69 -5.61 15.49
CA LEU F 30 19.30 -5.21 15.66
C LEU F 30 18.47 -6.42 16.03
N THR F 31 17.83 -6.35 17.19
CA THR F 31 16.82 -7.32 17.58
C THR F 31 15.55 -7.07 16.78
N ASP F 32 14.60 -8.00 16.91
CA ASP F 32 13.35 -7.88 16.15
C ASP F 32 12.49 -6.74 16.70
N GLU F 33 12.68 -6.40 17.97
CA GLU F 33 12.00 -5.22 18.52
C GLU F 33 12.66 -3.94 18.05
N GLN F 34 13.97 -3.99 17.75
CA GLN F 34 14.64 -2.84 17.17
C GLN F 34 14.48 -2.79 15.67
N TYR F 35 14.30 -3.96 15.03
CA TYR F 35 14.10 -4.00 13.58
C TYR F 35 12.75 -3.39 13.21
N GLN F 36 11.72 -3.69 13.99
CA GLN F 36 10.38 -3.20 13.67
C GLN F 36 10.21 -1.74 14.04
N ALA F 37 11.01 -1.24 14.98
CA ALA F 37 10.89 0.16 15.39
C ALA F 37 11.44 1.09 14.31
N VAL F 38 12.37 0.60 13.50
CA VAL F 38 12.94 1.42 12.44
C VAL F 38 11.98 1.53 11.27
N ARG F 39 11.27 0.45 10.95
CA ARG F 39 10.38 0.41 9.79
C ARG F 39 9.05 1.10 10.08
N ALA F 40 9.15 2.39 10.39
CA ALA F 40 8.04 3.31 10.56
C ALA F 40 8.58 4.71 10.37
N GLU F 41 7.71 5.72 10.54
CA GLU F 41 7.93 7.12 10.21
C GLU F 41 8.42 7.22 8.77
N PRO F 42 7.53 7.09 7.79
CA PRO F 42 7.96 6.67 6.43
C PRO F 42 8.79 7.69 5.66
N THR F 43 9.12 8.84 6.23
CA THR F 43 10.22 9.61 5.66
C THR F 43 11.52 8.86 5.89
N ASN F 44 12.19 8.54 4.80
CA ASN F 44 13.43 7.77 4.74
C ASN F 44 14.57 8.33 5.59
N PRO F 45 14.75 9.66 5.78
CA PRO F 45 15.71 10.09 6.81
C PRO F 45 15.31 9.74 8.24
N SER F 46 14.03 9.54 8.53
CA SER F 46 13.65 9.23 9.91
C SER F 46 13.88 7.77 10.25
N LYS F 47 14.05 6.92 9.23
CA LYS F 47 14.45 5.54 9.49
C LYS F 47 15.91 5.48 9.89
N MET F 48 16.73 6.42 9.41
CA MET F 48 18.10 6.51 9.90
C MET F 48 18.17 7.14 11.27
N ARG F 49 17.26 8.08 11.56
CA ARG F 49 17.22 8.70 12.90
C ARG F 49 16.80 7.68 13.95
N LYS F 50 15.97 6.72 13.57
CA LYS F 50 15.66 5.63 14.48
C LYS F 50 16.81 4.62 14.55
N LEU F 51 17.57 4.52 13.47
CA LEU F 51 18.71 3.60 13.46
C LEU F 51 19.87 4.16 14.29
N PHE F 52 20.10 5.47 14.24
CA PHE F 52 21.12 6.06 15.10
C PHE F 52 20.66 6.17 16.54
N SER F 53 19.36 5.99 16.78
CA SER F 53 18.83 6.00 18.14
C SER F 53 19.31 4.80 18.94
N PHE F 54 19.68 3.71 18.27
CA PHE F 54 20.24 2.54 18.94
C PHE F 54 21.76 2.50 18.87
N THR F 55 22.36 3.46 18.17
CA THR F 55 23.82 3.49 18.02
C THR F 55 24.64 3.84 19.28
N PRO F 56 24.17 4.62 20.28
CA PRO F 56 25.00 4.77 21.49
C PRO F 56 25.22 3.50 22.30
N ALA F 57 24.40 2.46 22.09
CA ALA F 57 24.64 1.20 22.79
C ALA F 57 25.63 0.31 22.05
N TRP F 58 26.20 0.80 20.96
CA TRP F 58 27.09 0.00 20.14
C TRP F 58 28.56 0.25 20.50
N ASN F 59 29.39 -0.75 20.30
CA ASN F 59 30.83 -0.59 20.43
C ASN F 59 31.49 -0.50 19.05
N TRP F 60 32.82 -0.51 19.06
CA TRP F 60 33.58 -0.26 17.84
C TRP F 60 33.53 -1.44 16.88
N THR F 61 33.36 -2.65 17.39
CA THR F 61 33.45 -3.84 16.54
C THR F 61 32.16 -4.10 15.78
N CYS F 62 31.17 -3.22 15.90
CA CYS F 62 29.89 -3.45 15.23
C CYS F 62 29.39 -2.19 14.55
N LYS F 63 29.90 -1.02 14.93
CA LYS F 63 29.63 0.19 14.16
C LYS F 63 30.34 0.14 12.82
N ASP F 64 31.52 -0.50 12.77
CA ASP F 64 32.18 -0.70 11.50
C ASP F 64 31.60 -1.87 10.71
N LEU F 65 30.76 -2.69 11.36
CA LEU F 65 30.01 -3.69 10.63
C LEU F 65 28.89 -3.03 9.82
N LEU F 66 28.40 -1.87 10.29
CA LEU F 66 27.45 -1.10 9.50
C LEU F 66 28.20 -0.29 8.44
N LEU F 67 29.48 -0.02 8.66
CA LEU F 67 30.30 0.56 7.61
C LEU F 67 30.49 -0.42 6.46
N GLN F 68 30.62 -1.72 6.78
CA GLN F 68 30.71 -2.75 5.74
C GLN F 68 29.40 -2.87 4.99
N ALA F 69 28.28 -2.66 5.68
CA ALA F 69 26.98 -2.77 5.03
C ALA F 69 26.70 -1.56 4.16
N LEU F 70 27.24 -0.40 4.51
CA LEU F 70 27.12 0.76 3.64
C LEU F 70 28.02 0.64 2.42
N ARG F 71 29.16 -0.04 2.56
CA ARG F 71 30.07 -0.20 1.43
C ARG F 71 29.57 -1.28 0.47
N GLU F 72 28.84 -2.28 0.98
CA GLU F 72 28.23 -3.25 0.09
C GLU F 72 27.01 -2.67 -0.60
N SER F 73 26.24 -1.84 0.11
CA SER F 73 25.03 -1.25 -0.45
C SER F 73 25.34 -0.09 -1.39
N GLN F 74 26.00 0.95 -0.87
CA GLN F 74 26.17 2.15 -1.66
C GLN F 74 27.43 2.13 -2.50
N SER F 75 28.61 2.13 -1.85
CA SER F 75 29.97 2.22 -2.38
C SER F 75 30.28 3.55 -3.07
N TYR F 76 29.31 4.45 -3.18
CA TYR F 76 29.58 5.79 -3.67
C TYR F 76 29.29 6.82 -2.60
N LEU F 77 28.37 6.51 -1.68
CA LEU F 77 28.05 7.42 -0.60
C LEU F 77 29.17 7.47 0.43
N VAL F 78 29.77 6.31 0.72
CA VAL F 78 30.90 6.25 1.64
C VAL F 78 32.11 6.96 1.02
N GLU F 79 32.30 6.80 -0.28
CA GLU F 79 33.45 7.40 -0.94
C GLU F 79 33.27 8.90 -1.12
N ASP F 80 32.02 9.36 -1.28
CA ASP F 80 31.80 10.80 -1.41
C ASP F 80 31.94 11.50 -0.07
N LEU F 81 31.67 10.78 1.02
CA LEU F 81 31.84 11.34 2.35
C LEU F 81 33.31 11.36 2.77
N GLU F 82 34.08 10.36 2.34
CA GLU F 82 35.51 10.35 2.64
C GLU F 82 36.26 11.38 1.81
N ARG F 83 35.88 11.54 0.55
CA ARG F 83 36.53 12.49 -0.34
C ARG F 83 35.98 13.90 -0.13
N LEU G 1 0.78 33.70 -0.67
CA LEU G 1 -0.21 34.75 -0.64
C LEU G 1 -1.04 34.47 0.61
N HIS G 2 -1.91 35.40 0.99
CA HIS G 2 -2.86 35.20 2.07
C HIS G 2 -4.00 34.31 1.57
N PHE G 3 -4.09 34.14 0.25
CA PHE G 3 -4.97 33.14 -0.37
C PHE G 3 -4.67 31.74 0.15
N ILE G 4 -3.40 31.45 0.42
CA ILE G 4 -3.02 30.15 0.97
C ILE G 4 -3.56 29.98 2.39
N ASP G 5 -3.50 31.05 3.18
CA ASP G 5 -3.86 30.95 4.59
C ASP G 5 -5.35 31.15 4.80
N GLN G 6 -6.02 31.90 3.92
CA GLN G 6 -7.46 32.11 4.05
C GLN G 6 -8.24 30.85 3.67
N HIS G 7 -7.78 30.13 2.66
CA HIS G 7 -8.48 28.98 2.11
C HIS G 7 -7.88 27.66 2.57
N ARG G 8 -7.43 27.59 3.83
CA ARG G 8 -6.66 26.44 4.27
C ARG G 8 -7.52 25.20 4.41
N ALA G 9 -8.80 25.36 4.75
CA ALA G 9 -9.69 24.21 4.84
C ALA G 9 -10.12 23.74 3.46
N ALA G 10 -10.09 24.63 2.46
CA ALA G 10 -10.47 24.23 1.11
C ALA G 10 -9.31 23.58 0.37
N LEU G 11 -8.08 24.02 0.63
CA LEU G 11 -6.93 23.47 -0.08
C LEU G 11 -6.53 22.12 0.50
N ILE G 12 -6.99 21.80 1.70
CA ILE G 12 -6.79 20.44 2.21
C ILE G 12 -7.74 19.48 1.51
N ALA G 13 -9.03 19.82 1.49
CA ALA G 13 -10.02 18.86 1.05
C ALA G 13 -10.10 18.75 -0.47
N ARG G 14 -9.65 19.77 -1.21
CA ARG G 14 -9.97 19.86 -2.62
C ARG G 14 -8.76 19.99 -3.54
N VAL G 15 -7.54 19.89 -3.03
CA VAL G 15 -6.35 19.76 -3.88
C VAL G 15 -6.12 18.28 -4.13
N THR G 16 -6.12 17.88 -5.40
CA THR G 16 -5.95 16.49 -5.79
C THR G 16 -4.74 16.27 -6.69
N ASN G 17 -3.79 17.20 -6.70
CA ASN G 17 -2.61 17.11 -7.55
C ASN G 17 -1.37 17.45 -6.70
N VAL G 18 -1.29 16.82 -5.54
CA VAL G 18 -0.27 17.17 -4.55
C VAL G 18 1.11 16.73 -5.02
N GLU G 19 1.17 15.59 -5.73
CA GLU G 19 2.45 15.01 -6.11
C GLU G 19 3.17 15.87 -7.15
N TRP G 20 2.42 16.68 -7.91
CA TRP G 20 3.04 17.64 -8.81
C TRP G 20 3.36 18.93 -8.08
N LEU G 21 2.54 19.29 -7.09
CA LEU G 21 2.79 20.49 -6.28
C LEU G 21 4.09 20.36 -5.49
N LEU G 22 4.43 19.15 -5.06
CA LEU G 22 5.65 18.95 -4.29
C LEU G 22 6.88 19.12 -5.16
N ASP G 23 6.76 18.79 -6.45
CA ASP G 23 7.91 18.89 -7.35
C ASP G 23 8.23 20.33 -7.68
N ALA G 24 7.20 21.18 -7.77
CA ALA G 24 7.40 22.59 -8.04
C ALA G 24 7.99 23.29 -6.82
N LEU G 25 7.63 22.83 -5.63
CA LEU G 25 8.08 23.46 -4.39
C LEU G 25 9.38 22.86 -3.89
N TYR G 26 9.87 21.80 -4.53
CA TYR G 26 11.08 21.11 -4.13
C TYR G 26 12.29 21.96 -4.45
N GLY G 27 13.24 22.02 -3.52
CA GLY G 27 14.43 22.83 -3.68
C GLY G 27 14.26 24.30 -3.36
N LYS G 28 13.16 24.91 -3.75
CA LYS G 28 12.85 26.30 -3.42
C LYS G 28 12.38 26.45 -2.00
N VAL G 29 11.45 25.61 -1.56
CA VAL G 29 11.03 25.55 -0.17
C VAL G 29 11.25 24.20 0.49
N LEU G 30 10.79 23.12 -0.10
CA LEU G 30 10.76 21.82 0.55
C LEU G 30 12.11 21.15 0.41
N THR G 31 12.74 20.87 1.56
CA THR G 31 13.91 20.03 1.59
C THR G 31 13.52 18.58 1.35
N ASP G 32 14.52 17.72 1.19
CA ASP G 32 14.25 16.30 0.92
C ASP G 32 13.70 15.61 2.15
N GLU G 33 14.01 16.14 3.34
CA GLU G 33 13.40 15.61 4.56
C GLU G 33 11.95 16.09 4.69
N GLN G 34 11.64 17.26 4.13
CA GLN G 34 10.26 17.73 4.11
C GLN G 34 9.49 17.15 2.92
N TYR G 35 10.20 16.83 1.84
CA TYR G 35 9.55 16.22 0.68
C TYR G 35 9.06 14.82 1.00
N GLN G 36 9.88 14.04 1.71
CA GLN G 36 9.51 12.66 2.01
C GLN G 36 8.49 12.57 3.12
N ALA G 37 8.40 13.60 3.96
CA ALA G 37 7.43 13.56 5.06
C ALA G 37 6.01 13.77 4.54
N VAL G 38 5.87 14.45 3.41
CA VAL G 38 4.55 14.68 2.84
C VAL G 38 4.03 13.43 2.15
N ARG G 39 4.91 12.68 1.49
CA ARG G 39 4.50 11.51 0.71
C ARG G 39 4.28 10.29 1.61
N ALA G 40 3.32 10.45 2.52
CA ALA G 40 2.81 9.41 3.39
C ALA G 40 1.43 9.86 3.85
N GLU G 41 0.81 9.04 4.72
CA GLU G 41 -0.60 9.14 5.13
C GLU G 41 -1.47 9.20 3.89
N PRO G 42 -1.71 8.06 3.22
CA PRO G 42 -2.09 8.11 1.79
C PRO G 42 -3.49 8.67 1.50
N THR G 43 -4.24 9.13 2.49
CA THR G 43 -5.36 10.00 2.19
C THR G 43 -4.81 11.33 1.68
N ASN G 44 -5.19 11.68 0.46
CA ASN G 44 -4.77 12.87 -0.28
C ASN G 44 -5.01 14.20 0.47
N PRO G 45 -6.08 14.38 1.27
CA PRO G 45 -6.09 15.59 2.13
C PRO G 45 -5.02 15.61 3.21
N SER G 46 -4.48 14.46 3.62
CA SER G 46 -3.48 14.49 4.70
C SER G 46 -2.11 14.84 4.15
N LYS G 47 -1.91 14.73 2.83
CA LYS G 47 -0.68 15.22 2.23
C LYS G 47 -0.66 16.74 2.20
N MET G 48 -1.84 17.37 2.12
CA MET G 48 -1.89 18.82 2.24
C MET G 48 -1.75 19.25 3.69
N ARG G 49 -2.27 18.44 4.63
CA ARG G 49 -2.12 18.77 6.05
C ARG G 49 -0.66 18.68 6.48
N LYS G 50 0.11 17.79 5.85
CA LYS G 50 1.54 17.77 6.10
C LYS G 50 2.24 18.91 5.37
N LEU G 51 1.67 19.36 4.25
CA LEU G 51 2.26 20.47 3.51
C LEU G 51 2.01 21.79 4.21
N PHE G 52 0.83 21.97 4.80
CA PHE G 52 0.58 23.19 5.59
C PHE G 52 1.28 23.13 6.94
N SER G 53 1.76 21.96 7.33
CA SER G 53 2.53 21.83 8.57
C SER G 53 3.88 22.54 8.49
N PHE G 54 4.42 22.73 7.29
CA PHE G 54 5.64 23.48 7.09
C PHE G 54 5.39 24.92 6.68
N THR G 55 4.13 25.29 6.47
CA THR G 55 3.80 26.64 6.04
C THR G 55 3.98 27.77 7.06
N PRO G 56 3.89 27.58 8.40
CA PRO G 56 4.23 28.72 9.28
C PRO G 56 5.69 29.17 9.23
N ALA G 57 6.60 28.35 8.69
CA ALA G 57 7.98 28.80 8.55
C ALA G 57 8.20 29.57 7.26
N TRP G 58 7.15 29.80 6.49
CA TRP G 58 7.28 30.44 5.20
C TRP G 58 7.00 31.94 5.29
N ASN G 59 7.63 32.71 4.41
CA ASN G 59 7.32 34.13 4.27
C ASN G 59 6.45 34.37 3.05
N TRP G 60 6.24 35.65 2.74
CA TRP G 60 5.29 36.04 1.70
C TRP G 60 5.82 35.75 0.30
N THR G 61 7.15 35.76 0.13
CA THR G 61 7.72 35.63 -1.21
C THR G 61 7.77 34.18 -1.69
N CYS G 62 7.23 33.24 -0.90
CA CYS G 62 7.31 31.84 -1.27
C CYS G 62 5.98 31.13 -1.06
N LYS G 63 5.09 31.71 -0.24
CA LYS G 63 3.73 31.21 -0.18
C LYS G 63 2.98 31.52 -1.47
N ASP G 64 3.31 32.65 -2.11
CA ASP G 64 2.73 32.94 -3.42
C ASP G 64 3.44 32.19 -4.54
N LEU G 65 4.59 31.58 -4.26
CA LEU G 65 5.20 30.67 -5.21
C LEU G 65 4.42 29.36 -5.27
N LEU G 66 3.76 28.99 -4.17
CA LEU G 66 2.86 27.85 -4.20
C LEU G 66 1.52 28.24 -4.81
N LEU G 67 1.19 29.53 -4.78
CA LEU G 67 0.04 30.02 -5.53
C LEU G 67 0.27 29.91 -7.03
N GLN G 68 1.51 30.15 -7.48
CA GLN G 68 1.85 29.96 -8.88
C GLN G 68 1.80 28.49 -9.26
N ALA G 69 2.14 27.60 -8.33
CA ALA G 69 2.13 26.18 -8.63
C ALA G 69 0.71 25.64 -8.65
N LEU G 70 -0.19 26.24 -7.88
CA LEU G 70 -1.59 25.85 -7.97
C LEU G 70 -2.25 26.38 -9.23
N ARG G 71 -1.78 27.53 -9.71
CA ARG G 71 -2.35 28.09 -10.94
C ARG G 71 -1.84 27.36 -12.17
N GLU G 72 -0.62 26.83 -12.11
CA GLU G 72 -0.13 26.02 -13.22
C GLU G 72 -0.77 24.63 -13.21
N SER G 73 -0.99 24.07 -12.02
CA SER G 73 -1.58 22.75 -11.89
C SER G 73 -3.08 22.76 -12.13
N GLN G 74 -3.82 23.52 -11.31
CA GLN G 74 -5.26 23.43 -11.36
C GLN G 74 -5.87 24.41 -12.36
N SER G 75 -5.74 25.72 -12.07
CA SER G 75 -6.30 26.88 -12.78
C SER G 75 -7.82 26.96 -12.72
N TYR G 76 -8.48 25.97 -12.12
CA TYR G 76 -9.93 26.08 -11.88
C TYR G 76 -10.22 26.06 -10.39
N LEU G 77 -9.34 25.45 -9.60
CA LEU G 77 -9.53 25.42 -8.15
C LEU G 77 -9.24 26.79 -7.54
N VAL G 78 -8.21 27.46 -8.05
CA VAL G 78 -7.88 28.81 -7.57
C VAL G 78 -9.00 29.78 -7.97
N GLU G 79 -9.53 29.60 -9.19
CA GLU G 79 -10.56 30.52 -9.68
C GLU G 79 -11.90 30.26 -8.99
N ASP G 80 -12.17 29.01 -8.60
CA ASP G 80 -13.42 28.72 -7.90
C ASP G 80 -13.37 29.21 -6.46
N LEU G 81 -12.17 29.28 -5.88
CA LEU G 81 -12.01 29.81 -4.53
C LEU G 81 -12.06 31.33 -4.52
N GLU G 82 -11.55 31.97 -5.57
CA GLU G 82 -11.63 33.43 -5.65
C GLU G 82 -13.04 33.89 -5.97
N ARG G 83 -13.75 33.16 -6.83
CA ARG G 83 -15.10 33.54 -7.21
C ARG G 83 -16.11 33.03 -6.18
N LEU H 1 -27.42 -1.37 11.84
CA LEU H 1 -28.13 -2.35 12.64
C LEU H 1 -27.13 -2.79 13.71
N HIS H 2 -27.58 -3.55 14.70
CA HIS H 2 -26.72 -4.16 15.69
C HIS H 2 -26.02 -5.36 15.07
N PHE H 3 -26.53 -5.81 13.91
CA PHE H 3 -25.84 -6.80 13.09
C PHE H 3 -24.44 -6.35 12.70
N ILE H 4 -24.26 -5.04 12.50
CA ILE H 4 -22.95 -4.49 12.16
C ILE H 4 -22.01 -4.61 13.35
N ASP H 5 -22.53 -4.36 14.56
CA ASP H 5 -21.67 -4.32 15.73
C ASP H 5 -21.50 -5.70 16.35
N GLN H 6 -22.47 -6.60 16.16
CA GLN H 6 -22.34 -7.94 16.71
C GLN H 6 -21.33 -8.77 15.91
N HIS H 7 -21.31 -8.60 14.60
CA HIS H 7 -20.48 -9.40 13.69
C HIS H 7 -19.24 -8.66 13.25
N ARG H 8 -18.62 -7.88 14.14
CA ARG H 8 -17.55 -6.98 13.73
C ARG H 8 -16.28 -7.75 13.37
N ALA H 9 -16.04 -8.89 14.02
CA ALA H 9 -14.88 -9.70 13.69
C ALA H 9 -15.09 -10.47 12.40
N ALA H 10 -16.35 -10.74 12.05
CA ALA H 10 -16.63 -11.47 10.82
C ALA H 10 -16.63 -10.56 9.61
N LEU H 11 -17.09 -9.32 9.79
CA LEU H 11 -17.16 -8.39 8.66
C LEU H 11 -15.79 -7.82 8.32
N ILE H 12 -14.83 -7.92 9.24
CA ILE H 12 -13.47 -7.56 8.90
C ILE H 12 -12.84 -8.64 8.03
N ALA H 13 -12.93 -9.89 8.48
CA ALA H 13 -12.17 -10.95 7.84
C ALA H 13 -12.82 -11.43 6.54
N ARG H 14 -14.14 -11.23 6.38
CA ARG H 14 -14.87 -11.93 5.34
C ARG H 14 -15.64 -11.03 4.39
N VAL H 15 -15.50 -9.71 4.48
CA VAL H 15 -16.01 -8.80 3.45
C VAL H 15 -14.92 -8.61 2.41
N THR H 16 -15.22 -8.95 1.16
CA THR H 16 -14.26 -8.87 0.07
C THR H 16 -14.73 -7.96 -1.06
N ASN H 17 -15.68 -7.06 -0.78
CA ASN H 17 -16.22 -6.16 -1.78
C ASN H 17 -16.29 -4.74 -1.19
N VAL H 18 -15.19 -4.33 -0.59
CA VAL H 18 -15.16 -3.08 0.18
C VAL H 18 -15.24 -1.88 -0.75
N GLU H 19 -14.64 -1.98 -1.94
CA GLU H 19 -14.56 -0.85 -2.86
C GLU H 19 -15.92 -0.47 -3.42
N TRP H 20 -16.87 -1.43 -3.44
CA TRP H 20 -18.23 -1.09 -3.81
C TRP H 20 -19.02 -0.61 -2.60
N LEU H 21 -18.69 -1.13 -1.42
CA LEU H 21 -19.34 -0.69 -0.18
C LEU H 21 -19.04 0.77 0.12
N LEU H 22 -17.86 1.24 -0.25
CA LEU H 22 -17.51 2.63 0.00
C LEU H 22 -18.29 3.58 -0.90
N ASP H 23 -18.64 3.11 -2.10
CA ASP H 23 -19.35 3.97 -3.04
C ASP H 23 -20.81 4.15 -2.63
N ALA H 24 -21.40 3.11 -2.03
CA ALA H 24 -22.77 3.20 -1.54
C ALA H 24 -22.86 4.09 -0.31
N LEU H 25 -21.80 4.08 0.51
CA LEU H 25 -21.79 4.84 1.75
C LEU H 25 -21.25 6.24 1.56
N TYR H 26 -20.76 6.56 0.37
CA TYR H 26 -20.14 7.85 0.07
C TYR H 26 -21.24 8.90 -0.02
N GLY H 27 -20.98 10.07 0.56
CA GLY H 27 -21.93 11.16 0.59
C GLY H 27 -22.99 11.05 1.66
N LYS H 28 -23.53 9.86 1.91
CA LYS H 28 -24.49 9.63 2.98
C LYS H 28 -23.83 9.56 4.34
N VAL H 29 -22.75 8.80 4.45
CA VAL H 29 -21.93 8.79 5.66
C VAL H 29 -20.49 9.22 5.44
N LEU H 30 -19.79 8.64 4.48
CA LEU H 30 -18.36 8.82 4.35
C LEU H 30 -18.08 10.09 3.58
N THR H 31 -17.37 11.01 4.22
CA THR H 31 -16.82 12.18 3.55
C THR H 31 -15.65 11.76 2.66
N ASP H 32 -15.16 12.71 1.86
CA ASP H 32 -14.07 12.39 0.95
C ASP H 32 -12.77 12.22 1.72
N GLU H 33 -12.66 12.84 2.91
CA GLU H 33 -11.51 12.60 3.76
C GLU H 33 -11.61 11.24 4.44
N GLN H 34 -12.84 10.76 4.67
CA GLN H 34 -13.02 9.41 5.20
C GLN H 34 -12.98 8.36 4.11
N TYR H 35 -13.38 8.74 2.88
CA TYR H 35 -13.34 7.81 1.76
C TYR H 35 -11.91 7.46 1.38
N GLN H 36 -11.03 8.46 1.38
CA GLN H 36 -9.65 8.23 0.98
C GLN H 36 -8.84 7.56 2.07
N ALA H 37 -9.28 7.68 3.33
CA ALA H 37 -8.54 7.05 4.42
C ALA H 37 -8.74 5.55 4.43
N VAL H 38 -9.86 5.08 3.88
CA VAL H 38 -10.13 3.65 3.84
C VAL H 38 -9.32 2.99 2.73
N ARG H 39 -9.17 3.67 1.59
CA ARG H 39 -8.49 3.09 0.43
C ARG H 39 -6.96 3.15 0.58
N ALA H 40 -6.49 2.48 1.63
CA ALA H 40 -5.09 2.24 1.90
C ALA H 40 -5.01 1.04 2.81
N GLU H 41 -3.77 0.70 3.23
CA GLU H 41 -3.42 -0.54 3.94
C GLU H 41 -3.96 -1.72 3.15
N PRO H 42 -3.28 -2.11 2.06
CA PRO H 42 -3.98 -2.88 1.00
C PRO H 42 -4.37 -4.30 1.36
N THR H 43 -4.14 -4.76 2.59
CA THR H 43 -4.84 -5.94 3.04
C THR H 43 -6.32 -5.59 3.22
N ASN H 44 -7.17 -6.31 2.50
CA ASN H 44 -8.62 -6.13 2.41
C ASN H 44 -9.33 -6.19 3.77
N PRO H 45 -8.91 -6.99 4.78
CA PRO H 45 -9.50 -6.79 6.12
C PRO H 45 -9.16 -5.46 6.77
N SER H 46 -8.06 -4.80 6.39
CA SER H 46 -7.71 -3.55 7.05
C SER H 46 -8.50 -2.38 6.49
N LYS H 47 -9.11 -2.57 5.31
CA LYS H 47 -10.03 -1.56 4.80
C LYS H 47 -11.34 -1.59 5.56
N MET H 48 -11.71 -2.74 6.09
CA MET H 48 -12.88 -2.80 6.97
C MET H 48 -12.54 -2.28 8.35
N ARG H 49 -11.30 -2.49 8.81
CA ARG H 49 -10.88 -1.96 10.11
C ARG H 49 -10.83 -0.44 10.10
N LYS H 50 -10.52 0.14 8.94
CA LYS H 50 -10.61 1.60 8.81
C LYS H 50 -12.06 2.03 8.66
N LEU H 51 -12.91 1.16 8.11
CA LEU H 51 -14.32 1.50 7.95
C LEU H 51 -15.05 1.43 9.29
N PHE H 52 -14.71 0.45 10.13
CA PHE H 52 -15.32 0.41 11.46
C PHE H 52 -14.70 1.45 12.39
N SER H 53 -13.58 2.05 11.98
CA SER H 53 -12.99 3.13 12.76
C SER H 53 -13.85 4.39 12.77
N PHE H 54 -14.71 4.57 11.76
CA PHE H 54 -15.64 5.68 11.72
C PHE H 54 -17.03 5.28 12.19
N THR H 55 -17.23 4.01 12.50
CA THR H 55 -18.55 3.53 12.94
C THR H 55 -19.03 3.98 14.33
N PRO H 56 -18.18 4.26 15.35
CA PRO H 56 -18.75 4.82 16.59
C PRO H 56 -19.41 6.18 16.46
N ALA H 57 -19.13 6.93 15.39
CA ALA H 57 -19.81 8.21 15.21
C ALA H 57 -21.15 8.05 14.50
N TRP H 58 -21.56 6.82 14.23
CA TRP H 58 -22.78 6.56 13.47
C TRP H 58 -23.95 6.30 14.41
N ASN H 59 -25.15 6.63 13.95
CA ASN H 59 -26.37 6.26 14.66
C ASN H 59 -27.05 5.08 13.97
N TRP H 60 -28.25 4.78 14.45
CA TRP H 60 -28.95 3.57 14.01
C TRP H 60 -29.50 3.69 12.60
N THR H 61 -29.80 4.92 12.16
CA THR H 61 -30.46 5.09 10.86
C THR H 61 -29.48 5.05 9.70
N CYS H 62 -28.20 4.78 9.96
CA CYS H 62 -27.21 4.78 8.90
C CYS H 62 -26.29 3.57 9.01
N LYS H 63 -26.22 2.94 10.17
CA LYS H 63 -25.54 1.65 10.26
C LYS H 63 -26.33 0.57 9.54
N ASP H 64 -27.66 0.67 9.53
CA ASP H 64 -28.47 -0.24 8.74
C ASP H 64 -28.51 0.14 7.28
N LEU H 65 -28.04 1.34 6.94
CA LEU H 65 -27.84 1.69 5.53
C LEU H 65 -26.64 0.95 4.97
N LEU H 66 -25.66 0.62 5.82
CA LEU H 66 -24.55 -0.23 5.41
C LEU H 66 -24.98 -1.69 5.40
N LEU H 67 -26.00 -2.03 6.18
CA LEU H 67 -26.60 -3.34 6.08
C LEU H 67 -27.29 -3.54 4.75
N GLN H 68 -27.93 -2.48 4.23
CA GLN H 68 -28.53 -2.54 2.90
C GLN H 68 -27.47 -2.66 1.82
N ALA H 69 -26.31 -2.05 2.05
CA ALA H 69 -25.25 -2.11 1.05
C ALA H 69 -24.56 -3.47 1.06
N LEU H 70 -24.54 -4.14 2.22
CA LEU H 70 -24.01 -5.50 2.26
C LEU H 70 -25.00 -6.48 1.64
N ARG H 71 -26.30 -6.19 1.74
CA ARG H 71 -27.28 -7.10 1.16
C ARG H 71 -27.38 -6.92 -0.35
N GLU H 72 -27.10 -5.73 -0.84
CA GLU H 72 -27.04 -5.55 -2.29
C GLU H 72 -25.75 -6.13 -2.87
N SER H 73 -24.64 -6.00 -2.14
CA SER H 73 -23.36 -6.49 -2.60
C SER H 73 -23.24 -8.01 -2.45
N GLN H 74 -23.35 -8.50 -1.23
CA GLN H 74 -23.06 -9.91 -0.99
C GLN H 74 -24.30 -10.78 -1.15
N SER H 75 -25.29 -10.61 -0.26
CA SER H 75 -26.53 -11.37 -0.11
C SER H 75 -26.33 -12.83 0.34
N TYR H 76 -25.08 -13.27 0.46
CA TYR H 76 -24.80 -14.58 1.03
C TYR H 76 -24.00 -14.46 2.31
N LEU H 77 -23.22 -13.38 2.43
CA LEU H 77 -22.44 -13.16 3.65
C LEU H 77 -23.34 -12.74 4.80
N VAL H 78 -24.35 -11.90 4.52
CA VAL H 78 -25.30 -11.50 5.54
C VAL H 78 -26.14 -12.70 5.97
N GLU H 79 -26.51 -13.54 5.01
CA GLU H 79 -27.36 -14.69 5.32
C GLU H 79 -26.58 -15.78 6.04
N ASP H 80 -25.28 -15.90 5.77
CA ASP H 80 -24.47 -16.91 6.47
C ASP H 80 -24.18 -16.47 7.89
N LEU H 81 -24.15 -15.16 8.14
CA LEU H 81 -23.94 -14.65 9.49
C LEU H 81 -25.22 -14.72 10.31
N GLU H 82 -26.38 -14.54 9.68
CA GLU H 82 -27.64 -14.67 10.39
C GLU H 82 -27.96 -16.12 10.69
N ARG H 83 -27.66 -17.02 9.76
CA ARG H 83 -27.94 -18.44 9.95
C ARG H 83 -26.83 -19.10 10.75
N LEU I 1 13.29 -24.16 10.02
CA LEU I 1 14.64 -24.59 10.31
C LEU I 1 15.37 -23.33 10.74
N HIS I 2 16.59 -23.47 11.26
CA HIS I 2 17.47 -22.35 11.56
C HIS I 2 18.07 -21.82 10.25
N PHE I 3 17.96 -22.62 9.18
CA PHE I 3 18.27 -22.18 7.83
C PHE I 3 17.46 -20.95 7.44
N ILE I 4 16.21 -20.86 7.91
CA ILE I 4 15.37 -19.71 7.63
C ILE I 4 15.90 -18.47 8.34
N ASP I 5 16.38 -18.64 9.57
CA ASP I 5 16.80 -17.49 10.36
C ASP I 5 18.25 -17.11 10.12
N GLN I 6 19.07 -18.08 9.70
CA GLN I 6 20.47 -17.77 9.40
C GLN I 6 20.61 -17.01 8.10
N HIS I 7 19.80 -17.35 7.10
CA HIS I 7 19.90 -16.80 5.76
C HIS I 7 18.83 -15.74 5.49
N ARG I 8 18.53 -14.92 6.50
CA ARG I 8 17.38 -14.03 6.39
C ARG I 8 17.65 -12.89 5.41
N ALA I 9 18.90 -12.46 5.29
CA ALA I 9 19.21 -11.41 4.33
C ALA I 9 19.27 -11.95 2.91
N ALA I 10 19.53 -13.25 2.77
CA ALA I 10 19.59 -13.85 1.43
C ALA I 10 18.20 -14.22 0.94
N LEU I 11 17.31 -14.63 1.83
CA LEU I 11 15.98 -15.03 1.41
C LEU I 11 15.10 -13.82 1.12
N ILE I 12 15.48 -12.65 1.61
CA ILE I 12 14.77 -11.44 1.21
C ILE I 12 15.16 -11.06 -0.21
N ALA I 13 16.46 -10.98 -0.49
CA ALA I 13 16.91 -10.41 -1.74
C ALA I 13 16.78 -11.39 -2.90
N ARG I 14 16.76 -12.69 -2.63
CA ARG I 14 16.95 -13.68 -3.69
C ARG I 14 15.83 -14.70 -3.82
N VAL I 15 14.73 -14.57 -3.09
CA VAL I 15 13.53 -15.38 -3.34
C VAL I 15 12.67 -14.61 -4.33
N THR I 16 12.39 -15.24 -5.48
CA THR I 16 11.61 -14.63 -6.54
C THR I 16 10.34 -15.41 -6.88
N ASN I 17 9.88 -16.27 -5.97
CA ASN I 17 8.70 -17.09 -6.19
C ASN I 17 7.81 -17.03 -4.96
N VAL I 18 7.57 -15.80 -4.49
CA VAL I 18 6.89 -15.59 -3.21
C VAL I 18 5.42 -15.96 -3.32
N GLU I 19 4.82 -15.71 -4.49
CA GLU I 19 3.38 -15.91 -4.66
C GLU I 19 3.00 -17.39 -4.61
N TRP I 20 3.96 -18.27 -4.92
CA TRP I 20 3.71 -19.70 -4.73
C TRP I 20 4.04 -20.13 -3.31
N LEU I 21 5.02 -19.48 -2.69
CA LEU I 21 5.37 -19.76 -1.30
C LEU I 21 4.23 -19.43 -0.36
N LEU I 22 3.45 -18.40 -0.68
CA LEU I 22 2.33 -18.03 0.19
C LEU I 22 1.21 -19.05 0.11
N ASP I 23 1.06 -19.71 -1.03
CA ASP I 23 -0.01 -20.69 -1.20
C ASP I 23 0.28 -21.97 -0.43
N ALA I 24 1.56 -22.34 -0.36
CA ALA I 24 1.95 -23.53 0.40
C ALA I 24 1.83 -23.28 1.90
N LEU I 25 2.07 -22.04 2.33
CA LEU I 25 2.05 -21.70 3.74
C LEU I 25 0.66 -21.27 4.20
N TYR I 26 -0.29 -21.13 3.27
CA TYR I 26 -1.63 -20.66 3.57
C TYR I 26 -2.39 -21.76 4.30
N GLY I 27 -3.14 -21.37 5.34
CA GLY I 27 -3.89 -22.31 6.14
C GLY I 27 -3.09 -23.03 7.20
N LYS I 28 -1.86 -23.45 6.91
CA LYS I 28 -0.97 -24.07 7.87
C LYS I 28 -0.34 -23.05 8.80
N VAL I 29 0.18 -21.96 8.26
CA VAL I 29 0.65 -20.84 9.06
C VAL I 29 -0.06 -19.54 8.78
N LEU I 30 -0.15 -19.12 7.53
CA LEU I 30 -0.61 -17.77 7.19
C LEU I 30 -2.13 -17.75 7.16
N THR I 31 -2.71 -16.91 8.02
CA THR I 31 -4.12 -16.61 7.95
C THR I 31 -4.40 -15.72 6.75
N ASP I 32 -5.69 -15.50 6.47
CA ASP I 32 -6.07 -14.68 5.32
C ASP I 32 -5.74 -13.21 5.57
N GLU I 33 -5.70 -12.80 6.84
CA GLU I 33 -5.25 -11.45 7.16
C GLU I 33 -3.74 -11.33 7.03
N GLN I 34 -3.01 -12.43 7.23
CA GLN I 34 -1.58 -12.42 7.01
C GLN I 34 -1.24 -12.67 5.54
N TYR I 35 -2.11 -13.40 4.83
CA TYR I 35 -1.88 -13.66 3.41
C TYR I 35 -2.01 -12.38 2.59
N GLN I 36 -3.00 -11.56 2.92
CA GLN I 36 -3.24 -10.34 2.16
C GLN I 36 -2.25 -9.24 2.52
N ALA I 37 -1.66 -9.31 3.71
CA ALA I 37 -0.70 -8.28 4.11
C ALA I 37 0.62 -8.44 3.37
N VAL I 38 0.93 -9.66 2.93
CA VAL I 38 2.16 -9.90 2.20
C VAL I 38 2.05 -9.42 0.76
N ARG I 39 0.87 -9.60 0.15
CA ARG I 39 0.66 -9.27 -1.26
C ARG I 39 0.45 -7.76 -1.45
N ALA I 40 1.46 -7.00 -1.05
CA ALA I 40 1.56 -5.57 -1.26
C ALA I 40 3.03 -5.20 -1.16
N GLU I 41 3.33 -3.90 -1.28
CA GLU I 41 4.67 -3.33 -1.42
C GLU I 41 5.37 -4.04 -2.58
N PRO I 42 5.05 -3.70 -3.83
CA PRO I 42 5.29 -4.64 -4.95
C PRO I 42 6.75 -4.88 -5.31
N THR I 43 7.70 -4.30 -4.60
CA THR I 43 9.06 -4.83 -4.68
C THR I 43 9.09 -6.20 -4.02
N ASN I 44 9.47 -7.20 -4.81
CA ASN I 44 9.52 -8.61 -4.45
C ASN I 44 10.36 -8.93 -3.20
N PRO I 45 11.48 -8.23 -2.90
CA PRO I 45 12.07 -8.42 -1.56
C PRO I 45 11.22 -7.94 -0.40
N SER I 46 10.29 -7.01 -0.61
CA SER I 46 9.49 -6.52 0.51
C SER I 46 8.35 -7.46 0.83
N LYS I 47 8.02 -8.37 -0.09
CA LYS I 47 7.06 -9.41 0.22
C LYS I 47 7.68 -10.46 1.14
N MET I 48 8.99 -10.65 1.04
CA MET I 48 9.67 -11.52 1.99
C MET I 48 9.86 -10.82 3.34
N ARG I 49 10.07 -9.49 3.32
CA ARG I 49 10.20 -8.75 4.57
C ARG I 49 8.89 -8.74 5.34
N LYS I 50 7.76 -8.78 4.64
CA LYS I 50 6.49 -8.93 5.31
C LYS I 50 6.27 -10.37 5.74
N LEU I 51 6.88 -11.33 5.01
CA LEU I 51 6.75 -12.73 5.39
C LEU I 51 7.59 -13.06 6.61
N PHE I 52 8.79 -12.48 6.72
CA PHE I 52 9.59 -12.68 7.91
C PHE I 52 9.06 -11.86 9.09
N SER I 53 8.16 -10.91 8.82
CA SER I 53 7.54 -10.14 9.89
C SER I 53 6.62 -11.00 10.75
N PHE I 54 6.11 -12.11 10.21
CA PHE I 54 5.29 -13.04 10.98
C PHE I 54 6.09 -14.24 11.46
N THR I 55 7.37 -14.32 11.09
CA THR I 55 8.21 -15.45 11.50
C THR I 55 8.60 -15.53 12.99
N PRO I 56 8.74 -14.44 13.78
CA PRO I 56 8.97 -14.66 15.22
C PRO I 56 7.86 -15.35 15.97
N ALA I 57 6.64 -15.40 15.43
CA ALA I 57 5.57 -16.14 16.10
C ALA I 57 5.58 -17.62 15.74
N TRP I 58 6.56 -18.05 14.97
CA TRP I 58 6.59 -19.43 14.48
C TRP I 58 7.49 -20.30 15.37
N ASN I 59 7.17 -21.58 15.44
CA ASN I 59 8.03 -22.54 16.10
C ASN I 59 8.81 -23.36 15.08
N TRP I 60 9.51 -24.38 15.58
CA TRP I 60 10.44 -25.15 14.74
C TRP I 60 9.71 -26.06 13.77
N THR I 61 8.50 -26.50 14.11
CA THR I 61 7.81 -27.50 13.30
C THR I 61 7.10 -26.88 12.11
N CYS I 62 7.26 -25.57 11.89
CA CYS I 62 6.56 -24.92 10.80
C CYS I 62 7.48 -23.97 10.04
N LYS I 63 8.60 -23.58 10.65
CA LYS I 63 9.63 -22.86 9.89
C LYS I 63 10.32 -23.79 8.91
N ASP I 64 10.44 -25.08 9.26
CA ASP I 64 10.95 -26.06 8.31
C ASP I 64 9.90 -26.52 7.31
N LEU I 65 8.63 -26.19 7.56
CA LEU I 65 7.61 -26.39 6.55
C LEU I 65 7.75 -25.37 5.43
N LEU I 66 8.30 -24.20 5.74
CA LEU I 66 8.62 -23.23 4.70
C LEU I 66 9.94 -23.60 4.02
N LEU I 67 10.78 -24.36 4.72
CA LEU I 67 11.96 -24.94 4.07
C LEU I 67 11.56 -25.97 3.03
N GLN I 68 10.52 -26.74 3.31
CA GLN I 68 10.01 -27.69 2.33
C GLN I 68 9.39 -26.97 1.13
N ALA I 69 8.78 -25.81 1.38
CA ALA I 69 8.17 -25.06 0.29
C ALA I 69 9.22 -24.36 -0.57
N LEU I 70 10.36 -24.00 0.02
CA LEU I 70 11.44 -23.46 -0.78
C LEU I 70 12.14 -24.56 -1.58
N ARG I 71 12.16 -25.79 -1.06
CA ARG I 71 12.81 -26.87 -1.79
C ARG I 71 11.92 -27.39 -2.91
N GLU I 72 10.59 -27.28 -2.75
CA GLU I 72 9.72 -27.64 -3.86
C GLU I 72 9.71 -26.55 -4.92
N SER I 73 9.78 -25.27 -4.50
CA SER I 73 9.76 -24.16 -5.44
C SER I 73 11.09 -23.97 -6.13
N GLN I 74 12.15 -23.72 -5.36
CA GLN I 74 13.42 -23.35 -5.97
C GLN I 74 14.29 -24.57 -6.28
N SER I 75 14.75 -25.27 -5.24
CA SER I 75 15.68 -26.40 -5.24
C SER I 75 17.10 -26.05 -5.68
N TYR I 76 17.33 -24.81 -6.10
CA TYR I 76 18.69 -24.36 -6.38
C TYR I 76 19.09 -23.22 -5.45
N LEU I 77 18.11 -22.47 -4.96
CA LEU I 77 18.41 -21.39 -4.02
C LEU I 77 18.77 -21.94 -2.65
N VAL I 78 18.08 -23.01 -2.22
CA VAL I 78 18.40 -23.65 -0.96
C VAL I 78 19.78 -24.31 -1.04
N GLU I 79 20.08 -24.92 -2.20
CA GLU I 79 21.35 -25.62 -2.35
C GLU I 79 22.51 -24.64 -2.51
N ASP I 80 22.26 -23.46 -3.09
CA ASP I 80 23.32 -22.48 -3.23
C ASP I 80 23.62 -21.80 -1.89
N LEU I 81 22.62 -21.74 -1.01
CA LEU I 81 22.82 -21.18 0.31
C LEU I 81 23.52 -22.17 1.24
N GLU I 82 23.23 -23.46 1.08
CA GLU I 82 23.90 -24.47 1.89
C GLU I 82 25.35 -24.66 1.44
N ARG I 83 25.60 -24.61 0.13
CA ARG I 83 26.94 -24.80 -0.39
C ARG I 83 27.73 -23.49 -0.33
N LEU J 1 25.02 14.88 -12.72
CA LEU J 1 25.33 16.27 -13.01
C LEU J 1 24.34 17.07 -12.16
N HIS J 2 24.53 18.38 -12.10
CA HIS J 2 23.57 19.28 -11.46
C HIS J 2 22.38 19.49 -12.38
N PHE J 3 22.53 19.09 -13.66
CA PHE J 3 21.43 19.01 -14.60
C PHE J 3 20.32 18.10 -14.09
N ILE J 4 20.69 17.03 -13.37
CA ILE J 4 19.70 16.12 -12.80
C ILE J 4 18.92 16.80 -11.69
N ASP J 5 19.61 17.61 -10.88
CA ASP J 5 18.96 18.20 -9.71
C ASP J 5 18.28 19.51 -10.05
N GLN J 6 18.76 20.22 -11.08
CA GLN J 6 18.12 21.47 -11.48
C GLN J 6 16.79 21.23 -12.18
N HIS J 7 16.71 20.18 -12.99
CA HIS J 7 15.56 19.89 -13.82
C HIS J 7 14.70 18.77 -13.24
N ARG J 8 14.55 18.73 -11.91
CA ARG J 8 13.93 17.59 -11.27
C ARG J 8 12.43 17.54 -11.53
N ALA J 9 11.79 18.71 -11.69
CA ALA J 9 10.37 18.72 -11.99
C ALA J 9 10.12 18.40 -13.45
N ALA J 10 11.10 18.63 -14.31
CA ALA J 10 10.93 18.33 -15.73
C ALA J 10 11.21 16.86 -16.03
N LEU J 11 12.16 16.26 -15.31
CA LEU J 11 12.51 14.87 -15.57
C LEU J 11 11.49 13.92 -14.96
N ILE J 12 10.67 14.41 -14.03
CA ILE J 12 9.56 13.59 -13.56
C ILE J 12 8.46 13.56 -14.60
N ALA J 13 8.04 14.72 -15.08
CA ALA J 13 6.85 14.80 -15.92
C ALA J 13 7.12 14.38 -17.35
N ARG J 14 8.37 14.45 -17.82
CA ARG J 14 8.64 14.36 -19.24
C ARG J 14 9.63 13.27 -19.65
N VAL J 15 10.07 12.42 -18.72
CA VAL J 15 10.82 11.21 -19.08
C VAL J 15 9.82 10.09 -19.29
N THR J 16 9.83 9.51 -20.51
CA THR J 16 8.89 8.45 -20.88
C THR J 16 9.60 7.16 -21.28
N ASN J 17 10.85 6.99 -20.88
CA ASN J 17 11.63 5.81 -21.24
C ASN J 17 12.35 5.30 -19.98
N VAL J 18 11.59 5.18 -18.90
CA VAL J 18 12.15 4.87 -17.59
C VAL J 18 12.65 3.44 -17.54
N GLU J 19 11.96 2.53 -18.23
CA GLU J 19 12.28 1.11 -18.15
C GLU J 19 13.61 0.79 -18.81
N TRP J 20 14.06 1.64 -19.74
CA TRP J 20 15.40 1.48 -20.30
C TRP J 20 16.43 2.20 -19.43
N LEU J 21 16.02 3.30 -18.80
CA LEU J 21 16.90 4.03 -17.89
C LEU J 21 17.29 3.19 -16.68
N LEU J 22 16.38 2.33 -16.22
CA LEU J 22 16.68 1.49 -15.06
C LEU J 22 17.69 0.42 -15.41
N ASP J 23 17.70 -0.03 -16.67
CA ASP J 23 18.63 -1.09 -17.07
C ASP J 23 20.05 -0.57 -17.19
N ALA J 24 20.20 0.69 -17.61
CA ALA J 24 21.52 1.30 -17.71
C ALA J 24 22.08 1.59 -16.33
N LEU J 25 21.21 1.92 -15.38
CA LEU J 25 21.63 2.28 -14.03
C LEU J 25 21.71 1.07 -13.10
N TYR J 26 21.30 -0.10 -13.59
CA TYR J 26 21.27 -1.32 -12.79
C TYR J 26 22.69 -1.82 -12.60
N GLY J 27 23.00 -2.25 -11.38
CA GLY J 27 24.33 -2.73 -11.05
C GLY J 27 25.34 -1.65 -10.73
N LYS J 28 25.34 -0.55 -11.48
CA LYS J 28 26.20 0.58 -11.22
C LYS J 28 25.71 1.42 -10.05
N VAL J 29 24.42 1.75 -10.04
CA VAL J 29 23.80 2.40 -8.90
C VAL J 29 22.66 1.62 -8.28
N LEU J 30 21.69 1.17 -9.07
CA LEU J 30 20.46 0.61 -8.53
C LEU J 30 20.68 -0.85 -8.20
N THR J 31 20.49 -1.19 -6.92
CA THR J 31 20.43 -2.57 -6.50
C THR J 31 19.12 -3.19 -6.95
N ASP J 32 19.00 -4.52 -6.77
CA ASP J 32 17.79 -5.21 -7.19
C ASP J 32 16.62 -4.87 -6.29
N GLU J 33 16.90 -4.47 -5.05
CA GLU J 33 15.84 -3.99 -4.17
C GLU J 33 15.42 -2.58 -4.56
N GLN J 34 16.34 -1.80 -5.14
CA GLN J 34 15.98 -0.47 -5.64
C GLN J 34 15.41 -0.56 -7.05
N TYR J 35 15.81 -1.57 -7.81
CA TYR J 35 15.28 -1.74 -9.17
C TYR J 35 13.80 -2.12 -9.13
N GLN J 36 13.42 -3.00 -8.21
CA GLN J 36 12.05 -3.47 -8.13
C GLN J 36 11.14 -2.44 -7.49
N ALA J 37 11.70 -1.54 -6.68
CA ALA J 37 10.87 -0.53 -6.03
C ALA J 37 10.42 0.53 -7.02
N VAL J 38 11.19 0.73 -8.09
CA VAL J 38 10.81 1.73 -9.09
C VAL J 38 9.70 1.19 -9.98
N ARG J 39 9.74 -0.10 -10.32
CA ARG J 39 8.78 -0.69 -11.25
C ARG J 39 7.45 -0.98 -10.56
N ALA J 40 6.83 0.08 -10.06
CA ALA J 40 5.49 0.09 -9.50
C ALA J 40 4.99 1.52 -9.56
N GLU J 41 3.77 1.75 -9.03
CA GLU J 41 3.00 2.99 -9.16
C GLU J 41 2.92 3.35 -10.63
N PRO J 42 2.04 2.69 -11.41
CA PRO J 42 2.24 2.62 -12.87
C PRO J 42 2.03 3.92 -13.62
N THR J 43 1.74 5.04 -12.96
CA THR J 43 1.92 6.32 -13.60
C THR J 43 3.41 6.56 -13.80
N ASN J 44 3.80 6.73 -15.05
CA ASN J 44 5.18 6.91 -15.51
C ASN J 44 5.93 8.08 -14.85
N PRO J 45 5.31 9.22 -14.48
CA PRO J 45 6.04 10.17 -13.63
C PRO J 45 6.36 9.66 -12.23
N SER J 46 5.61 8.69 -11.70
CA SER J 46 5.89 8.22 -10.35
C SER J 46 7.04 7.23 -10.32
N LYS J 47 7.40 6.68 -11.47
CA LYS J 47 8.61 5.86 -11.56
C LYS J 47 9.85 6.74 -11.50
N MET J 48 9.75 7.97 -11.98
CA MET J 48 10.86 8.91 -11.81
C MET J 48 10.90 9.45 -10.38
N ARG J 49 9.74 9.61 -9.75
CA ARG J 49 9.71 10.08 -8.35
C ARG J 49 10.30 9.03 -7.42
N LYS J 50 10.17 7.75 -7.76
CA LYS J 50 10.85 6.72 -7.01
C LYS J 50 12.33 6.66 -7.37
N LEU J 51 12.67 7.06 -8.60
CA LEU J 51 14.07 7.07 -9.01
C LEU J 51 14.82 8.23 -8.37
N PHE J 52 14.19 9.39 -8.25
CA PHE J 52 14.83 10.51 -7.55
C PHE J 52 14.81 10.31 -6.05
N SER J 53 14.01 9.35 -5.55
CA SER J 53 14.00 9.03 -4.14
C SER J 53 15.31 8.40 -3.68
N PHE J 54 16.06 7.78 -4.58
CA PHE J 54 17.38 7.24 -4.27
C PHE J 54 18.51 8.16 -4.68
N THR J 55 18.18 9.29 -5.32
CA THR J 55 19.21 10.23 -5.77
C THR J 55 19.95 11.02 -4.69
N PRO J 56 19.40 11.34 -3.49
CA PRO J 56 20.28 11.99 -2.48
C PRO J 56 21.43 11.14 -1.97
N ALA J 57 21.40 9.82 -2.17
CA ALA J 57 22.53 8.99 -1.77
C ALA J 57 23.60 8.93 -2.84
N TRP J 58 23.43 9.66 -3.94
CA TRP J 58 24.35 9.59 -5.06
C TRP J 58 25.39 10.72 -4.99
N ASN J 59 26.57 10.45 -5.54
CA ASN J 59 27.57 11.49 -5.71
C ASN J 59 27.63 11.97 -7.15
N TRP J 60 28.62 12.79 -7.44
CA TRP J 60 28.69 13.47 -8.73
C TRP J 60 29.11 12.53 -9.84
N THR J 61 29.86 11.46 -9.52
CA THR J 61 30.41 10.59 -10.56
C THR J 61 29.40 9.58 -11.06
N CYS J 62 28.16 9.64 -10.58
CA CYS J 62 27.17 8.65 -10.97
C CYS J 62 25.83 9.31 -11.30
N LYS J 63 25.61 10.54 -10.84
CA LYS J 63 24.46 11.31 -11.32
C LYS J 63 24.65 11.70 -12.77
N ASP J 64 25.90 11.94 -13.19
CA ASP J 64 26.16 12.20 -14.60
C ASP J 64 26.22 10.92 -15.41
N LEU J 65 26.28 9.76 -14.76
CA LEU J 65 26.10 8.50 -15.47
C LEU J 65 24.66 8.31 -15.88
N LEU J 66 23.72 8.90 -15.12
CA LEU J 66 22.32 8.91 -15.54
C LEU J 66 22.09 9.98 -16.58
N LEU J 67 22.94 11.00 -16.60
CA LEU J 67 22.92 11.97 -17.71
C LEU J 67 23.34 11.31 -19.01
N GLN J 68 24.30 10.40 -18.96
CA GLN J 68 24.70 9.65 -20.15
C GLN J 68 23.59 8.72 -20.60
N ALA J 69 22.83 8.18 -19.65
CA ALA J 69 21.74 7.27 -20.01
C ALA J 69 20.55 8.03 -20.58
N LEU J 70 20.36 9.28 -20.17
CA LEU J 70 19.31 10.09 -20.78
C LEU J 70 19.73 10.56 -22.17
N ARG J 71 21.02 10.76 -22.39
CA ARG J 71 21.49 11.18 -23.71
C ARG J 71 21.49 10.04 -24.70
N GLU J 72 21.71 8.81 -24.23
CA GLU J 72 21.59 7.66 -25.12
C GLU J 72 20.14 7.33 -25.40
N SER J 73 19.27 7.50 -24.42
CA SER J 73 17.84 7.19 -24.59
C SER J 73 17.12 8.27 -25.36
N GLN J 74 17.12 9.50 -24.83
CA GLN J 74 16.29 10.54 -25.42
C GLN J 74 17.02 11.31 -26.51
N SER J 75 18.06 12.06 -26.13
CA SER J 75 18.88 12.98 -26.94
C SER J 75 18.12 14.21 -27.44
N TYR J 76 16.81 14.28 -27.18
CA TYR J 76 16.07 15.50 -27.48
C TYR J 76 15.52 16.13 -26.21
N LEU J 77 15.28 15.30 -25.18
CA LEU J 77 14.79 15.83 -23.91
C LEU J 77 15.88 16.57 -23.16
N VAL J 78 17.12 16.05 -23.22
CA VAL J 78 18.25 16.73 -22.59
C VAL J 78 18.54 18.03 -23.32
N GLU J 79 18.42 18.01 -24.66
CA GLU J 79 18.73 19.20 -25.44
C GLU J 79 17.64 20.26 -25.31
N ASP J 80 16.38 19.83 -25.11
CA ASP J 80 15.31 20.80 -24.95
C ASP J 80 15.36 21.44 -23.57
N LEU J 81 15.90 20.72 -22.59
CA LEU J 81 16.05 21.27 -21.24
C LEU J 81 17.26 22.21 -21.17
N GLU J 82 18.31 21.92 -21.92
CA GLU J 82 19.47 22.82 -21.94
C GLU J 82 19.17 24.08 -22.74
N ARG J 83 18.44 23.96 -23.84
CA ARG J 83 18.10 25.11 -24.67
C ARG J 83 16.89 25.85 -24.11
N LEU K 1 -21.48 18.95 -13.42
CA LEU K 1 -22.85 19.13 -12.99
C LEU K 1 -22.95 18.40 -11.65
N HIS K 2 -24.06 18.57 -10.94
CA HIS K 2 -24.35 17.81 -9.73
C HIS K 2 -24.79 16.40 -10.11
N PHE K 3 -25.12 16.21 -11.39
CA PHE K 3 -25.34 14.88 -11.96
C PHE K 3 -24.11 13.98 -11.77
N ILE K 4 -22.91 14.56 -11.83
CA ILE K 4 -21.68 13.80 -11.62
C ILE K 4 -21.58 13.34 -10.17
N ASP K 5 -21.98 14.21 -9.24
CA ASP K 5 -21.79 13.90 -7.83
C ASP K 5 -22.97 13.12 -7.25
N GLN K 6 -24.16 13.28 -7.84
CA GLN K 6 -25.31 12.53 -7.36
C GLN K 6 -25.24 11.06 -7.76
N HIS K 7 -24.74 10.78 -8.96
CA HIS K 7 -24.72 9.44 -9.53
C HIS K 7 -23.33 8.81 -9.46
N ARG K 8 -22.62 9.04 -8.36
CA ARG K 8 -21.21 8.64 -8.29
C ARG K 8 -21.06 7.14 -8.19
N ALA K 9 -22.02 6.46 -7.56
CA ALA K 9 -21.95 5.00 -7.47
C ALA K 9 -22.36 4.36 -8.79
N ALA K 10 -23.15 5.06 -9.59
CA ALA K 10 -23.58 4.51 -10.87
C ALA K 10 -22.53 4.73 -11.96
N LEU K 11 -21.82 5.85 -11.89
CA LEU K 11 -20.83 6.14 -12.92
C LEU K 11 -19.55 5.35 -12.69
N ILE K 12 -19.36 4.82 -11.49
CA ILE K 12 -18.24 3.91 -11.29
C ILE K 12 -18.55 2.55 -11.91
N ALA K 13 -19.72 2.00 -11.59
CA ALA K 13 -20.01 0.63 -11.96
C ALA K 13 -20.41 0.49 -13.43
N ARG K 14 -20.91 1.55 -14.05
CA ARG K 14 -21.59 1.41 -15.32
C ARG K 14 -21.03 2.28 -16.46
N VAL K 15 -19.91 2.98 -16.25
CA VAL K 15 -19.19 3.63 -17.35
C VAL K 15 -18.18 2.63 -17.89
N THR K 16 -18.30 2.31 -19.18
CA THR K 16 -17.43 1.34 -19.84
C THR K 16 -16.66 1.93 -21.00
N ASN K 17 -16.52 3.25 -21.05
CA ASN K 17 -15.82 3.93 -22.14
C ASN K 17 -14.88 4.98 -21.55
N VAL K 18 -14.10 4.54 -20.55
CA VAL K 18 -13.29 5.46 -19.77
C VAL K 18 -12.12 5.99 -20.60
N GLU K 19 -11.59 5.15 -21.48
CA GLU K 19 -10.39 5.51 -22.24
C GLU K 19 -10.67 6.62 -23.25
N TRP K 20 -11.93 6.76 -23.66
CA TRP K 20 -12.30 7.90 -24.50
C TRP K 20 -12.64 9.11 -23.65
N LEU K 21 -13.20 8.87 -22.46
CA LEU K 21 -13.51 9.95 -21.52
C LEU K 21 -12.26 10.68 -21.08
N LEU K 22 -11.15 9.97 -20.94
CA LEU K 22 -9.90 10.59 -20.50
C LEU K 22 -9.33 11.49 -21.58
N ASP K 23 -9.57 11.16 -22.85
CA ASP K 23 -9.04 11.95 -23.95
C ASP K 23 -9.78 13.27 -24.10
N ALA K 24 -11.08 13.27 -23.81
CA ALA K 24 -11.86 14.50 -23.87
C ALA K 24 -11.51 15.42 -22.70
N LEU K 25 -11.16 14.84 -21.56
CA LEU K 25 -10.88 15.62 -20.36
C LEU K 25 -9.40 15.98 -20.26
N TYR K 26 -8.57 15.47 -21.18
CA TYR K 26 -7.13 15.70 -21.16
C TYR K 26 -6.85 17.12 -21.59
N GLY K 27 -5.91 17.77 -20.89
CA GLY K 27 -5.57 19.15 -21.18
C GLY K 27 -6.50 20.18 -20.58
N LYS K 28 -7.80 19.96 -20.60
CA LYS K 28 -8.78 20.84 -19.99
C LYS K 28 -8.83 20.66 -18.48
N VAL K 29 -8.89 19.42 -18.01
CA VAL K 29 -8.77 19.12 -16.59
C VAL K 29 -7.59 18.23 -16.23
N LEU K 30 -7.46 17.09 -16.89
CA LEU K 30 -6.51 16.07 -16.48
C LEU K 30 -5.13 16.39 -17.02
N THR K 31 -4.18 16.59 -16.12
CA THR K 31 -2.78 16.67 -16.49
C THR K 31 -2.25 15.30 -16.89
N ASP K 32 -1.03 15.27 -17.41
CA ASP K 32 -0.45 14.00 -17.85
C ASP K 32 -0.09 13.13 -16.66
N GLU K 33 0.15 13.73 -15.50
CA GLU K 33 0.36 12.95 -14.29
C GLU K 33 -0.97 12.41 -13.76
N GLN K 34 -2.07 13.11 -14.03
CA GLN K 34 -3.38 12.60 -13.67
C GLN K 34 -3.93 11.65 -14.73
N TYR K 35 -3.53 11.85 -15.99
CA TYR K 35 -3.96 10.96 -17.06
C TYR K 35 -3.39 9.57 -16.89
N GLN K 36 -2.10 9.49 -16.52
CA GLN K 36 -1.45 8.19 -16.40
C GLN K 36 -1.84 7.48 -15.12
N ALA K 37 -2.29 8.22 -14.11
CA ALA K 37 -2.70 7.59 -12.86
C ALA K 37 -4.01 6.85 -13.01
N VAL K 38 -4.85 7.29 -13.95
CA VAL K 38 -6.13 6.63 -14.16
C VAL K 38 -5.95 5.32 -14.92
N ARG K 39 -5.03 5.30 -15.89
CA ARG K 39 -4.82 4.12 -16.74
C ARG K 39 -4.01 3.04 -16.03
N ALA K 40 -4.55 2.57 -14.93
CA ALA K 40 -4.06 1.44 -14.16
C ALA K 40 -5.23 0.91 -13.34
N GLU K 41 -4.95 -0.11 -12.51
CA GLU K 41 -5.94 -0.92 -11.79
C GLU K 41 -6.98 -1.42 -12.78
N PRO K 42 -6.65 -2.47 -13.57
CA PRO K 42 -7.37 -2.67 -14.85
C PRO K 42 -8.82 -3.12 -14.73
N THR K 43 -9.37 -3.24 -13.53
CA THR K 43 -10.83 -3.27 -13.43
C THR K 43 -11.38 -1.90 -13.79
N ASN K 44 -12.21 -1.88 -14.82
CA ASN K 44 -12.83 -0.70 -15.42
C ASN K 44 -13.60 0.18 -14.43
N PRO K 45 -14.28 -0.34 -13.39
CA PRO K 45 -14.78 0.58 -12.35
C PRO K 45 -13.70 1.29 -11.55
N SER K 46 -12.49 0.75 -11.46
CA SER K 46 -11.46 1.40 -10.66
C SER K 46 -10.79 2.54 -11.41
N LYS K 47 -10.96 2.57 -12.74
CA LYS K 47 -10.52 3.73 -13.50
C LYS K 47 -11.43 4.92 -13.27
N MET K 48 -12.71 4.65 -12.99
CA MET K 48 -13.60 5.74 -12.61
C MET K 48 -13.36 6.17 -11.17
N ARG K 49 -12.97 5.23 -10.30
CA ARG K 49 -12.67 5.59 -8.91
C ARG K 49 -11.42 6.44 -8.83
N LYS K 50 -10.47 6.24 -9.75
CA LYS K 50 -9.33 7.13 -9.83
C LYS K 50 -9.71 8.44 -10.49
N LEU K 51 -10.72 8.42 -11.37
CA LEU K 51 -11.17 9.65 -12.02
C LEU K 51 -11.96 10.52 -11.06
N PHE K 52 -12.79 9.92 -10.19
CA PHE K 52 -13.49 10.71 -9.18
C PHE K 52 -12.56 11.11 -8.05
N SER K 53 -11.37 10.51 -7.97
CA SER K 53 -10.39 10.91 -6.97
C SER K 53 -9.83 12.30 -7.23
N PHE K 54 -9.89 12.79 -8.46
CA PHE K 54 -9.48 14.15 -8.79
C PHE K 54 -10.66 15.09 -8.89
N THR K 55 -11.89 14.59 -8.75
CA THR K 55 -13.08 15.42 -8.85
C THR K 55 -13.33 16.42 -7.72
N PRO K 56 -12.92 16.22 -6.45
CA PRO K 56 -13.10 17.32 -5.48
C PRO K 56 -12.32 18.59 -5.77
N ALA K 57 -11.29 18.53 -6.62
CA ALA K 57 -10.57 19.75 -6.98
C ALA K 57 -11.24 20.48 -8.14
N TRP K 58 -12.38 20.00 -8.61
CA TRP K 58 -13.03 20.57 -9.77
C TRP K 58 -14.12 21.55 -9.35
N ASN K 59 -14.37 22.53 -10.21
CA ASN K 59 -15.50 23.43 -10.03
C ASN K 59 -16.65 23.07 -10.98
N TRP K 60 -17.66 23.93 -11.00
CA TRP K 60 -18.89 23.63 -11.72
C TRP K 60 -18.72 23.73 -13.23
N THR K 61 -17.78 24.56 -13.68
CA THR K 61 -17.66 24.83 -15.12
C THR K 61 -16.86 23.74 -15.84
N CYS K 62 -16.47 22.68 -15.12
CA CYS K 62 -15.67 21.64 -15.75
C CYS K 62 -16.16 20.25 -15.38
N LYS K 63 -16.95 20.14 -14.29
CA LYS K 63 -17.64 18.88 -14.02
C LYS K 63 -18.75 18.65 -15.04
N ASP K 64 -19.37 19.72 -15.54
CA ASP K 64 -20.34 19.58 -16.62
C ASP K 64 -19.67 19.44 -17.98
N LEU K 65 -18.36 19.70 -18.06
CA LEU K 65 -17.62 19.38 -19.27
C LEU K 65 -17.42 17.87 -19.37
N LEU K 66 -17.39 17.17 -18.24
CA LEU K 66 -17.37 15.72 -18.26
C LEU K 66 -18.77 15.17 -18.49
N LEU K 67 -19.79 15.96 -18.17
CA LEU K 67 -21.15 15.61 -18.55
C LEU K 67 -21.33 15.65 -20.07
N GLN K 68 -20.69 16.63 -20.72
CA GLN K 68 -20.71 16.68 -22.17
C GLN K 68 -19.96 15.51 -22.80
N ALA K 69 -18.90 15.05 -22.12
CA ALA K 69 -18.13 13.94 -22.65
C ALA K 69 -18.85 12.62 -22.46
N LEU K 70 -19.67 12.51 -21.41
CA LEU K 70 -20.50 11.33 -21.25
C LEU K 70 -21.66 11.32 -22.23
N ARG K 71 -22.15 12.51 -22.61
CA ARG K 71 -23.26 12.57 -23.56
C ARG K 71 -22.78 12.33 -24.98
N GLU K 72 -21.54 12.69 -25.29
CA GLU K 72 -20.99 12.36 -26.60
C GLU K 72 -20.61 10.89 -26.68
N SER K 73 -20.11 10.32 -25.58
CA SER K 73 -19.70 8.92 -25.56
C SER K 73 -20.90 7.98 -25.46
N GLN K 74 -21.66 8.10 -24.38
CA GLN K 74 -22.71 7.11 -24.13
C GLN K 74 -24.03 7.49 -24.78
N SER K 75 -24.65 8.59 -24.31
CA SER K 75 -25.98 9.13 -24.67
C SER K 75 -27.14 8.23 -24.26
N TYR K 76 -26.86 7.05 -23.72
CA TYR K 76 -27.92 6.22 -23.15
C TYR K 76 -27.72 6.02 -21.65
N LEU K 77 -26.48 6.12 -21.19
CA LEU K 77 -26.20 5.98 -19.77
C LEU K 77 -26.64 7.22 -19.02
N VAL K 78 -26.43 8.40 -19.60
CA VAL K 78 -26.88 9.64 -18.99
C VAL K 78 -28.39 9.70 -18.97
N GLU K 79 -29.03 9.21 -20.04
CA GLU K 79 -30.48 9.26 -20.13
C GLU K 79 -31.13 8.22 -19.22
N ASP K 80 -30.46 7.09 -19.00
CA ASP K 80 -31.02 6.07 -18.11
C ASP K 80 -30.89 6.49 -16.65
N LEU K 81 -29.87 7.31 -16.35
CA LEU K 81 -29.69 7.82 -14.99
C LEU K 81 -30.65 8.97 -14.71
N GLU K 82 -30.96 9.79 -15.72
CA GLU K 82 -31.92 10.86 -15.52
C GLU K 82 -33.34 10.33 -15.44
N ARG K 83 -33.67 9.32 -16.24
CA ARG K 83 -35.00 8.74 -16.24
C ARG K 83 -35.16 7.72 -15.12
N LEU L 1 -17.61 -26.00 -1.31
CA LEU L 1 -17.32 -27.20 -0.57
C LEU L 1 -16.02 -26.91 0.17
N HIS L 2 -15.62 -27.77 1.09
CA HIS L 2 -14.32 -27.69 1.76
C HIS L 2 -13.24 -28.19 0.80
N PHE L 3 -13.66 -28.87 -0.28
CA PHE L 3 -12.78 -29.20 -1.40
C PHE L 3 -12.12 -27.96 -1.99
N ILE L 4 -12.84 -26.84 -2.01
CA ILE L 4 -12.30 -25.58 -2.51
C ILE L 4 -11.20 -25.06 -1.59
N ASP L 5 -11.41 -25.20 -0.28
CA ASP L 5 -10.47 -24.62 0.68
C ASP L 5 -9.32 -25.58 0.99
N GLN L 6 -9.54 -26.88 0.86
CA GLN L 6 -8.48 -27.85 1.13
C GLN L 6 -7.45 -27.84 0.01
N HIS L 7 -7.89 -27.70 -1.24
CA HIS L 7 -7.05 -27.80 -2.42
C HIS L 7 -6.70 -26.44 -2.99
N ARG L 8 -6.47 -25.45 -2.13
CA ARG L 8 -6.33 -24.08 -2.60
C ARG L 8 -5.02 -23.86 -3.36
N ALA L 9 -3.97 -24.60 -2.98
CA ALA L 9 -2.70 -24.47 -3.69
C ALA L 9 -2.75 -25.21 -5.01
N ALA L 10 -3.61 -26.23 -5.13
CA ALA L 10 -3.71 -26.98 -6.37
C ALA L 10 -4.62 -26.28 -7.38
N LEU L 11 -5.66 -25.60 -6.90
CA LEU L 11 -6.59 -24.94 -7.81
C LEU L 11 -6.01 -23.63 -8.33
N ILE L 12 -4.99 -23.09 -7.66
CA ILE L 12 -4.29 -21.95 -8.23
C ILE L 12 -3.41 -22.40 -9.38
N ALA L 13 -2.58 -23.42 -9.15
CA ALA L 13 -1.55 -23.76 -10.12
C ALA L 13 -2.11 -24.54 -11.29
N ARG L 14 -3.24 -25.22 -11.13
CA ARG L 14 -3.65 -26.23 -12.10
C ARG L 14 -5.04 -26.03 -12.70
N VAL L 15 -5.72 -24.91 -12.41
CA VAL L 15 -6.93 -24.55 -13.12
C VAL L 15 -6.53 -23.71 -14.33
N THR L 16 -6.89 -24.17 -15.53
CA THR L 16 -6.53 -23.50 -16.77
C THR L 16 -7.74 -23.10 -17.59
N ASN L 17 -8.92 -23.00 -16.96
CA ASN L 17 -10.15 -22.65 -17.66
C ASN L 17 -10.90 -21.60 -16.83
N VAL L 18 -10.16 -20.58 -16.41
CA VAL L 18 -10.69 -19.59 -15.47
C VAL L 18 -11.74 -18.71 -16.14
N GLU L 19 -11.57 -18.43 -17.43
CA GLU L 19 -12.45 -17.50 -18.13
C GLU L 19 -13.85 -18.08 -18.30
N TRP L 20 -13.97 -19.41 -18.28
CA TRP L 20 -15.29 -20.02 -18.29
C TRP L 20 -15.83 -20.15 -16.87
N LEU L 21 -14.94 -20.34 -15.90
CA LEU L 21 -15.34 -20.40 -14.49
C LEU L 21 -15.95 -19.09 -14.03
N LEU L 22 -15.45 -17.96 -14.55
CA LEU L 22 -15.98 -16.66 -14.14
C LEU L 22 -17.37 -16.44 -14.68
N ASP L 23 -17.69 -17.03 -15.83
CA ASP L 23 -19.00 -16.83 -16.44
C ASP L 23 -20.07 -17.60 -15.69
N ALA L 24 -19.71 -18.78 -15.17
CA ALA L 24 -20.66 -19.58 -14.39
C ALA L 24 -20.91 -18.94 -13.03
N LEU L 25 -19.90 -18.28 -12.48
CA LEU L 25 -20.00 -17.68 -11.15
C LEU L 25 -20.52 -16.24 -11.21
N TYR L 26 -20.67 -15.69 -12.42
CA TYR L 26 -21.09 -14.31 -12.61
C TYR L 26 -22.57 -14.19 -12.27
N GLY L 27 -22.93 -13.12 -11.56
CA GLY L 27 -24.30 -12.89 -11.15
C GLY L 27 -24.72 -13.63 -9.91
N LYS L 28 -24.33 -14.89 -9.76
CA LYS L 28 -24.60 -15.68 -8.56
C LYS L 28 -23.68 -15.30 -7.41
N VAL L 29 -22.39 -15.20 -7.67
CA VAL L 29 -21.45 -14.68 -6.68
C VAL L 29 -20.70 -13.44 -7.13
N LEU L 30 -20.10 -13.46 -8.30
CA LEU L 30 -19.18 -12.41 -8.72
C LEU L 30 -19.96 -11.25 -9.30
N THR L 31 -19.81 -10.09 -8.67
CA THR L 31 -20.31 -8.85 -9.24
C THR L 31 -19.43 -8.43 -10.41
N ASP L 32 -19.87 -7.39 -11.12
CA ASP L 32 -19.11 -6.93 -12.29
C ASP L 32 -17.83 -6.24 -11.86
N GLU L 33 -17.80 -5.69 -10.64
CA GLU L 33 -16.56 -5.14 -10.11
C GLU L 33 -15.61 -6.25 -9.66
N GLN L 34 -16.17 -7.40 -9.26
CA GLN L 34 -15.33 -8.55 -8.94
C GLN L 34 -14.98 -9.35 -10.19
N TYR L 35 -15.83 -9.31 -11.22
CA TYR L 35 -15.56 -10.01 -12.46
C TYR L 35 -14.38 -9.38 -13.19
N GLN L 36 -14.33 -8.04 -13.21
CA GLN L 36 -13.28 -7.35 -13.94
C GLN L 36 -11.96 -7.36 -13.18
N ALA L 37 -12.01 -7.53 -11.86
CA ALA L 37 -10.78 -7.55 -11.07
C ALA L 37 -10.01 -8.84 -11.29
N VAL L 38 -10.71 -9.92 -11.65
CA VAL L 38 -10.05 -11.19 -11.88
C VAL L 38 -9.35 -11.19 -13.23
N ARG L 39 -9.98 -10.57 -14.25
CA ARG L 39 -9.45 -10.59 -15.60
C ARG L 39 -8.29 -9.58 -15.77
N ALA L 40 -7.25 -9.80 -14.99
CA ALA L 40 -5.99 -9.08 -15.07
C ALA L 40 -4.94 -9.97 -14.42
N GLU L 41 -3.70 -9.44 -14.34
CA GLU L 41 -2.49 -10.16 -13.95
C GLU L 41 -2.38 -11.43 -14.81
N PRO L 42 -1.95 -11.31 -16.06
CA PRO L 42 -2.29 -12.35 -17.07
C PRO L 42 -1.61 -13.70 -16.88
N THR L 43 -0.82 -13.90 -15.83
CA THR L 43 -0.50 -15.26 -15.44
C THR L 43 -1.75 -15.92 -14.89
N ASN L 44 -2.14 -17.01 -15.54
CA ASN L 44 -3.35 -17.79 -15.26
C ASN L 44 -3.48 -18.28 -13.81
N PRO L 45 -2.40 -18.64 -13.08
CA PRO L 45 -2.59 -18.85 -11.63
C PRO L 45 -2.95 -17.60 -10.84
N SER L 46 -2.66 -16.41 -11.33
CA SER L 46 -2.97 -15.21 -10.55
C SER L 46 -4.43 -14.81 -10.73
N LYS L 47 -5.09 -15.33 -11.76
CA LYS L 47 -6.53 -15.14 -11.88
C LYS L 47 -7.27 -15.99 -10.86
N MET L 48 -6.70 -17.13 -10.48
CA MET L 48 -7.29 -17.91 -9.39
C MET L 48 -6.97 -17.28 -8.03
N ARG L 49 -5.79 -16.65 -7.90
CA ARG L 49 -5.45 -15.98 -6.66
C ARG L 49 -6.35 -14.77 -6.41
N LYS L 50 -6.80 -14.13 -7.49
CA LYS L 50 -7.78 -13.07 -7.35
C LYS L 50 -9.17 -13.65 -7.10
N LEU L 51 -9.42 -14.86 -7.61
CA LEU L 51 -10.71 -15.50 -7.39
C LEU L 51 -10.85 -16.01 -5.96
N PHE L 52 -9.76 -16.54 -5.40
CA PHE L 52 -9.81 -16.95 -3.99
C PHE L 52 -9.74 -15.75 -3.06
N SER L 53 -9.39 -14.58 -3.58
CA SER L 53 -9.38 -13.36 -2.77
C SER L 53 -10.79 -12.94 -2.37
N PHE L 54 -11.81 -13.35 -3.11
CA PHE L 54 -13.20 -13.08 -2.76
C PHE L 54 -13.86 -14.27 -2.07
N THR L 55 -13.15 -15.39 -1.95
CA THR L 55 -13.72 -16.58 -1.33
C THR L 55 -13.96 -16.54 0.18
N PRO L 56 -13.22 -15.78 1.03
CA PRO L 56 -13.63 -15.71 2.44
C PRO L 56 -14.99 -15.07 2.70
N ALA L 57 -15.53 -14.32 1.74
CA ALA L 57 -16.88 -13.75 1.93
C ALA L 57 -17.97 -14.74 1.51
N TRP L 58 -17.59 -15.96 1.13
CA TRP L 58 -18.55 -16.92 0.63
C TRP L 58 -19.00 -17.86 1.73
N ASN L 59 -20.23 -18.37 1.60
CA ASN L 59 -20.70 -19.42 2.48
C ASN L 59 -20.69 -20.78 1.77
N TRP L 60 -21.26 -21.78 2.43
CA TRP L 60 -21.16 -23.15 1.96
C TRP L 60 -22.03 -23.40 0.74
N THR L 61 -23.13 -22.65 0.59
CA THR L 61 -24.08 -22.94 -0.48
C THR L 61 -23.65 -22.35 -1.82
N CYS L 62 -22.46 -21.75 -1.88
CA CYS L 62 -22.02 -21.13 -3.12
C CYS L 62 -20.57 -21.47 -3.43
N LYS L 63 -19.81 -21.92 -2.43
CA LYS L 63 -18.49 -22.49 -2.71
C LYS L 63 -18.62 -23.82 -3.42
N ASP L 64 -19.67 -24.59 -3.12
CA ASP L 64 -19.93 -25.81 -3.87
C ASP L 64 -20.61 -25.54 -5.21
N LEU L 65 -21.08 -24.32 -5.43
CA LEU L 65 -21.54 -23.93 -6.76
C LEU L 65 -20.35 -23.74 -7.69
N LEU L 66 -19.19 -23.37 -7.12
CA LEU L 66 -17.97 -23.33 -7.92
C LEU L 66 -17.39 -24.73 -8.08
N LEU L 67 -17.73 -25.64 -7.17
CA LEU L 67 -17.39 -27.04 -7.36
C LEU L 67 -18.16 -27.63 -8.54
N GLN L 68 -19.41 -27.21 -8.71
CA GLN L 68 -20.20 -27.64 -9.86
C GLN L 68 -19.64 -27.07 -11.16
N ALA L 69 -19.08 -25.86 -11.09
CA ALA L 69 -18.54 -25.24 -12.28
C ALA L 69 -17.19 -25.86 -12.65
N LEU L 70 -16.44 -26.35 -11.67
CA LEU L 70 -15.22 -27.07 -11.98
C LEU L 70 -15.51 -28.45 -12.52
N ARG L 71 -16.62 -29.07 -12.09
CA ARG L 71 -16.97 -30.39 -12.60
C ARG L 71 -17.55 -30.32 -13.99
N GLU L 72 -18.22 -29.22 -14.33
CA GLU L 72 -18.69 -29.05 -15.71
C GLU L 72 -17.54 -28.67 -16.63
N SER L 73 -16.59 -27.88 -16.15
CA SER L 73 -15.46 -27.45 -16.95
C SER L 73 -14.41 -28.54 -17.10
N GLN L 74 -13.85 -28.98 -15.98
CA GLN L 74 -12.72 -29.89 -16.06
C GLN L 74 -13.15 -31.34 -16.09
N SER L 75 -13.74 -31.84 -15.00
CA SER L 75 -14.16 -33.22 -14.71
C SER L 75 -12.99 -34.21 -14.58
N TYR L 76 -11.76 -33.76 -14.82
CA TYR L 76 -10.60 -34.60 -14.55
C TYR L 76 -9.73 -33.99 -13.47
N LEU L 77 -9.77 -32.66 -13.33
CA LEU L 77 -8.98 -32.00 -12.30
C LEU L 77 -9.59 -32.24 -10.92
N VAL L 78 -10.92 -32.23 -10.84
CA VAL L 78 -11.59 -32.52 -9.57
C VAL L 78 -11.38 -33.97 -9.19
N GLU L 79 -11.40 -34.87 -10.17
CA GLU L 79 -11.24 -36.29 -9.90
C GLU L 79 -9.80 -36.64 -9.55
N ASP L 80 -8.83 -35.90 -10.12
CA ASP L 80 -7.44 -36.17 -9.80
C ASP L 80 -7.09 -35.65 -8.42
N LEU L 81 -7.79 -34.60 -7.97
CA LEU L 81 -7.58 -34.08 -6.62
C LEU L 81 -8.26 -34.94 -5.57
N GLU L 82 -9.40 -35.53 -5.90
CA GLU L 82 -10.06 -36.43 -4.95
C GLU L 82 -9.33 -37.76 -4.85
N ARG L 83 -8.82 -38.27 -5.96
CA ARG L 83 -8.10 -39.54 -5.96
C ARG L 83 -6.65 -39.35 -5.55
N LEU M 1 26.01 -17.88 -15.94
CA LEU M 1 27.35 -17.36 -16.02
C LEU M 1 27.25 -15.91 -15.55
N HIS M 2 28.39 -15.25 -15.34
CA HIS M 2 28.44 -13.82 -15.06
C HIS M 2 28.20 -13.04 -16.35
N PHE M 3 28.30 -13.73 -17.49
CA PHE M 3 27.89 -13.20 -18.79
C PHE M 3 26.42 -12.76 -18.77
N ILE M 4 25.58 -13.48 -18.02
CA ILE M 4 24.17 -13.13 -17.91
C ILE M 4 24.01 -11.82 -17.13
N ASP M 5 24.81 -11.65 -16.08
CA ASP M 5 24.64 -10.50 -15.20
C ASP M 5 25.42 -9.28 -15.70
N GLN M 6 26.50 -9.51 -16.44
CA GLN M 6 27.28 -8.39 -16.98
C GLN M 6 26.55 -7.72 -18.14
N HIS M 7 25.88 -8.50 -18.97
CA HIS M 7 25.24 -8.02 -20.18
C HIS M 7 23.72 -7.88 -20.02
N ARG M 8 23.28 -7.43 -18.85
CA ARG M 8 21.85 -7.46 -18.54
C ARG M 8 21.08 -6.42 -19.35
N ALA M 9 21.71 -5.29 -19.66
CA ALA M 9 21.04 -4.28 -20.46
C ALA M 9 21.02 -4.67 -21.94
N ALA M 10 21.97 -5.51 -22.36
CA ALA M 10 22.00 -5.94 -23.75
C ALA M 10 21.06 -7.11 -24.00
N LEU M 11 20.90 -7.99 -23.01
CA LEU M 11 20.03 -9.15 -23.20
C LEU M 11 18.56 -8.77 -23.07
N ILE M 12 18.27 -7.62 -22.48
CA ILE M 12 16.90 -7.13 -22.50
C ILE M 12 16.55 -6.60 -23.88
N ALA M 13 17.39 -5.72 -24.42
CA ALA M 13 17.03 -5.00 -25.62
C ALA M 13 17.21 -5.83 -26.88
N ARG M 14 18.05 -6.87 -26.84
CA ARG M 14 18.50 -7.51 -28.08
C ARG M 14 18.26 -9.01 -28.13
N VAL M 15 17.57 -9.61 -27.16
CA VAL M 15 17.10 -10.98 -27.28
C VAL M 15 15.72 -10.95 -27.92
N THR M 16 15.57 -11.62 -29.06
CA THR M 16 14.32 -11.64 -29.81
C THR M 16 13.77 -13.05 -29.99
N ASN M 17 14.20 -14.00 -29.17
CA ASN M 17 13.76 -15.38 -29.27
C ASN M 17 13.41 -15.90 -27.87
N VAL M 18 12.62 -15.09 -27.16
CA VAL M 18 12.34 -15.36 -25.75
C VAL M 18 11.44 -16.58 -25.59
N GLU M 19 10.52 -16.78 -26.54
CA GLU M 19 9.52 -17.84 -26.43
C GLU M 19 10.16 -19.22 -26.56
N TRP M 20 11.32 -19.30 -27.21
CA TRP M 20 12.06 -20.56 -27.24
C TRP M 20 12.96 -20.68 -26.02
N LEU M 21 13.47 -19.54 -25.52
CA LEU M 21 14.29 -19.53 -24.31
C LEU M 21 13.50 -20.01 -23.10
N LEU M 22 12.21 -19.70 -23.05
CA LEU M 22 11.40 -20.12 -21.91
C LEU M 22 11.17 -21.62 -21.92
N ASP M 23 11.14 -22.24 -23.10
CA ASP M 23 10.89 -23.67 -23.20
C ASP M 23 12.10 -24.46 -22.75
N ALA M 24 13.30 -23.95 -23.02
CA ALA M 24 14.52 -24.62 -22.59
C ALA M 24 14.70 -24.50 -21.08
N LEU M 25 14.24 -23.39 -20.51
CA LEU M 25 14.41 -23.14 -19.08
C LEU M 25 13.24 -23.67 -18.26
N TYR M 26 12.20 -24.18 -18.92
CA TYR M 26 11.01 -24.66 -18.26
C TYR M 26 11.32 -25.98 -17.59
N GLY M 27 10.81 -26.16 -16.36
CA GLY M 27 11.06 -27.36 -15.60
C GLY M 27 12.38 -27.40 -14.87
N LYS M 28 13.47 -26.95 -15.49
CA LYS M 28 14.77 -26.86 -14.87
C LYS M 28 14.88 -25.67 -13.93
N VAL M 29 14.45 -24.50 -14.38
CA VAL M 29 14.34 -23.34 -13.52
C VAL M 29 12.94 -22.76 -13.40
N LEU M 30 12.27 -22.51 -14.51
CA LEU M 30 11.02 -21.77 -14.50
C LEU M 30 9.87 -22.71 -14.20
N THR M 31 9.16 -22.42 -13.10
CA THR M 31 7.91 -23.09 -12.80
C THR M 31 6.82 -22.58 -13.74
N ASP M 32 5.66 -23.24 -13.68
CA ASP M 32 4.56 -22.84 -14.57
C ASP M 32 3.97 -21.50 -14.14
N GLU M 33 4.11 -21.15 -12.87
CA GLU M 33 3.70 -19.82 -12.42
C GLU M 33 4.71 -18.77 -12.86
N GLN M 34 5.98 -19.16 -13.01
CA GLN M 34 6.98 -18.23 -13.54
C GLN M 34 6.98 -18.23 -15.05
N TYR M 35 6.58 -19.33 -15.68
CA TYR M 35 6.51 -19.40 -17.14
C TYR M 35 5.41 -18.49 -17.67
N GLN M 36 4.26 -18.49 -17.00
CA GLN M 36 3.13 -17.70 -17.47
C GLN M 36 3.29 -16.23 -17.15
N ALA M 37 4.11 -15.90 -16.14
CA ALA M 37 4.30 -14.49 -15.79
C ALA M 37 5.17 -13.79 -16.82
N VAL M 38 6.02 -14.54 -17.52
CA VAL M 38 6.88 -13.94 -18.53
C VAL M 38 6.09 -13.65 -19.79
N ARG M 39 5.16 -14.54 -20.16
CA ARG M 39 4.41 -14.40 -21.41
C ARG M 39 3.27 -13.38 -21.28
N ALA M 40 3.68 -12.15 -20.99
CA ALA M 40 2.81 -10.98 -20.96
C ALA M 40 3.72 -9.76 -21.13
N GLU M 41 3.10 -8.57 -21.07
CA GLU M 41 3.71 -7.28 -21.41
C GLU M 41 4.35 -7.39 -22.79
N PRO M 42 3.55 -7.33 -23.87
CA PRO M 42 3.98 -7.91 -25.15
C PRO M 42 5.11 -7.18 -25.86
N THR M 43 5.67 -6.12 -25.29
CA THR M 43 6.98 -5.67 -25.76
C THR M 43 8.02 -6.71 -25.37
N ASN M 44 8.69 -7.24 -26.38
CA ASN M 44 9.70 -8.30 -26.29
C ASN M 44 10.86 -8.00 -25.34
N PRO M 45 11.34 -6.75 -25.16
CA PRO M 45 12.28 -6.52 -24.05
C PRO M 45 11.67 -6.69 -22.66
N SER M 46 10.35 -6.56 -22.50
CA SER M 46 9.78 -6.68 -21.17
C SER M 46 9.60 -8.13 -20.77
N LYS M 47 9.64 -9.04 -21.74
CA LYS M 47 9.66 -10.46 -21.41
C LYS M 47 11.01 -10.88 -20.85
N MET M 48 12.07 -10.19 -21.27
CA MET M 48 13.37 -10.43 -20.65
C MET M 48 13.47 -9.76 -19.28
N ARG M 49 12.80 -8.61 -19.11
CA ARG M 49 12.80 -7.95 -17.81
C ARG M 49 12.04 -8.76 -16.78
N LYS M 50 11.03 -9.51 -17.21
CA LYS M 50 10.37 -10.43 -16.31
C LYS M 50 11.21 -11.69 -16.11
N LEU M 51 12.03 -12.04 -17.10
CA LEU M 51 12.90 -13.21 -16.97
C LEU M 51 14.07 -12.93 -16.03
N PHE M 52 14.63 -11.71 -16.09
CA PHE M 52 15.68 -11.36 -15.15
C PHE M 52 15.12 -11.06 -13.77
N SER M 53 13.80 -10.89 -13.65
CA SER M 53 13.17 -10.68 -12.36
C SER M 53 13.24 -11.93 -11.49
N PHE M 54 13.38 -13.11 -12.08
CA PHE M 54 13.56 -14.35 -11.33
C PHE M 54 15.02 -14.76 -11.24
N THR M 55 15.92 -14.02 -11.89
CA THR M 55 17.34 -14.36 -11.88
C THR M 55 18.10 -14.17 -10.56
N PRO M 56 17.75 -13.24 -9.64
CA PRO M 56 18.46 -13.25 -8.34
C PRO M 56 18.27 -14.49 -7.49
N ALA M 57 17.25 -15.31 -7.76
CA ALA M 57 17.08 -16.54 -7.01
C ALA M 57 17.90 -17.68 -7.62
N TRP M 58 18.68 -17.41 -8.65
CA TRP M 58 19.41 -18.45 -9.35
C TRP M 58 20.84 -18.55 -8.85
N ASN M 59 21.41 -19.75 -8.94
CA ASN M 59 22.82 -19.94 -8.67
C ASN M 59 23.61 -20.09 -9.97
N TRP M 60 24.89 -20.43 -9.82
CA TRP M 60 25.80 -20.43 -10.95
C TRP M 60 25.55 -21.61 -11.88
N THR M 61 25.02 -22.72 -11.36
CA THR M 61 24.90 -23.93 -12.17
C THR M 61 23.66 -23.90 -13.06
N CYS M 62 22.92 -22.79 -13.07
CA CYS M 62 21.70 -22.73 -13.86
C CYS M 62 21.59 -21.42 -14.62
N LYS M 63 22.35 -20.39 -14.20
CA LYS M 63 22.47 -19.20 -15.04
C LYS M 63 23.26 -19.49 -16.30
N ASP M 64 24.24 -20.41 -16.20
CA ASP M 64 24.95 -20.84 -17.40
C ASP M 64 24.18 -21.86 -18.21
N LEU M 65 23.10 -22.40 -17.63
CA LEU M 65 22.19 -23.22 -18.42
C LEU M 65 21.36 -22.34 -19.35
N LEU M 66 21.12 -21.09 -18.96
CA LEU M 66 20.50 -20.14 -19.87
C LEU M 66 21.51 -19.60 -20.86
N LEU M 67 22.79 -19.65 -20.52
CA LEU M 67 23.84 -19.34 -21.49
C LEU M 67 23.87 -20.40 -22.59
N GLN M 68 23.65 -21.67 -22.22
CA GLN M 68 23.57 -22.72 -23.22
C GLN M 68 22.34 -22.56 -24.11
N ALA M 69 21.25 -22.04 -23.54
CA ALA M 69 20.04 -21.86 -24.31
C ALA M 69 20.15 -20.66 -25.25
N LEU M 70 20.94 -19.66 -24.87
CA LEU M 70 21.20 -18.55 -25.78
C LEU M 70 22.16 -18.96 -26.89
N ARG M 71 23.07 -19.89 -26.61
CA ARG M 71 24.00 -20.33 -27.63
C ARG M 71 23.34 -21.29 -28.61
N GLU M 72 22.34 -22.05 -28.16
CA GLU M 72 21.59 -22.88 -29.09
C GLU M 72 20.62 -22.05 -29.91
N SER M 73 20.03 -21.02 -29.31
CA SER M 73 19.07 -20.17 -30.01
C SER M 73 19.76 -19.18 -30.94
N GLN M 74 20.60 -18.32 -30.38
CA GLN M 74 21.14 -17.24 -31.18
C GLN M 74 22.44 -17.61 -31.88
N SER M 75 23.51 -17.87 -31.11
CA SER M 75 24.89 -18.15 -31.50
C SER M 75 25.60 -16.98 -32.17
N TYR M 76 24.90 -15.88 -32.41
CA TYR M 76 25.54 -14.67 -32.90
C TYR M 76 25.42 -13.54 -31.89
N LEU M 77 24.37 -13.57 -31.08
CA LEU M 77 24.20 -12.55 -30.05
C LEU M 77 25.18 -12.74 -28.91
N VAL M 78 25.44 -14.00 -28.54
CA VAL M 78 26.42 -14.29 -27.50
C VAL M 78 27.82 -13.93 -28.00
N GLU M 79 28.09 -14.21 -29.27
CA GLU M 79 29.42 -13.94 -29.82
C GLU M 79 29.64 -12.45 -30.05
N ASP M 80 28.58 -11.70 -30.36
CA ASP M 80 28.72 -10.26 -30.56
C ASP M 80 28.92 -9.55 -29.22
N LEU M 81 28.37 -10.13 -28.14
CA LEU M 81 28.55 -9.56 -26.82
C LEU M 81 29.93 -9.89 -26.24
N GLU M 82 30.46 -11.07 -26.57
CA GLU M 82 31.80 -11.41 -26.11
C GLU M 82 32.87 -10.65 -26.89
N ARG M 83 32.66 -10.47 -28.20
CA ARG M 83 33.62 -9.76 -29.02
C ARG M 83 33.42 -8.25 -28.92
N LEU N 1 3.04 20.50 -33.75
CA LEU N 1 2.33 21.76 -33.85
C LEU N 1 1.35 21.76 -32.68
N HIS N 2 0.70 22.89 -32.42
CA HIS N 2 -0.37 22.98 -31.44
C HIS N 2 -1.65 22.38 -32.03
N PHE N 3 -1.65 22.17 -33.35
CA PHE N 3 -2.67 21.40 -34.03
C PHE N 3 -2.79 19.99 -33.46
N ILE N 4 -1.67 19.40 -33.03
CA ILE N 4 -1.67 18.08 -32.43
C ILE N 4 -2.36 18.11 -31.07
N ASP N 5 -2.12 19.17 -30.30
CA ASP N 5 -2.63 19.23 -28.94
C ASP N 5 -4.03 19.80 -28.89
N GLN N 6 -4.40 20.64 -29.86
CA GLN N 6 -5.75 21.20 -29.88
C GLN N 6 -6.78 20.17 -30.30
N HIS N 7 -6.43 19.31 -31.24
CA HIS N 7 -7.34 18.34 -31.84
C HIS N 7 -7.12 16.94 -31.29
N ARG N 8 -6.83 16.83 -29.99
CA ARG N 8 -6.41 15.54 -29.43
C ARG N 8 -7.58 14.55 -29.37
N ALA N 9 -8.80 15.04 -29.17
CA ALA N 9 -9.95 14.16 -29.14
C ALA N 9 -10.34 13.73 -30.55
N ALA N 10 -10.00 14.54 -31.55
CA ALA N 10 -10.34 14.19 -32.93
C ALA N 10 -9.32 13.23 -33.53
N LEU N 11 -8.05 13.38 -33.16
CA LEU N 11 -7.02 12.52 -33.72
C LEU N 11 -7.02 11.15 -33.08
N ILE N 12 -7.66 11.00 -31.92
CA ILE N 12 -7.85 9.66 -31.37
C ILE N 12 -8.94 8.93 -32.15
N ALA N 13 -10.09 9.57 -32.30
CA ALA N 13 -11.25 8.87 -32.83
C ALA N 13 -11.20 8.71 -34.34
N ARG N 14 -10.45 9.55 -35.05
CA ARG N 14 -10.60 9.65 -36.49
C ARG N 14 -9.31 9.44 -37.28
N VAL N 15 -8.21 9.07 -36.64
CA VAL N 15 -7.01 8.61 -37.36
C VAL N 15 -7.14 7.10 -37.55
N THR N 16 -7.11 6.65 -38.81
CA THR N 16 -7.27 5.25 -39.15
C THR N 16 -6.07 4.70 -39.91
N ASN N 17 -4.92 5.37 -39.84
CA ASN N 17 -3.73 4.95 -40.56
C ASN N 17 -2.53 5.01 -39.60
N VAL N 18 -2.72 4.44 -38.42
CA VAL N 18 -1.74 4.58 -37.34
C VAL N 18 -0.48 3.78 -37.66
N GLU N 19 -0.63 2.64 -38.33
CA GLU N 19 0.49 1.74 -38.56
C GLU N 19 1.50 2.34 -39.54
N TRP N 20 1.04 3.28 -40.39
CA TRP N 20 1.98 4.00 -41.24
C TRP N 20 2.54 5.21 -40.51
N LEU N 21 1.74 5.81 -39.62
CA LEU N 21 2.19 6.94 -38.82
C LEU N 21 3.34 6.54 -37.90
N LEU N 22 3.33 5.30 -37.40
CA LEU N 22 4.38 4.85 -36.50
C LEU N 22 5.70 4.67 -37.25
N ASP N 23 5.63 4.32 -38.53
CA ASP N 23 6.84 4.09 -39.31
C ASP N 23 7.53 5.40 -39.65
N ALA N 24 6.77 6.46 -39.86
CA ALA N 24 7.34 7.76 -40.14
C ALA N 24 7.97 8.35 -38.89
N LEU N 25 7.39 8.06 -37.72
CA LEU N 25 7.86 8.62 -36.46
C LEU N 25 8.91 7.74 -35.82
N TYR N 26 9.19 6.57 -36.38
CA TYR N 26 10.14 5.62 -35.82
C TYR N 26 11.55 6.12 -36.05
N GLY N 27 12.40 6.00 -35.02
CA GLY N 27 13.75 6.47 -35.07
C GLY N 27 13.92 7.95 -34.81
N LYS N 28 13.05 8.81 -35.33
CA LYS N 28 13.07 10.23 -35.07
C LYS N 28 12.52 10.57 -33.70
N VAL N 29 11.37 10.00 -33.34
CA VAL N 29 10.83 10.11 -32.00
C VAL N 29 10.64 8.78 -31.29
N LEU N 30 9.98 7.82 -31.91
CA LEU N 30 9.56 6.61 -31.22
C LEU N 30 10.71 5.62 -31.21
N THR N 31 11.14 5.25 -30.01
CA THR N 31 12.06 4.14 -29.83
C THR N 31 11.34 2.82 -30.08
N ASP N 32 12.11 1.73 -30.12
CA ASP N 32 11.52 0.42 -30.38
C ASP N 32 10.70 -0.06 -29.20
N GLU N 33 11.01 0.44 -27.99
CA GLU N 33 10.18 0.14 -26.83
C GLU N 33 8.90 0.96 -26.86
N GLN N 34 8.93 2.14 -27.48
CA GLN N 34 7.72 2.93 -27.66
C GLN N 34 6.95 2.50 -28.89
N TYR N 35 7.65 1.97 -29.90
CA TYR N 35 6.99 1.49 -31.10
C TYR N 35 6.13 0.26 -30.81
N GLN N 36 6.66 -0.66 -30.00
CA GLN N 36 5.94 -1.89 -29.71
C GLN N 36 4.82 -1.67 -28.71
N ALA N 37 4.91 -0.62 -27.90
CA ALA N 37 3.87 -0.35 -26.91
C ALA N 37 2.60 0.17 -27.58
N VAL N 38 2.74 0.80 -28.74
CA VAL N 38 1.58 1.33 -29.44
C VAL N 38 0.84 0.21 -30.15
N ARG N 39 1.56 -0.76 -30.70
CA ARG N 39 0.95 -1.83 -31.49
C ARG N 39 0.33 -2.91 -30.58
N ALA N 40 -0.63 -2.48 -29.78
CA ALA N 40 -1.47 -3.32 -28.95
C ALA N 40 -2.73 -2.53 -28.65
N GLU N 41 -3.62 -3.13 -27.83
CA GLU N 41 -4.98 -2.66 -27.57
C GLU N 41 -5.69 -2.45 -28.90
N PRO N 42 -6.14 -3.51 -29.56
CA PRO N 42 -6.37 -3.45 -31.02
C PRO N 42 -7.53 -2.58 -31.47
N THR N 43 -8.24 -1.90 -30.56
CA THR N 43 -9.08 -0.80 -31.01
C THR N 43 -8.17 0.33 -31.47
N ASN N 44 -8.34 0.71 -32.74
CA ASN N 44 -7.56 1.71 -33.46
C ASN N 44 -7.53 3.09 -32.78
N PRO N 45 -8.58 3.58 -32.09
CA PRO N 45 -8.38 4.79 -31.27
C PRO N 45 -7.44 4.61 -30.09
N SER N 46 -7.25 3.38 -29.59
CA SER N 46 -6.38 3.22 -28.42
C SER N 46 -4.91 3.18 -28.82
N LYS N 47 -4.64 2.96 -30.11
CA LYS N 47 -3.27 3.11 -30.60
C LYS N 47 -2.86 4.57 -30.66
N MET N 48 -3.83 5.47 -30.88
CA MET N 48 -3.54 6.89 -30.80
C MET N 48 -3.44 7.34 -29.35
N ARG N 49 -4.21 6.73 -28.45
CA ARG N 49 -4.12 7.07 -27.03
C ARG N 49 -2.79 6.65 -26.45
N LYS N 50 -2.20 5.57 -26.97
CA LYS N 50 -0.86 5.22 -26.57
C LYS N 50 0.17 6.12 -27.26
N LEU N 51 -0.17 6.63 -28.44
CA LEU N 51 0.75 7.52 -29.14
C LEU N 51 0.78 8.90 -28.49
N PHE N 52 -0.37 9.39 -28.03
CA PHE N 52 -0.38 10.67 -27.31
C PHE N 52 0.15 10.51 -25.89
N SER N 53 0.29 9.27 -25.42
CA SER N 53 0.87 9.02 -24.11
C SER N 53 2.36 9.37 -24.06
N PHE N 54 3.04 9.37 -25.21
CA PHE N 54 4.43 9.78 -25.29
C PHE N 54 4.58 11.22 -25.77
N THR N 55 3.48 11.87 -26.11
CA THR N 55 3.53 13.24 -26.61
C THR N 55 3.91 14.34 -25.60
N PRO N 56 3.64 14.25 -24.27
CA PRO N 56 4.17 15.30 -23.38
C PRO N 56 5.69 15.38 -23.29
N ALA N 57 6.42 14.34 -23.71
CA ALA N 57 7.87 14.43 -23.72
C ALA N 57 8.40 15.05 -25.00
N TRP N 58 7.51 15.50 -25.87
CA TRP N 58 7.92 16.03 -27.17
C TRP N 58 8.02 17.55 -27.14
N ASN N 59 8.90 18.10 -27.97
CA ASN N 59 8.97 19.54 -28.16
C ASN N 59 8.30 19.93 -29.48
N TRP N 60 8.45 21.22 -29.83
CA TRP N 60 7.74 21.77 -30.97
C TRP N 60 8.31 21.29 -32.30
N THR N 61 9.60 20.95 -32.34
CA THR N 61 10.25 20.63 -33.61
C THR N 61 9.98 19.20 -34.04
N CYS N 62 9.16 18.46 -33.29
CA CYS N 62 8.92 17.07 -33.63
C CYS N 62 7.43 16.72 -33.54
N LYS N 63 6.65 17.54 -32.83
CA LYS N 63 5.20 17.39 -32.90
C LYS N 63 4.68 17.80 -34.27
N ASP N 64 5.34 18.79 -34.90
CA ASP N 64 4.98 19.15 -36.26
C ASP N 64 5.58 18.20 -37.29
N LEU N 65 6.51 17.34 -36.87
CA LEU N 65 6.96 16.26 -37.74
C LEU N 65 5.89 15.18 -37.84
N LEU N 66 5.06 15.05 -36.81
CA LEU N 66 3.90 14.16 -36.90
C LEU N 66 2.77 14.84 -37.66
N LEU N 67 2.77 16.17 -37.70
CA LEU N 67 1.86 16.89 -38.57
C LEU N 67 2.19 16.65 -40.04
N GLN N 68 3.49 16.56 -40.36
CA GLN N 68 3.90 16.23 -41.72
C GLN N 68 3.53 14.80 -42.07
N ALA N 69 3.55 13.91 -41.09
CA ALA N 69 3.21 12.51 -41.36
C ALA N 69 1.71 12.34 -41.51
N LEU N 70 0.91 13.17 -40.84
CA LEU N 70 -0.53 13.13 -41.07
C LEU N 70 -0.90 13.75 -42.41
N ARG N 71 -0.12 14.73 -42.87
CA ARG N 71 -0.41 15.35 -44.16
C ARG N 71 0.02 14.46 -45.32
N GLU N 72 1.05 13.65 -45.12
CA GLU N 72 1.42 12.69 -46.15
C GLU N 72 0.46 11.51 -46.17
N SER N 73 -0.01 11.08 -44.99
CA SER N 73 -0.91 9.94 -44.90
C SER N 73 -2.34 10.32 -45.29
N GLN N 74 -2.93 11.26 -44.57
CA GLN N 74 -4.34 11.54 -44.77
C GLN N 74 -4.59 12.58 -45.84
N SER N 75 -4.16 13.84 -45.58
CA SER N 75 -4.35 15.06 -46.37
C SER N 75 -5.80 15.53 -46.46
N TYR N 76 -6.74 14.75 -45.91
CA TYR N 76 -8.13 15.22 -45.83
C TYR N 76 -8.55 15.36 -44.38
N LEU N 77 -7.93 14.57 -43.48
CA LEU N 77 -8.26 14.68 -42.07
C LEU N 77 -7.70 15.94 -41.46
N VAL N 78 -6.49 16.33 -41.88
CA VAL N 78 -5.89 17.57 -41.40
C VAL N 78 -6.67 18.76 -41.94
N GLU N 79 -7.12 18.67 -43.19
CA GLU N 79 -7.84 19.78 -43.81
C GLU N 79 -9.26 19.89 -43.26
N ASP N 80 -9.86 18.77 -42.86
CA ASP N 80 -11.21 18.83 -42.29
C ASP N 80 -11.18 19.36 -40.87
N LEU N 81 -10.06 19.17 -40.17
CA LEU N 81 -9.91 19.69 -38.83
C LEU N 81 -9.57 21.18 -38.85
N GLU N 82 -8.82 21.62 -39.85
CA GLU N 82 -8.52 23.05 -39.98
C GLU N 82 -9.73 23.84 -40.46
N ARG N 83 -10.52 23.26 -41.37
CA ARG N 83 -11.70 23.94 -41.89
C ARG N 83 -12.89 23.75 -40.96
N LEU O 1 -32.65 -6.62 -23.35
CA LEU O 1 -33.66 -7.35 -22.60
C LEU O 1 -32.91 -7.97 -21.44
N HIS O 2 -33.65 -8.53 -20.48
CA HIS O 2 -33.05 -9.30 -19.38
C HIS O 2 -32.63 -10.67 -19.90
N PHE O 3 -33.11 -11.04 -21.10
CA PHE O 3 -32.63 -12.20 -21.82
C PHE O 3 -31.12 -12.12 -22.06
N ILE O 4 -30.60 -10.92 -22.28
CA ILE O 4 -29.16 -10.72 -22.48
C ILE O 4 -28.41 -11.01 -21.19
N ASP O 5 -28.96 -10.58 -20.05
CA ASP O 5 -28.24 -10.70 -18.79
C ASP O 5 -28.47 -12.05 -18.13
N GLN O 6 -29.62 -12.69 -18.41
CA GLN O 6 -29.89 -13.99 -17.83
C GLN O 6 -29.05 -15.08 -18.48
N HIS O 7 -28.85 -14.99 -19.79
CA HIS O 7 -28.17 -16.01 -20.58
C HIS O 7 -26.74 -15.61 -20.92
N ARG O 8 -26.04 -14.98 -19.97
CA ARG O 8 -24.74 -14.40 -20.29
C ARG O 8 -23.68 -15.47 -20.49
N ALA O 9 -23.80 -16.59 -19.79
CA ALA O 9 -22.84 -17.67 -19.98
C ALA O 9 -23.11 -18.44 -21.27
N ALA O 10 -24.36 -18.41 -21.75
CA ALA O 10 -24.70 -19.11 -22.98
C ALA O 10 -24.36 -18.27 -24.20
N LEU O 11 -24.49 -16.95 -24.11
CA LEU O 11 -24.22 -16.10 -25.26
C LEU O 11 -22.72 -15.90 -25.46
N ILE O 12 -21.93 -16.18 -24.43
CA ILE O 12 -20.48 -16.19 -24.64
C ILE O 12 -20.07 -17.43 -25.41
N ALA O 13 -20.50 -18.60 -24.94
CA ALA O 13 -19.98 -19.85 -25.48
C ALA O 13 -20.60 -20.21 -26.82
N ARG O 14 -21.80 -19.70 -27.13
CA ARG O 14 -22.58 -20.25 -28.22
C ARG O 14 -23.00 -19.23 -29.28
N VAL O 15 -22.55 -17.99 -29.20
CA VAL O 15 -22.71 -17.03 -30.29
C VAL O 15 -21.51 -17.17 -31.22
N THR O 16 -21.76 -17.48 -32.49
CA THR O 16 -20.70 -17.69 -33.47
C THR O 16 -20.82 -16.75 -34.66
N ASN O 17 -21.53 -15.63 -34.51
CA ASN O 17 -21.74 -14.67 -35.59
C ASN O 17 -21.50 -13.26 -35.04
N VAL O 18 -20.39 -13.11 -34.33
CA VAL O 18 -20.13 -11.87 -33.59
C VAL O 18 -19.81 -10.73 -34.55
N GLU O 19 -19.15 -11.04 -35.67
CA GLU O 19 -18.69 -10.01 -36.59
C GLU O 19 -19.86 -9.33 -37.30
N TRP O 20 -21.00 -10.01 -37.40
CA TRP O 20 -22.20 -9.37 -37.93
C TRP O 20 -22.96 -8.65 -36.82
N LEU O 21 -22.90 -9.19 -35.60
CA LEU O 21 -23.52 -8.55 -34.44
C LEU O 21 -22.90 -7.18 -34.15
N LEU O 22 -21.61 -7.04 -34.40
CA LEU O 22 -20.94 -5.76 -34.15
C LEU O 22 -21.37 -4.70 -35.14
N ASP O 23 -21.71 -5.12 -36.36
CA ASP O 23 -22.10 -4.17 -37.40
C ASP O 23 -23.49 -3.62 -37.15
N ALA O 24 -24.38 -4.44 -36.59
CA ALA O 24 -25.72 -3.99 -36.26
C ALA O 24 -25.70 -3.05 -35.06
N LEU O 25 -24.77 -3.29 -34.13
CA LEU O 25 -24.69 -2.49 -32.91
C LEU O 25 -23.79 -1.27 -33.08
N TYR O 26 -23.12 -1.15 -34.23
CA TYR O 26 -22.18 -0.06 -34.48
C TYR O 26 -22.96 1.23 -34.71
N GLY O 27 -22.47 2.32 -34.12
CA GLY O 27 -23.13 3.61 -34.23
C GLY O 27 -24.29 3.82 -33.27
N LYS O 28 -25.13 2.81 -33.06
CA LYS O 28 -26.22 2.88 -32.10
C LYS O 28 -25.72 2.71 -30.67
N VAL O 29 -24.88 1.71 -30.42
CA VAL O 29 -24.21 1.58 -29.13
C VAL O 29 -22.70 1.62 -29.21
N LEU O 30 -22.08 0.83 -30.07
CA LEU O 30 -20.65 0.64 -30.06
C LEU O 30 -19.97 1.77 -30.82
N THR O 31 -19.13 2.52 -30.13
CA THR O 31 -18.24 3.48 -30.77
C THR O 31 -17.13 2.74 -31.50
N ASP O 32 -16.35 3.50 -32.28
CA ASP O 32 -15.28 2.89 -33.05
C ASP O 32 -14.14 2.44 -32.15
N GLU O 33 -14.00 3.06 -30.97
CA GLU O 33 -13.04 2.59 -29.99
C GLU O 33 -13.54 1.32 -29.29
N GLN O 34 -14.86 1.18 -29.19
CA GLN O 34 -15.43 -0.05 -28.64
C GLN O 34 -15.55 -1.13 -29.71
N TYR O 35 -15.71 -0.73 -30.97
CA TYR O 35 -15.80 -1.70 -32.07
C TYR O 35 -14.48 -2.41 -32.28
N GLN O 36 -13.37 -1.66 -32.21
CA GLN O 36 -12.07 -2.24 -32.46
C GLN O 36 -11.57 -3.04 -31.27
N ALA O 37 -12.07 -2.75 -30.07
CA ALA O 37 -11.63 -3.49 -28.89
C ALA O 37 -12.20 -4.89 -28.87
N VAL O 38 -13.35 -5.09 -29.53
CA VAL O 38 -13.96 -6.42 -29.56
C VAL O 38 -13.24 -7.31 -30.56
N ARG O 39 -12.81 -6.74 -31.70
CA ARG O 39 -12.19 -7.52 -32.77
C ARG O 39 -10.72 -7.84 -32.45
N ALA O 40 -10.53 -8.56 -31.34
CA ALA O 40 -9.26 -9.11 -30.92
C ALA O 40 -9.58 -10.26 -29.97
N GLU O 41 -8.52 -10.87 -29.42
CA GLU O 41 -8.55 -12.12 -28.65
C GLU O 41 -9.29 -13.17 -29.46
N PRO O 42 -8.64 -13.77 -30.47
CA PRO O 42 -9.39 -14.39 -31.57
C PRO O 42 -10.16 -15.66 -31.23
N THR O 43 -10.18 -16.10 -29.98
CA THR O 43 -11.20 -17.04 -29.57
C THR O 43 -12.54 -16.33 -29.56
N ASN O 44 -13.47 -16.85 -30.37
CA ASN O 44 -14.80 -16.32 -30.59
C ASN O 44 -15.65 -16.13 -29.32
N PRO O 45 -15.55 -16.97 -28.26
CA PRO O 45 -16.19 -16.57 -27.00
C PRO O 45 -15.60 -15.32 -26.33
N SER O 46 -14.34 -14.98 -26.61
CA SER O 46 -13.75 -13.82 -25.95
C SER O 46 -14.16 -12.53 -26.62
N LYS O 47 -14.68 -12.61 -27.85
CA LYS O 47 -15.26 -11.43 -28.49
C LYS O 47 -16.61 -11.10 -27.86
N MET O 48 -17.31 -12.10 -27.35
CA MET O 48 -18.53 -11.82 -26.60
C MET O 48 -18.21 -11.34 -25.20
N ARG O 49 -17.11 -11.82 -24.60
CA ARG O 49 -16.71 -11.36 -23.28
C ARG O 49 -16.27 -9.90 -23.33
N LYS O 50 -15.72 -9.46 -24.45
CA LYS O 50 -15.43 -8.05 -24.62
C LYS O 50 -16.70 -7.27 -24.95
N LEU O 51 -17.68 -7.93 -25.57
CA LEU O 51 -18.94 -7.27 -25.88
C LEU O 51 -19.79 -7.08 -24.62
N PHE O 52 -19.80 -8.07 -23.72
CA PHE O 52 -20.51 -7.90 -22.47
C PHE O 52 -19.76 -7.00 -21.51
N SER O 53 -18.49 -6.70 -21.80
CA SER O 53 -17.72 -5.78 -20.99
C SER O 53 -18.23 -4.35 -21.10
N PHE O 54 -18.91 -4.02 -22.19
CA PHE O 54 -19.53 -2.71 -22.36
C PHE O 54 -21.02 -2.73 -22.04
N THR O 55 -21.57 -3.89 -21.72
CA THR O 55 -22.99 -4.00 -21.42
C THR O 55 -23.48 -3.39 -20.10
N PRO O 56 -22.69 -3.28 -19.00
CA PRO O 56 -23.22 -2.54 -17.84
C PRO O 56 -23.50 -1.05 -18.07
N ALA O 57 -22.95 -0.46 -19.12
CA ALA O 57 -23.25 0.94 -19.40
C ALA O 57 -24.51 1.07 -20.25
N TRP O 58 -25.20 -0.03 -20.53
CA TRP O 58 -26.36 0.00 -21.41
C TRP O 58 -27.65 0.08 -20.60
N ASN O 59 -28.68 0.67 -21.20
CA ASN O 59 -30.01 0.65 -20.62
C ASN O 59 -30.89 -0.36 -21.34
N TRP O 60 -32.18 -0.33 -20.99
CA TRP O 60 -33.11 -1.36 -21.47
C TRP O 60 -33.46 -1.17 -22.93
N THR O 61 -33.41 0.08 -23.43
CA THR O 61 -33.87 0.35 -24.79
C THR O 61 -32.82 0.01 -25.84
N CYS O 62 -31.68 -0.56 -25.43
CA CYS O 62 -30.63 -0.86 -26.39
C CYS O 62 -30.05 -2.25 -26.16
N LYS O 63 -30.25 -2.82 -24.97
CA LYS O 63 -29.94 -4.24 -24.78
C LYS O 63 -30.89 -5.12 -25.56
N ASP O 64 -32.15 -4.69 -25.72
CA ASP O 64 -33.08 -5.41 -26.57
C ASP O 64 -32.88 -5.11 -28.03
N LEU O 65 -32.09 -4.08 -28.36
CA LEU O 65 -31.68 -3.86 -29.73
C LEU O 65 -30.64 -4.90 -30.15
N LEU O 66 -29.87 -5.41 -29.18
CA LEU O 66 -28.98 -6.53 -29.47
C LEU O 66 -29.75 -7.84 -29.48
N LEU O 67 -30.90 -7.87 -28.81
CA LEU O 67 -31.80 -9.01 -28.93
C LEU O 67 -32.38 -9.09 -30.34
N GLN O 68 -32.68 -7.93 -30.95
CA GLN O 68 -33.15 -7.90 -32.33
C GLN O 68 -32.05 -8.33 -33.28
N ALA O 69 -30.80 -8.02 -32.96
CA ALA O 69 -29.69 -8.39 -33.83
C ALA O 69 -29.37 -9.87 -33.71
N LEU O 70 -29.63 -10.47 -32.54
CA LEU O 70 -29.47 -11.91 -32.42
C LEU O 70 -30.60 -12.65 -33.11
N ARG O 71 -31.80 -12.06 -33.15
CA ARG O 71 -32.92 -12.72 -33.82
C ARG O 71 -32.81 -12.59 -35.33
N GLU O 72 -32.19 -11.53 -35.83
CA GLU O 72 -31.95 -11.44 -37.27
C GLU O 72 -30.80 -12.34 -37.68
N SER O 73 -29.77 -12.46 -36.84
CA SER O 73 -28.61 -13.28 -37.16
C SER O 73 -28.90 -14.77 -36.96
N GLN O 74 -29.24 -15.16 -35.74
CA GLN O 74 -29.34 -16.58 -35.44
C GLN O 74 -30.73 -17.13 -35.71
N SER O 75 -31.73 -16.67 -34.93
CA SER O 75 -33.14 -17.10 -34.90
C SER O 75 -33.34 -18.53 -34.40
N TYR O 76 -32.26 -19.26 -34.14
CA TYR O 76 -32.39 -20.57 -33.51
C TYR O 76 -31.71 -20.59 -32.15
N LEU O 77 -30.70 -19.74 -31.97
CA LEU O 77 -30.02 -19.65 -30.69
C LEU O 77 -30.89 -18.97 -29.65
N VAL O 78 -31.62 -17.93 -30.06
CA VAL O 78 -32.54 -17.25 -29.16
C VAL O 78 -33.69 -18.18 -28.79
N GLU O 79 -34.16 -18.96 -29.77
CA GLU O 79 -35.30 -19.84 -29.52
C GLU O 79 -34.89 -21.06 -28.70
N ASP O 80 -33.64 -21.50 -28.83
CA ASP O 80 -33.19 -22.64 -28.03
C ASP O 80 -32.94 -22.22 -26.58
N LEU O 81 -32.60 -20.95 -26.38
CA LEU O 81 -32.40 -20.44 -25.03
C LEU O 81 -33.73 -20.15 -24.33
N GLU O 82 -34.74 -19.72 -25.09
CA GLU O 82 -36.06 -19.50 -24.51
C GLU O 82 -36.77 -20.81 -24.22
N ARG O 83 -36.61 -21.81 -25.09
CA ARG O 83 -37.25 -23.09 -24.89
C ARG O 83 -36.43 -23.98 -23.97
N LEU P 1 0.99 -38.89 -20.36
CA LEU P 1 2.14 -39.63 -19.91
C LEU P 1 3.13 -38.57 -19.45
N HIS P 2 4.21 -38.99 -18.80
CA HIS P 2 5.31 -38.11 -18.44
C HIS P 2 6.15 -37.81 -19.68
N PHE P 3 5.94 -38.61 -20.74
CA PHE P 3 6.48 -38.32 -22.07
C PHE P 3 6.06 -36.95 -22.57
N ILE P 4 4.83 -36.53 -22.22
CA ILE P 4 4.33 -35.21 -22.61
C ILE P 4 5.10 -34.11 -21.89
N ASP P 5 5.39 -34.34 -20.60
CA ASP P 5 6.01 -33.30 -19.80
C ASP P 5 7.53 -33.31 -19.91
N GLN P 6 8.11 -34.47 -20.21
CA GLN P 6 9.57 -34.54 -20.37
C GLN P 6 10.02 -33.90 -21.67
N HIS P 7 9.25 -34.07 -22.73
CA HIS P 7 9.61 -33.63 -24.08
C HIS P 7 8.87 -32.35 -24.47
N ARG P 8 8.69 -31.43 -23.52
CA ARG P 8 7.82 -30.28 -23.77
C ARG P 8 8.46 -29.30 -24.74
N ALA P 9 9.78 -29.20 -24.74
CA ALA P 9 10.45 -28.30 -25.68
C ALA P 9 10.50 -28.92 -27.08
N ALA P 10 10.44 -30.25 -27.17
CA ALA P 10 10.47 -30.90 -28.47
C ALA P 10 9.09 -30.94 -29.11
N LEU P 11 8.04 -31.07 -28.30
CA LEU P 11 6.69 -31.14 -28.85
C LEU P 11 6.18 -29.77 -29.25
N ILE P 12 6.80 -28.71 -28.75
CA ILE P 12 6.46 -27.37 -29.25
C ILE P 12 7.06 -27.17 -30.63
N ALA P 13 8.36 -27.44 -30.76
CA ALA P 13 9.05 -27.06 -31.98
C ALA P 13 8.80 -28.03 -33.13
N ARG P 14 8.41 -29.27 -32.84
CA ARG P 14 8.45 -30.31 -33.85
C ARG P 14 7.13 -31.04 -34.07
N VAL P 15 6.03 -30.60 -33.46
CA VAL P 15 4.70 -31.09 -33.82
C VAL P 15 4.15 -30.19 -34.91
N THR P 16 3.83 -30.78 -36.06
CA THR P 16 3.33 -30.04 -37.21
C THR P 16 1.96 -30.50 -37.67
N ASN P 17 1.21 -31.17 -36.79
CA ASN P 17 -0.12 -31.68 -37.12
C ASN P 17 -1.08 -31.33 -35.97
N VAL P 18 -1.04 -30.07 -35.56
CA VAL P 18 -1.76 -29.64 -34.37
C VAL P 18 -3.26 -29.63 -34.62
N GLU P 19 -3.67 -29.30 -35.85
CA GLU P 19 -5.08 -29.14 -36.17
C GLU P 19 -5.83 -30.48 -36.13
N TRP P 20 -5.11 -31.59 -36.31
CA TRP P 20 -5.71 -32.90 -36.12
C TRP P 20 -5.65 -33.33 -34.67
N LEU P 21 -4.59 -32.91 -33.96
CA LEU P 21 -4.45 -33.20 -32.54
C LEU P 21 -5.57 -32.56 -31.73
N LEU P 22 -6.03 -31.38 -32.14
CA LEU P 22 -7.09 -30.70 -31.41
C LEU P 22 -8.43 -31.41 -31.57
N ASP P 23 -8.63 -32.06 -32.72
CA ASP P 23 -9.89 -32.76 -32.97
C ASP P 23 -10.01 -34.03 -32.15
N ALA P 24 -8.87 -34.71 -31.93
CA ALA P 24 -8.87 -35.91 -31.11
C ALA P 24 -9.07 -35.58 -29.64
N LEU P 25 -8.57 -34.41 -29.22
CA LEU P 25 -8.63 -34.01 -27.83
C LEU P 25 -9.90 -33.22 -27.51
N TYR P 26 -10.69 -32.91 -28.54
CA TYR P 26 -11.89 -32.10 -28.40
C TYR P 26 -12.97 -32.94 -27.72
N GLY P 27 -13.69 -32.33 -26.78
CA GLY P 27 -14.72 -33.01 -26.04
C GLY P 27 -14.24 -33.85 -24.87
N LYS P 28 -13.14 -34.57 -25.04
CA LYS P 28 -12.53 -35.36 -23.97
C LYS P 28 -11.75 -34.48 -23.01
N VAL P 29 -10.93 -33.57 -23.52
CA VAL P 29 -10.26 -32.57 -22.70
C VAL P 29 -10.59 -31.14 -23.07
N LEU P 30 -10.45 -30.78 -24.34
CA LEU P 30 -10.52 -29.40 -24.75
C LEU P 30 -11.97 -28.99 -24.94
N THR P 31 -12.41 -27.99 -24.17
CA THR P 31 -13.68 -27.35 -24.39
C THR P 31 -13.62 -26.47 -25.64
N ASP P 32 -14.77 -25.95 -26.05
CA ASP P 32 -14.82 -25.13 -27.25
C ASP P 32 -14.16 -23.77 -27.00
N GLU P 33 -14.13 -23.32 -25.75
CA GLU P 33 -13.39 -22.11 -25.41
C GLU P 33 -11.89 -22.38 -25.39
N GLN P 34 -11.50 -23.62 -25.09
CA GLN P 34 -10.08 -23.98 -25.16
C GLN P 34 -9.68 -24.37 -26.57
N TYR P 35 -10.63 -24.90 -27.35
CA TYR P 35 -10.35 -25.27 -28.74
C TYR P 35 -10.06 -24.03 -29.59
N GLN P 36 -10.85 -22.97 -29.39
CA GLN P 36 -10.70 -21.78 -30.19
C GLN P 36 -9.50 -20.95 -29.77
N ALA P 37 -9.06 -21.10 -28.52
CA ALA P 37 -7.92 -20.33 -28.04
C ALA P 37 -6.62 -20.85 -28.64
N VAL P 38 -6.59 -22.13 -29.02
CA VAL P 38 -5.38 -22.70 -29.60
C VAL P 38 -5.24 -22.27 -31.07
N ARG P 39 -6.36 -22.18 -31.79
CA ARG P 39 -6.35 -21.88 -33.21
C ARG P 39 -6.16 -20.37 -33.46
N ALA P 40 -5.03 -19.87 -32.98
CA ALA P 40 -4.54 -18.52 -33.22
C ALA P 40 -3.05 -18.53 -32.97
N GLU P 41 -2.42 -17.34 -33.09
CA GLU P 41 -0.98 -17.15 -33.10
C GLU P 41 -0.37 -18.06 -34.15
N PRO P 42 -0.47 -17.70 -35.45
CA PRO P 42 -0.38 -18.72 -36.50
C PRO P 42 1.00 -19.34 -36.71
N THR P 43 2.00 -18.99 -35.92
CA THR P 43 3.19 -19.84 -35.84
C THR P 43 2.80 -21.14 -35.16
N ASN P 44 2.99 -22.24 -35.87
CA ASN P 44 2.66 -23.61 -35.48
C ASN P 44 3.27 -24.06 -34.15
N PRO P 45 4.49 -23.64 -33.75
CA PRO P 45 4.89 -23.91 -32.35
C PRO P 45 4.08 -23.19 -31.29
N SER P 46 3.43 -22.06 -31.63
CA SER P 46 2.68 -21.34 -30.60
C SER P 46 1.31 -21.95 -30.39
N LYS P 47 0.85 -22.78 -31.31
CA LYS P 47 -0.36 -23.55 -31.08
C LYS P 47 -0.12 -24.66 -30.07
N MET P 48 1.11 -25.18 -30.03
CA MET P 48 1.45 -26.14 -29.00
C MET P 48 1.68 -25.45 -27.67
N ARG P 49 2.21 -24.22 -27.69
CA ARG P 49 2.42 -23.47 -26.44
C ARG P 49 1.08 -23.10 -25.81
N LYS P 50 0.06 -22.89 -26.63
CA LYS P 50 -1.28 -22.69 -26.08
C LYS P 50 -1.89 -24.02 -25.65
N LEU P 51 -1.48 -25.12 -26.28
CA LEU P 51 -2.00 -26.42 -25.90
C LEU P 51 -1.38 -26.90 -24.59
N PHE P 52 -0.08 -26.63 -24.38
CA PHE P 52 0.53 -26.97 -23.09
C PHE P 52 0.11 -25.99 -22.00
N SER P 53 -0.49 -24.85 -22.37
CA SER P 53 -1.00 -23.91 -21.39
C SER P 53 -2.18 -24.46 -20.62
N PHE P 54 -2.91 -25.43 -21.18
CA PHE P 54 -4.00 -26.10 -20.48
C PHE P 54 -3.58 -27.42 -19.89
N THR P 55 -2.34 -27.85 -20.12
CA THR P 55 -1.86 -29.13 -19.61
C THR P 55 -1.64 -29.23 -18.09
N PRO P 56 -1.30 -28.18 -17.32
CA PRO P 56 -1.27 -28.38 -15.85
C PRO P 56 -2.59 -28.73 -15.19
N ALA P 57 -3.73 -28.51 -15.87
CA ALA P 57 -5.00 -28.91 -15.29
C ALA P 57 -5.33 -30.36 -15.62
N TRP P 58 -4.42 -31.08 -16.28
CA TRP P 58 -4.70 -32.44 -16.72
C TRP P 58 -4.14 -33.45 -15.72
N ASN P 59 -4.78 -34.61 -15.66
CA ASN P 59 -4.25 -35.72 -14.89
C ASN P 59 -3.62 -36.76 -15.81
N TRP P 60 -3.24 -37.90 -15.22
CA TRP P 60 -2.47 -38.90 -15.94
C TRP P 60 -3.31 -39.65 -16.96
N THR P 61 -4.62 -39.77 -16.72
CA THR P 61 -5.45 -40.60 -17.59
C THR P 61 -5.86 -39.88 -18.87
N CYS P 62 -5.36 -38.67 -19.08
CA CYS P 62 -5.77 -37.91 -20.27
C CYS P 62 -4.56 -37.26 -20.94
N LYS P 63 -3.44 -37.12 -20.23
CA LYS P 63 -2.21 -36.73 -20.89
C LYS P 63 -1.69 -37.85 -21.78
N ASP P 64 -1.93 -39.10 -21.39
CA ASP P 64 -1.59 -40.22 -22.25
C ASP P 64 -2.62 -40.46 -23.34
N LEU P 65 -3.78 -39.81 -23.24
CA LEU P 65 -4.73 -39.80 -24.35
C LEU P 65 -4.22 -38.90 -25.47
N LEU P 66 -3.43 -37.88 -25.13
CA LEU P 66 -2.77 -37.08 -26.15
C LEU P 66 -1.54 -37.80 -26.68
N LEU P 67 -0.98 -38.72 -25.89
CA LEU P 67 0.07 -39.60 -26.39
C LEU P 67 -0.48 -40.54 -27.45
N GLN P 68 -1.71 -41.02 -27.26
CA GLN P 68 -2.35 -41.85 -28.27
C GLN P 68 -2.65 -41.07 -29.53
N ALA P 69 -2.95 -39.77 -29.39
CA ALA P 69 -3.26 -38.95 -30.54
C ALA P 69 -1.99 -38.58 -31.30
N LEU P 70 -0.86 -38.49 -30.60
CA LEU P 70 0.41 -38.28 -31.31
C LEU P 70 0.87 -39.54 -32.00
N ARG P 71 0.53 -40.71 -31.45
CA ARG P 71 0.94 -41.96 -32.08
C ARG P 71 0.07 -42.29 -33.29
N GLU P 72 -1.19 -41.85 -33.27
CA GLU P 72 -2.02 -42.03 -34.45
C GLU P 72 -1.66 -41.02 -35.53
N SER P 73 -1.31 -39.80 -35.14
CA SER P 73 -0.95 -38.76 -36.10
C SER P 73 0.45 -38.94 -36.65
N GLN P 74 1.45 -38.92 -35.79
CA GLN P 74 2.82 -38.91 -36.27
C GLN P 74 3.38 -40.31 -36.46
N SER P 75 3.55 -41.06 -35.35
CA SER P 75 4.17 -42.39 -35.23
C SER P 75 5.66 -42.42 -35.53
N TYR P 76 6.23 -41.29 -35.96
CA TYR P 76 7.69 -41.21 -36.11
C TYR P 76 8.27 -40.17 -35.16
N LEU P 77 7.47 -39.18 -34.79
CA LEU P 77 7.93 -38.16 -33.85
C LEU P 77 8.01 -38.72 -32.44
N VAL P 78 7.05 -39.55 -32.06
CA VAL P 78 7.08 -40.19 -30.75
C VAL P 78 8.24 -41.19 -30.68
N GLU P 79 8.49 -41.89 -31.78
CA GLU P 79 9.55 -42.89 -31.79
C GLU P 79 10.92 -42.25 -31.85
N ASP P 80 11.03 -41.08 -32.48
CA ASP P 80 12.33 -40.40 -32.52
C ASP P 80 12.65 -39.76 -31.18
N LEU P 81 11.62 -39.40 -30.42
CA LEU P 81 11.84 -38.84 -29.08
C LEU P 81 12.15 -39.93 -28.07
N GLU P 82 11.57 -41.12 -28.23
CA GLU P 82 11.89 -42.22 -27.33
C GLU P 82 13.28 -42.79 -27.63
N ARG P 83 13.65 -42.87 -28.90
CA ARG P 83 14.95 -43.40 -29.28
C ARG P 83 16.03 -42.34 -29.17
#